data_1AMX
# 
_entry.id   1AMX 
# 
_audit_conform.dict_name       mmcif_pdbx.dic 
_audit_conform.dict_version    5.385 
_audit_conform.dict_location   http://mmcif.pdb.org/dictionaries/ascii/mmcif_pdbx.dic 
# 
loop_
_database_2.database_id 
_database_2.database_code 
_database_2.pdbx_database_accession 
_database_2.pdbx_DOI 
PDB   1AMX         pdb_00001amx 10.2210/pdb1amx/pdb 
WWPDB D_1000171015 ?            ?                   
# 
loop_
_pdbx_audit_revision_history.ordinal 
_pdbx_audit_revision_history.data_content_type 
_pdbx_audit_revision_history.major_revision 
_pdbx_audit_revision_history.minor_revision 
_pdbx_audit_revision_history.revision_date 
1 'Structure model' 1 0 1998-06-24 
2 'Structure model' 1 1 2008-03-24 
3 'Structure model' 1 2 2011-07-13 
4 'Structure model' 1 3 2024-02-07 
# 
_pdbx_audit_revision_details.ordinal             1 
_pdbx_audit_revision_details.revision_ordinal    1 
_pdbx_audit_revision_details.data_content_type   'Structure model' 
_pdbx_audit_revision_details.provider            repository 
_pdbx_audit_revision_details.type                'Initial release' 
_pdbx_audit_revision_details.description         ? 
_pdbx_audit_revision_details.details             ? 
# 
loop_
_pdbx_audit_revision_group.ordinal 
_pdbx_audit_revision_group.revision_ordinal 
_pdbx_audit_revision_group.data_content_type 
_pdbx_audit_revision_group.group 
1 2 'Structure model' 'Version format compliance' 
2 3 'Structure model' 'Version format compliance' 
3 4 'Structure model' 'Data collection'           
4 4 'Structure model' 'Database references'       
# 
loop_
_pdbx_audit_revision_category.ordinal 
_pdbx_audit_revision_category.revision_ordinal 
_pdbx_audit_revision_category.data_content_type 
_pdbx_audit_revision_category.category 
1 4 'Structure model' chem_comp_atom 
2 4 'Structure model' chem_comp_bond 
3 4 'Structure model' database_2     
# 
loop_
_pdbx_audit_revision_item.ordinal 
_pdbx_audit_revision_item.revision_ordinal 
_pdbx_audit_revision_item.data_content_type 
_pdbx_audit_revision_item.item 
1 4 'Structure model' '_database_2.pdbx_DOI'                
2 4 'Structure model' '_database_2.pdbx_database_accession' 
# 
_pdbx_database_status.status_code                     REL 
_pdbx_database_status.entry_id                        1AMX 
_pdbx_database_status.recvd_initial_deposition_date   1997-06-19 
_pdbx_database_status.deposit_site                    ? 
_pdbx_database_status.process_site                    BNL 
_pdbx_database_status.status_code_sf                  REL 
_pdbx_database_status.status_code_mr                  ? 
_pdbx_database_status.SG_entry                        ? 
_pdbx_database_status.pdb_format_compatible           Y 
_pdbx_database_status.status_code_cs                  ? 
_pdbx_database_status.status_code_nmr_data            ? 
_pdbx_database_status.methods_development_category    ? 
# 
loop_
_audit_author.name 
_audit_author.pdbx_ordinal 
'Symersky, J.' 1 
'Narayana, S.' 2 
# 
_citation.id                        primary 
_citation.title                     'Structure of the collagen-binding domain from a Staphylococcus aureus adhesin.' 
_citation.journal_abbrev            Nat.Struct.Biol. 
_citation.journal_volume            4 
_citation.page_first                833 
_citation.page_last                 838 
_citation.year                      1997 
_citation.journal_id_ASTM           NSBIEW 
_citation.country                   US 
_citation.journal_id_ISSN           1072-8368 
_citation.journal_id_CSD            2024 
_citation.book_publisher            ? 
_citation.pdbx_database_id_PubMed   9334749 
_citation.pdbx_database_id_DOI      10.1038/nsb1097-833 
# 
loop_
_citation_author.citation_id 
_citation_author.name 
_citation_author.ordinal 
_citation_author.identifier_ORCID 
primary 'Symersky, J.'     1  ? 
primary 'Patti, J.M.'      2  ? 
primary 'Carson, M.'       3  ? 
primary 'House-Pompeo, K.' 4  ? 
primary 'Teale, M.'        5  ? 
primary 'Moore, D.'        6  ? 
primary 'Jin, L.'          7  ? 
primary 'Schneider, A.'    8  ? 
primary 'DeLucas, L.J.'    9  ? 
primary 'Hook, M.'         10 ? 
primary 'Narayana, S.V.'   11 ? 
# 
loop_
_entity.id 
_entity.type 
_entity.src_method 
_entity.pdbx_description 
_entity.formula_weight 
_entity.pdbx_number_of_molecules 
_entity.pdbx_ec 
_entity.pdbx_mutation 
_entity.pdbx_fragment 
_entity.details 
1 polymer man 'COLLAGEN ADHESIN' 20314.098 1   ? ? 'CBD (151 - 318)' 
'A 19-KDA FRAGMENT OF THE COLLAGEN-BINDING ADHESIN FROM A STAPHYLOCOCCUS AUREUS (HIS-TAG + RESIDUES 151-318)' 
2 water   nat water              18.015    124 ? ? ?                 ? 
# 
_entity_name_com.entity_id   1 
_entity_name_com.name        CBD19 
# 
_entity_poly.entity_id                      1 
_entity_poly.type                           'polypeptide(L)' 
_entity_poly.nstd_linkage                   no 
_entity_poly.nstd_monomer                   no 
_entity_poly.pdbx_seq_one_letter_code       
;MRGSHHHHHHGSITSGNKSTNVTVHKSEAGTSSVFYYKTGDMLPEDTTHVRWFLNINNEKSYVSKDITIKDQIQGGQQLD
LSTLNINVTGTHSNYYSGQSAITDFEKAFPGSKITVDNTKNTIDVTIPQGYGSYNSFSINYKTKITNEQQKEFVNNSQAW
YQEHGKEEVNGKSFNHTVHN
;
_entity_poly.pdbx_seq_one_letter_code_can   
;MRGSHHHHHHGSITSGNKSTNVTVHKSEAGTSSVFYYKTGDMLPEDTTHVRWFLNINNEKSYVSKDITIKDQIQGGQQLD
LSTLNINVTGTHSNYYSGQSAITDFEKAFPGSKITVDNTKNTIDVTIPQGYGSYNSFSINYKTKITNEQQKEFVNNSQAW
YQEHGKEEVNGKSFNHTVHN
;
_entity_poly.pdbx_strand_id                 A 
_entity_poly.pdbx_target_identifier         ? 
# 
_pdbx_entity_nonpoly.entity_id   2 
_pdbx_entity_nonpoly.name        water 
_pdbx_entity_nonpoly.comp_id     HOH 
# 
loop_
_entity_poly_seq.entity_id 
_entity_poly_seq.num 
_entity_poly_seq.mon_id 
_entity_poly_seq.hetero 
1 1   MET n 
1 2   ARG n 
1 3   GLY n 
1 4   SER n 
1 5   HIS n 
1 6   HIS n 
1 7   HIS n 
1 8   HIS n 
1 9   HIS n 
1 10  HIS n 
1 11  GLY n 
1 12  SER n 
1 13  ILE n 
1 14  THR n 
1 15  SER n 
1 16  GLY n 
1 17  ASN n 
1 18  LYS n 
1 19  SER n 
1 20  THR n 
1 21  ASN n 
1 22  VAL n 
1 23  THR n 
1 24  VAL n 
1 25  HIS n 
1 26  LYS n 
1 27  SER n 
1 28  GLU n 
1 29  ALA n 
1 30  GLY n 
1 31  THR n 
1 32  SER n 
1 33  SER n 
1 34  VAL n 
1 35  PHE n 
1 36  TYR n 
1 37  TYR n 
1 38  LYS n 
1 39  THR n 
1 40  GLY n 
1 41  ASP n 
1 42  MET n 
1 43  LEU n 
1 44  PRO n 
1 45  GLU n 
1 46  ASP n 
1 47  THR n 
1 48  THR n 
1 49  HIS n 
1 50  VAL n 
1 51  ARG n 
1 52  TRP n 
1 53  PHE n 
1 54  LEU n 
1 55  ASN n 
1 56  ILE n 
1 57  ASN n 
1 58  ASN n 
1 59  GLU n 
1 60  LYS n 
1 61  SER n 
1 62  TYR n 
1 63  VAL n 
1 64  SER n 
1 65  LYS n 
1 66  ASP n 
1 67  ILE n 
1 68  THR n 
1 69  ILE n 
1 70  LYS n 
1 71  ASP n 
1 72  GLN n 
1 73  ILE n 
1 74  GLN n 
1 75  GLY n 
1 76  GLY n 
1 77  GLN n 
1 78  GLN n 
1 79  LEU n 
1 80  ASP n 
1 81  LEU n 
1 82  SER n 
1 83  THR n 
1 84  LEU n 
1 85  ASN n 
1 86  ILE n 
1 87  ASN n 
1 88  VAL n 
1 89  THR n 
1 90  GLY n 
1 91  THR n 
1 92  HIS n 
1 93  SER n 
1 94  ASN n 
1 95  TYR n 
1 96  TYR n 
1 97  SER n 
1 98  GLY n 
1 99  GLN n 
1 100 SER n 
1 101 ALA n 
1 102 ILE n 
1 103 THR n 
1 104 ASP n 
1 105 PHE n 
1 106 GLU n 
1 107 LYS n 
1 108 ALA n 
1 109 PHE n 
1 110 PRO n 
1 111 GLY n 
1 112 SER n 
1 113 LYS n 
1 114 ILE n 
1 115 THR n 
1 116 VAL n 
1 117 ASP n 
1 118 ASN n 
1 119 THR n 
1 120 LYS n 
1 121 ASN n 
1 122 THR n 
1 123 ILE n 
1 124 ASP n 
1 125 VAL n 
1 126 THR n 
1 127 ILE n 
1 128 PRO n 
1 129 GLN n 
1 130 GLY n 
1 131 TYR n 
1 132 GLY n 
1 133 SER n 
1 134 TYR n 
1 135 ASN n 
1 136 SER n 
1 137 PHE n 
1 138 SER n 
1 139 ILE n 
1 140 ASN n 
1 141 TYR n 
1 142 LYS n 
1 143 THR n 
1 144 LYS n 
1 145 ILE n 
1 146 THR n 
1 147 ASN n 
1 148 GLU n 
1 149 GLN n 
1 150 GLN n 
1 151 LYS n 
1 152 GLU n 
1 153 PHE n 
1 154 VAL n 
1 155 ASN n 
1 156 ASN n 
1 157 SER n 
1 158 GLN n 
1 159 ALA n 
1 160 TRP n 
1 161 TYR n 
1 162 GLN n 
1 163 GLU n 
1 164 HIS n 
1 165 GLY n 
1 166 LYS n 
1 167 GLU n 
1 168 GLU n 
1 169 VAL n 
1 170 ASN n 
1 171 GLY n 
1 172 LYS n 
1 173 SER n 
1 174 PHE n 
1 175 ASN n 
1 176 HIS n 
1 177 THR n 
1 178 VAL n 
1 179 HIS n 
1 180 ASN n 
# 
_entity_src_gen.entity_id                          1 
_entity_src_gen.pdbx_src_id                        1 
_entity_src_gen.pdbx_alt_source_flag               sample 
_entity_src_gen.pdbx_seq_type                      ? 
_entity_src_gen.pdbx_beg_seq_num                   ? 
_entity_src_gen.pdbx_end_seq_num                   ? 
_entity_src_gen.gene_src_common_name               ? 
_entity_src_gen.gene_src_genus                     Staphylococcus 
_entity_src_gen.pdbx_gene_src_gene                 CNA 
_entity_src_gen.gene_src_species                   ? 
_entity_src_gen.gene_src_strain                    ? 
_entity_src_gen.gene_src_tissue                    ? 
_entity_src_gen.gene_src_tissue_fraction           ? 
_entity_src_gen.gene_src_details                   ? 
_entity_src_gen.pdbx_gene_src_fragment             ? 
_entity_src_gen.pdbx_gene_src_scientific_name      'Staphylococcus aureus' 
_entity_src_gen.pdbx_gene_src_ncbi_taxonomy_id     1280 
_entity_src_gen.pdbx_gene_src_variant              ? 
_entity_src_gen.pdbx_gene_src_cell_line            ? 
_entity_src_gen.pdbx_gene_src_atcc                 ? 
_entity_src_gen.pdbx_gene_src_organ                ? 
_entity_src_gen.pdbx_gene_src_organelle            ? 
_entity_src_gen.pdbx_gene_src_cell                 ? 
_entity_src_gen.pdbx_gene_src_cellular_location    ? 
_entity_src_gen.host_org_common_name               ? 
_entity_src_gen.pdbx_host_org_scientific_name      'Escherichia coli' 
_entity_src_gen.pdbx_host_org_ncbi_taxonomy_id     562 
_entity_src_gen.host_org_genus                     Escherichia 
_entity_src_gen.pdbx_host_org_gene                 CNA 
_entity_src_gen.pdbx_host_org_organ                ? 
_entity_src_gen.host_org_species                   ? 
_entity_src_gen.pdbx_host_org_tissue               ? 
_entity_src_gen.pdbx_host_org_tissue_fraction      ? 
_entity_src_gen.pdbx_host_org_strain               JM101 
_entity_src_gen.pdbx_host_org_variant              ? 
_entity_src_gen.pdbx_host_org_cell_line            ? 
_entity_src_gen.pdbx_host_org_atcc                 ? 
_entity_src_gen.pdbx_host_org_culture_collection   ? 
_entity_src_gen.pdbx_host_org_cell                 ? 
_entity_src_gen.pdbx_host_org_organelle            ? 
_entity_src_gen.pdbx_host_org_cellular_location    CYTOPLASM 
_entity_src_gen.pdbx_host_org_vector_type          PLASMID 
_entity_src_gen.pdbx_host_org_vector               PQE-30 
_entity_src_gen.host_org_details                   ? 
_entity_src_gen.expression_system_id               ? 
_entity_src_gen.plasmid_name                       PQE504 
_entity_src_gen.plasmid_details                    ? 
_entity_src_gen.pdbx_description                   ? 
# 
loop_
_chem_comp.id 
_chem_comp.type 
_chem_comp.mon_nstd_flag 
_chem_comp.name 
_chem_comp.pdbx_synonyms 
_chem_comp.formula 
_chem_comp.formula_weight 
ALA 'L-peptide linking' y ALANINE         ? 'C3 H7 N O2'     89.093  
ARG 'L-peptide linking' y ARGININE        ? 'C6 H15 N4 O2 1' 175.209 
ASN 'L-peptide linking' y ASPARAGINE      ? 'C4 H8 N2 O3'    132.118 
ASP 'L-peptide linking' y 'ASPARTIC ACID' ? 'C4 H7 N O4'     133.103 
GLN 'L-peptide linking' y GLUTAMINE       ? 'C5 H10 N2 O3'   146.144 
GLU 'L-peptide linking' y 'GLUTAMIC ACID' ? 'C5 H9 N O4'     147.129 
GLY 'peptide linking'   y GLYCINE         ? 'C2 H5 N O2'     75.067  
HIS 'L-peptide linking' y HISTIDINE       ? 'C6 H10 N3 O2 1' 156.162 
HOH non-polymer         . WATER           ? 'H2 O'           18.015  
ILE 'L-peptide linking' y ISOLEUCINE      ? 'C6 H13 N O2'    131.173 
LEU 'L-peptide linking' y LEUCINE         ? 'C6 H13 N O2'    131.173 
LYS 'L-peptide linking' y LYSINE          ? 'C6 H15 N2 O2 1' 147.195 
MET 'L-peptide linking' y METHIONINE      ? 'C5 H11 N O2 S'  149.211 
PHE 'L-peptide linking' y PHENYLALANINE   ? 'C9 H11 N O2'    165.189 
PRO 'L-peptide linking' y PROLINE         ? 'C5 H9 N O2'     115.130 
SER 'L-peptide linking' y SERINE          ? 'C3 H7 N O3'     105.093 
THR 'L-peptide linking' y THREONINE       ? 'C4 H9 N O3'     119.119 
TRP 'L-peptide linking' y TRYPTOPHAN      ? 'C11 H12 N2 O2'  204.225 
TYR 'L-peptide linking' y TYROSINE        ? 'C9 H11 N O3'    181.189 
VAL 'L-peptide linking' y VALINE          ? 'C5 H11 N O2'    117.146 
# 
loop_
_pdbx_poly_seq_scheme.asym_id 
_pdbx_poly_seq_scheme.entity_id 
_pdbx_poly_seq_scheme.seq_id 
_pdbx_poly_seq_scheme.mon_id 
_pdbx_poly_seq_scheme.ndb_seq_num 
_pdbx_poly_seq_scheme.pdb_seq_num 
_pdbx_poly_seq_scheme.auth_seq_num 
_pdbx_poly_seq_scheme.pdb_mon_id 
_pdbx_poly_seq_scheme.auth_mon_id 
_pdbx_poly_seq_scheme.pdb_strand_id 
_pdbx_poly_seq_scheme.pdb_ins_code 
_pdbx_poly_seq_scheme.hetero 
A 1 1   MET 1   139 ?   ?   ?   A . n 
A 1 2   ARG 2   140 ?   ?   ?   A . n 
A 1 3   GLY 3   141 ?   ?   ?   A . n 
A 1 4   SER 4   142 ?   ?   ?   A . n 
A 1 5   HIS 5   143 ?   ?   ?   A . n 
A 1 6   HIS 6   144 ?   ?   ?   A . n 
A 1 7   HIS 7   145 ?   ?   ?   A . n 
A 1 8   HIS 8   146 ?   ?   ?   A . n 
A 1 9   HIS 9   147 ?   ?   ?   A . n 
A 1 10  HIS 10  148 ?   ?   ?   A . n 
A 1 11  GLY 11  149 ?   ?   ?   A . n 
A 1 12  SER 12  150 ?   ?   ?   A . n 
A 1 13  ILE 13  151 ?   ?   ?   A . n 
A 1 14  THR 14  152 ?   ?   ?   A . n 
A 1 15  SER 15  153 ?   ?   ?   A . n 
A 1 16  GLY 16  154 ?   ?   ?   A . n 
A 1 17  ASN 17  155 ?   ?   ?   A . n 
A 1 18  LYS 18  156 ?   ?   ?   A . n 
A 1 19  SER 19  157 ?   ?   ?   A . n 
A 1 20  THR 20  158 ?   ?   ?   A . n 
A 1 21  ASN 21  159 ?   ?   ?   A . n 
A 1 22  VAL 22  160 ?   ?   ?   A . n 
A 1 23  THR 23  161 ?   ?   ?   A . n 
A 1 24  VAL 24  162 ?   ?   ?   A . n 
A 1 25  HIS 25  163 ?   ?   ?   A . n 
A 1 26  LYS 26  164 ?   ?   ?   A . n 
A 1 27  SER 27  165 ?   ?   ?   A . n 
A 1 28  GLU 28  166 ?   ?   ?   A . n 
A 1 29  ALA 29  167 ?   ?   ?   A . n 
A 1 30  GLY 30  168 ?   ?   ?   A . n 
A 1 31  THR 31  169 169 THR THR A . n 
A 1 32  SER 32  170 170 SER SER A . n 
A 1 33  SER 33  171 171 SER SER A . n 
A 1 34  VAL 34  172 172 VAL VAL A . n 
A 1 35  PHE 35  173 173 PHE PHE A . n 
A 1 36  TYR 36  174 174 TYR TYR A . n 
A 1 37  TYR 37  175 175 TYR TYR A . n 
A 1 38  LYS 38  176 176 LYS LYS A . n 
A 1 39  THR 39  177 177 THR THR A . n 
A 1 40  GLY 40  178 178 GLY GLY A . n 
A 1 41  ASP 41  179 179 ASP ASP A . n 
A 1 42  MET 42  180 180 MET MET A . n 
A 1 43  LEU 43  181 181 LEU LEU A . n 
A 1 44  PRO 44  182 182 PRO PRO A . n 
A 1 45  GLU 45  183 183 GLU GLU A . n 
A 1 46  ASP 46  184 184 ASP ASP A . n 
A 1 47  THR 47  185 185 THR THR A . n 
A 1 48  THR 48  186 186 THR THR A . n 
A 1 49  HIS 49  187 187 HIS HIS A . n 
A 1 50  VAL 50  188 188 VAL VAL A . n 
A 1 51  ARG 51  189 189 ARG ARG A . n 
A 1 52  TRP 52  190 190 TRP TRP A . n 
A 1 53  PHE 53  191 191 PHE PHE A . n 
A 1 54  LEU 54  192 192 LEU LEU A . n 
A 1 55  ASN 55  193 193 ASN ASN A . n 
A 1 56  ILE 56  194 194 ILE ILE A . n 
A 1 57  ASN 57  195 195 ASN ASN A . n 
A 1 58  ASN 58  196 196 ASN ASN A . n 
A 1 59  GLU 59  197 197 GLU GLU A . n 
A 1 60  LYS 60  198 198 LYS LYS A . n 
A 1 61  SER 61  199 199 SER SER A . n 
A 1 62  TYR 62  200 200 TYR TYR A . n 
A 1 63  VAL 63  201 201 VAL VAL A . n 
A 1 64  SER 64  202 202 SER SER A . n 
A 1 65  LYS 65  203 203 LYS LYS A . n 
A 1 66  ASP 66  204 204 ASP ASP A . n 
A 1 67  ILE 67  205 205 ILE ILE A . n 
A 1 68  THR 68  206 206 THR THR A . n 
A 1 69  ILE 69  207 207 ILE ILE A . n 
A 1 70  LYS 70  208 208 LYS LYS A . n 
A 1 71  ASP 71  209 209 ASP ASP A . n 
A 1 72  GLN 72  210 210 GLN GLN A . n 
A 1 73  ILE 73  211 211 ILE ILE A . n 
A 1 74  GLN 74  212 212 GLN GLN A . n 
A 1 75  GLY 75  213 213 GLY GLY A . n 
A 1 76  GLY 76  214 214 GLY GLY A . n 
A 1 77  GLN 77  215 215 GLN GLN A . n 
A 1 78  GLN 78  216 216 GLN GLN A . n 
A 1 79  LEU 79  217 217 LEU LEU A . n 
A 1 80  ASP 80  218 218 ASP ASP A . n 
A 1 81  LEU 81  219 219 LEU LEU A . n 
A 1 82  SER 82  220 220 SER SER A . n 
A 1 83  THR 83  221 221 THR THR A . n 
A 1 84  LEU 84  222 222 LEU LEU A . n 
A 1 85  ASN 85  223 223 ASN ASN A . n 
A 1 86  ILE 86  224 224 ILE ILE A . n 
A 1 87  ASN 87  225 225 ASN ASN A . n 
A 1 88  VAL 88  226 226 VAL VAL A . n 
A 1 89  THR 89  227 227 THR THR A . n 
A 1 90  GLY 90  228 228 GLY GLY A . n 
A 1 91  THR 91  229 229 THR THR A . n 
A 1 92  HIS 92  230 230 HIS HIS A . n 
A 1 93  SER 93  231 231 SER SER A . n 
A 1 94  ASN 94  232 232 ASN ASN A . n 
A 1 95  TYR 95  233 233 TYR TYR A . n 
A 1 96  TYR 96  234 234 TYR TYR A . n 
A 1 97  SER 97  235 235 SER SER A . n 
A 1 98  GLY 98  236 236 GLY GLY A . n 
A 1 99  GLN 99  237 237 GLN GLN A . n 
A 1 100 SER 100 238 238 SER SER A . n 
A 1 101 ALA 101 239 239 ALA ALA A . n 
A 1 102 ILE 102 240 240 ILE ILE A . n 
A 1 103 THR 103 241 241 THR THR A . n 
A 1 104 ASP 104 242 242 ASP ASP A . n 
A 1 105 PHE 105 243 243 PHE PHE A . n 
A 1 106 GLU 106 244 244 GLU GLU A . n 
A 1 107 LYS 107 245 245 LYS LYS A . n 
A 1 108 ALA 108 246 246 ALA ALA A . n 
A 1 109 PHE 109 247 247 PHE PHE A . n 
A 1 110 PRO 110 248 248 PRO PRO A . n 
A 1 111 GLY 111 249 249 GLY GLY A . n 
A 1 112 SER 112 250 250 SER SER A . n 
A 1 113 LYS 113 251 251 LYS LYS A . n 
A 1 114 ILE 114 252 252 ILE ILE A . n 
A 1 115 THR 115 253 253 THR THR A . n 
A 1 116 VAL 116 254 254 VAL VAL A . n 
A 1 117 ASP 117 255 255 ASP ASP A . n 
A 1 118 ASN 118 256 256 ASN ASN A . n 
A 1 119 THR 119 257 257 THR THR A . n 
A 1 120 LYS 120 258 258 LYS LYS A . n 
A 1 121 ASN 121 259 259 ASN ASN A . n 
A 1 122 THR 122 260 260 THR THR A . n 
A 1 123 ILE 123 261 261 ILE ILE A . n 
A 1 124 ASP 124 262 262 ASP ASP A . n 
A 1 125 VAL 125 263 263 VAL VAL A . n 
A 1 126 THR 126 264 264 THR THR A . n 
A 1 127 ILE 127 265 265 ILE ILE A . n 
A 1 128 PRO 128 266 266 PRO PRO A . n 
A 1 129 GLN 129 267 267 GLN GLN A . n 
A 1 130 GLY 130 268 268 GLY GLY A . n 
A 1 131 TYR 131 269 269 TYR TYR A . n 
A 1 132 GLY 132 270 270 GLY GLY A . n 
A 1 133 SER 133 271 271 SER SER A . n 
A 1 134 TYR 134 272 272 TYR TYR A . n 
A 1 135 ASN 135 273 273 ASN ASN A . n 
A 1 136 SER 136 274 274 SER SER A . n 
A 1 137 PHE 137 275 275 PHE PHE A . n 
A 1 138 SER 138 276 276 SER SER A . n 
A 1 139 ILE 139 277 277 ILE ILE A . n 
A 1 140 ASN 140 278 278 ASN ASN A . n 
A 1 141 TYR 141 279 279 TYR TYR A . n 
A 1 142 LYS 142 280 280 LYS LYS A . n 
A 1 143 THR 143 281 281 THR THR A . n 
A 1 144 LYS 144 282 282 LYS LYS A . n 
A 1 145 ILE 145 283 283 ILE ILE A . n 
A 1 146 THR 146 284 284 THR THR A . n 
A 1 147 ASN 147 285 285 ASN ASN A . n 
A 1 148 GLU 148 286 286 GLU GLU A . n 
A 1 149 GLN 149 287 287 GLN GLN A . n 
A 1 150 GLN 150 288 288 GLN GLN A . n 
A 1 151 LYS 151 289 289 LYS LYS A . n 
A 1 152 GLU 152 290 290 GLU GLU A . n 
A 1 153 PHE 153 291 291 PHE PHE A . n 
A 1 154 VAL 154 292 292 VAL VAL A . n 
A 1 155 ASN 155 293 293 ASN ASN A . n 
A 1 156 ASN 156 294 294 ASN ASN A . n 
A 1 157 SER 157 295 295 SER SER A . n 
A 1 158 GLN 158 296 296 GLN GLN A . n 
A 1 159 ALA 159 297 297 ALA ALA A . n 
A 1 160 TRP 160 298 298 TRP TRP A . n 
A 1 161 TYR 161 299 299 TYR TYR A . n 
A 1 162 GLN 162 300 300 GLN GLN A . n 
A 1 163 GLU 163 301 301 GLU GLU A . n 
A 1 164 HIS 164 302 302 HIS HIS A . n 
A 1 165 GLY 165 303 303 GLY GLY A . n 
A 1 166 LYS 166 304 304 LYS LYS A . n 
A 1 167 GLU 167 305 305 GLU GLU A . n 
A 1 168 GLU 168 306 306 GLU GLU A . n 
A 1 169 VAL 169 307 307 VAL VAL A . n 
A 1 170 ASN 170 308 308 ASN ASN A . n 
A 1 171 GLY 171 309 309 GLY GLY A . n 
A 1 172 LYS 172 310 310 LYS LYS A . n 
A 1 173 SER 173 311 311 SER SER A . n 
A 1 174 PHE 174 312 312 PHE PHE A . n 
A 1 175 ASN 175 313 313 ASN ASN A . n 
A 1 176 HIS 176 314 314 HIS HIS A . n 
A 1 177 THR 177 315 315 THR THR A . n 
A 1 178 VAL 178 316 316 VAL VAL A . n 
A 1 179 HIS 179 317 317 HIS HIS A . n 
A 1 180 ASN 180 318 318 ASN ASN A . n 
# 
loop_
_pdbx_nonpoly_scheme.asym_id 
_pdbx_nonpoly_scheme.entity_id 
_pdbx_nonpoly_scheme.mon_id 
_pdbx_nonpoly_scheme.ndb_seq_num 
_pdbx_nonpoly_scheme.pdb_seq_num 
_pdbx_nonpoly_scheme.auth_seq_num 
_pdbx_nonpoly_scheme.pdb_mon_id 
_pdbx_nonpoly_scheme.auth_mon_id 
_pdbx_nonpoly_scheme.pdb_strand_id 
_pdbx_nonpoly_scheme.pdb_ins_code 
B 2 HOH 1   319 319 HOH HOH A . 
B 2 HOH 2   320 320 HOH HOH A . 
B 2 HOH 3   321 321 HOH HOH A . 
B 2 HOH 4   322 322 HOH HOH A . 
B 2 HOH 5   323 323 HOH HOH A . 
B 2 HOH 6   324 324 HOH HOH A . 
B 2 HOH 7   325 325 HOH HOH A . 
B 2 HOH 8   326 326 HOH HOH A . 
B 2 HOH 9   327 327 HOH HOH A . 
B 2 HOH 10  328 328 HOH HOH A . 
B 2 HOH 11  329 329 HOH HOH A . 
B 2 HOH 12  330 330 HOH HOH A . 
B 2 HOH 13  331 331 HOH HOH A . 
B 2 HOH 14  332 332 HOH HOH A . 
B 2 HOH 15  333 333 HOH HOH A . 
B 2 HOH 16  334 334 HOH HOH A . 
B 2 HOH 17  335 335 HOH HOH A . 
B 2 HOH 18  336 336 HOH HOH A . 
B 2 HOH 19  337 337 HOH HOH A . 
B 2 HOH 20  338 338 HOH HOH A . 
B 2 HOH 21  339 339 HOH HOH A . 
B 2 HOH 22  340 340 HOH HOH A . 
B 2 HOH 23  341 341 HOH HOH A . 
B 2 HOH 24  342 342 HOH HOH A . 
B 2 HOH 25  343 343 HOH HOH A . 
B 2 HOH 26  344 344 HOH HOH A . 
B 2 HOH 27  345 345 HOH HOH A . 
B 2 HOH 28  346 346 HOH HOH A . 
B 2 HOH 29  347 347 HOH HOH A . 
B 2 HOH 30  348 348 HOH HOH A . 
B 2 HOH 31  349 349 HOH HOH A . 
B 2 HOH 32  350 350 HOH HOH A . 
B 2 HOH 33  351 351 HOH HOH A . 
B 2 HOH 34  352 352 HOH HOH A . 
B 2 HOH 35  353 353 HOH HOH A . 
B 2 HOH 36  354 354 HOH HOH A . 
B 2 HOH 37  355 355 HOH HOH A . 
B 2 HOH 38  356 356 HOH HOH A . 
B 2 HOH 39  357 357 HOH HOH A . 
B 2 HOH 40  358 358 HOH HOH A . 
B 2 HOH 41  359 359 HOH HOH A . 
B 2 HOH 42  360 360 HOH HOH A . 
B 2 HOH 43  361 361 HOH HOH A . 
B 2 HOH 44  362 362 HOH HOH A . 
B 2 HOH 45  363 363 HOH HOH A . 
B 2 HOH 46  364 364 HOH HOH A . 
B 2 HOH 47  365 365 HOH HOH A . 
B 2 HOH 48  366 366 HOH HOH A . 
B 2 HOH 49  367 367 HOH HOH A . 
B 2 HOH 50  368 368 HOH HOH A . 
B 2 HOH 51  369 369 HOH HOH A . 
B 2 HOH 52  370 370 HOH HOH A . 
B 2 HOH 53  371 371 HOH HOH A . 
B 2 HOH 54  372 372 HOH HOH A . 
B 2 HOH 55  373 373 HOH HOH A . 
B 2 HOH 56  374 374 HOH HOH A . 
B 2 HOH 57  375 375 HOH HOH A . 
B 2 HOH 58  376 376 HOH HOH A . 
B 2 HOH 59  377 377 HOH HOH A . 
B 2 HOH 60  378 378 HOH HOH A . 
B 2 HOH 61  379 379 HOH HOH A . 
B 2 HOH 62  380 380 HOH HOH A . 
B 2 HOH 63  381 381 HOH HOH A . 
B 2 HOH 64  382 382 HOH HOH A . 
B 2 HOH 65  383 383 HOH HOH A . 
B 2 HOH 66  384 384 HOH HOH A . 
B 2 HOH 67  385 385 HOH HOH A . 
B 2 HOH 68  386 386 HOH HOH A . 
B 2 HOH 69  387 387 HOH HOH A . 
B 2 HOH 70  388 388 HOH HOH A . 
B 2 HOH 71  389 389 HOH HOH A . 
B 2 HOH 72  390 390 HOH HOH A . 
B 2 HOH 73  391 391 HOH HOH A . 
B 2 HOH 74  392 392 HOH HOH A . 
B 2 HOH 75  393 393 HOH HOH A . 
B 2 HOH 76  394 394 HOH HOH A . 
B 2 HOH 77  395 395 HOH HOH A . 
B 2 HOH 78  396 396 HOH HOH A . 
B 2 HOH 79  397 397 HOH HOH A . 
B 2 HOH 80  398 398 HOH HOH A . 
B 2 HOH 81  399 399 HOH HOH A . 
B 2 HOH 82  400 400 HOH HOH A . 
B 2 HOH 83  401 401 HOH HOH A . 
B 2 HOH 84  402 402 HOH HOH A . 
B 2 HOH 85  403 403 HOH HOH A . 
B 2 HOH 86  404 404 HOH HOH A . 
B 2 HOH 87  405 405 HOH HOH A . 
B 2 HOH 88  406 406 HOH HOH A . 
B 2 HOH 89  407 407 HOH HOH A . 
B 2 HOH 90  408 408 HOH HOH A . 
B 2 HOH 91  409 409 HOH HOH A . 
B 2 HOH 92  410 410 HOH HOH A . 
B 2 HOH 93  411 411 HOH HOH A . 
B 2 HOH 94  412 412 HOH HOH A . 
B 2 HOH 95  413 413 HOH HOH A . 
B 2 HOH 96  414 414 HOH HOH A . 
B 2 HOH 97  415 415 HOH HOH A . 
B 2 HOH 98  416 416 HOH HOH A . 
B 2 HOH 99  417 417 HOH HOH A . 
B 2 HOH 100 418 418 HOH HOH A . 
B 2 HOH 101 419 419 HOH HOH A . 
B 2 HOH 102 420 420 HOH HOH A . 
B 2 HOH 103 421 421 HOH HOH A . 
B 2 HOH 104 422 422 HOH HOH A . 
B 2 HOH 105 423 423 HOH HOH A . 
B 2 HOH 106 424 424 HOH HOH A . 
B 2 HOH 107 425 425 HOH HOH A . 
B 2 HOH 108 426 426 HOH HOH A . 
B 2 HOH 109 427 427 HOH HOH A . 
B 2 HOH 110 428 428 HOH HOH A . 
B 2 HOH 111 429 429 HOH HOH A . 
B 2 HOH 112 430 430 HOH HOH A . 
B 2 HOH 113 431 431 HOH HOH A . 
B 2 HOH 114 432 432 HOH HOH A . 
B 2 HOH 115 433 433 HOH HOH A . 
B 2 HOH 116 434 434 HOH HOH A . 
B 2 HOH 117 435 435 HOH HOH A . 
B 2 HOH 118 436 436 HOH HOH A . 
B 2 HOH 119 437 437 HOH HOH A . 
B 2 HOH 120 438 438 HOH HOH A . 
B 2 HOH 121 439 439 HOH HOH A . 
B 2 HOH 122 440 440 HOH HOH A . 
B 2 HOH 123 441 441 HOH HOH A . 
B 2 HOH 124 442 442 HOH HOH A . 
# 
loop_
_software.name 
_software.classification 
_software.version 
_software.citation_id 
_software.pdbx_ordinal 
PHASES   phasing          .       ? 1 
X-PLOR   'model building' 3.1     ? 2 
XTALVIEW refinement       .       ? 3 
X-PLOR   refinement       3.1     ? 4 
X-GEN    'data reduction' '(MSI)' ? 5 
X-GEN    'data scaling'   '(MSI)' ? 6 
X-PLOR   phasing          3.1     ? 7 
# 
_cell.entry_id           1AMX 
_cell.length_a           74.000 
_cell.length_b           74.000 
_cell.length_c           56.700 
_cell.angle_alpha        90.00 
_cell.angle_beta         90.00 
_cell.angle_gamma        120.00 
_cell.Z_PDB              6 
_cell.pdbx_unique_axis   ? 
# 
_symmetry.entry_id                         1AMX 
_symmetry.space_group_name_H-M             'P 32 2 1' 
_symmetry.pdbx_full_space_group_name_H-M   ? 
_symmetry.cell_setting                     ? 
_symmetry.Int_Tables_number                154 
# 
_exptl.entry_id          1AMX 
_exptl.method            'X-RAY DIFFRACTION' 
_exptl.crystals_number   3 
# 
_exptl_crystal.id                    1 
_exptl_crystal.density_meas          ? 
_exptl_crystal.density_Matthews      2.36 
_exptl_crystal.density_percent_sol   44. 
_exptl_crystal.description           ? 
# 
_exptl_crystal_grow.crystal_id      1 
_exptl_crystal_grow.method          ? 
_exptl_crystal_grow.temp            ? 
_exptl_crystal_grow.temp_details    ? 
_exptl_crystal_grow.pH              6.7 
_exptl_crystal_grow.pdbx_pH_range   ? 
_exptl_crystal_grow.pdbx_details    'pH 6.7' 
# 
_diffrn.id                     1 
_diffrn.ambient_temp           293 
_diffrn.ambient_temp_details   ? 
_diffrn.crystal_id             1 
# 
_diffrn_detector.diffrn_id              1 
_diffrn_detector.detector               'AREA DETECTOR' 
_diffrn_detector.type                   SIEMENS 
_diffrn_detector.pdbx_collection_date   1995-11 
_diffrn_detector.details                COLLIMATOR 
# 
_diffrn_radiation.diffrn_id                        1 
_diffrn_radiation.wavelength_id                    1 
_diffrn_radiation.pdbx_monochromatic_or_laue_m_l   M 
_diffrn_radiation.monochromator                    'GRAPHITE(002)' 
_diffrn_radiation.pdbx_diffrn_protocol             ? 
_diffrn_radiation.pdbx_scattering_type             x-ray 
# 
_diffrn_radiation_wavelength.id           1 
_diffrn_radiation_wavelength.wavelength   1.5418 
_diffrn_radiation_wavelength.wt           1.0 
# 
_diffrn_source.diffrn_id                   1 
_diffrn_source.source                      'ROTATING ANODE' 
_diffrn_source.type                        'RIGAKU RUH3R' 
_diffrn_source.pdbx_synchrotron_site       ? 
_diffrn_source.pdbx_synchrotron_beamline   ? 
_diffrn_source.pdbx_wavelength             1.5418 
_diffrn_source.pdbx_wavelength_list        ? 
# 
_reflns.entry_id                     1AMX 
_reflns.observed_criterion_sigma_I   -2.0 
_reflns.observed_criterion_sigma_F   ? 
_reflns.d_resolution_low             30.0 
_reflns.d_resolution_high            2.0 
_reflns.number_obs                   12250 
_reflns.number_all                   ? 
_reflns.percent_possible_obs         98.3 
_reflns.pdbx_Rmerge_I_obs            ? 
_reflns.pdbx_Rsym_value              0.0780000 
_reflns.pdbx_netI_over_sigmaI        10.6 
_reflns.B_iso_Wilson_estimate        ? 
_reflns.pdbx_redundancy              8.4 
_reflns.pdbx_diffrn_id               1 
_reflns.pdbx_ordinal                 1 
# 
_reflns_shell.d_res_high             2.00 
_reflns_shell.d_res_low              2.125 
_reflns_shell.percent_possible_all   89.7 
_reflns_shell.Rmerge_I_obs           ? 
_reflns_shell.pdbx_Rsym_value        0.3080000 
_reflns_shell.meanI_over_sigI_obs    2.0 
_reflns_shell.pdbx_redundancy        4.0 
_reflns_shell.pdbx_diffrn_id         ? 
_reflns_shell.pdbx_ordinal           1 
# 
_refine.entry_id                                 1AMX 
_refine.ls_number_reflns_obs                     11232 
_refine.ls_number_reflns_all                     ? 
_refine.pdbx_ls_sigma_I                          ? 
_refine.pdbx_ls_sigma_F                          2.0 
_refine.pdbx_data_cutoff_high_absF               10000000.0 
_refine.pdbx_data_cutoff_low_absF                0.001 
_refine.pdbx_data_cutoff_high_rms_absF           ? 
_refine.ls_d_res_low                             10.0 
_refine.ls_d_res_high                            2.0 
_refine.ls_percent_reflns_obs                    91.3 
_refine.ls_R_factor_obs                          0.2000000 
_refine.ls_R_factor_all                          ? 
_refine.ls_R_factor_R_work                       0.2000000 
_refine.ls_R_factor_R_free                       0.2490000 
_refine.ls_R_factor_R_free_error                 ? 
_refine.ls_R_factor_R_free_error_details         ? 
_refine.ls_percent_reflns_R_free                 5.0 
_refine.ls_number_reflns_R_free                  ? 
_refine.ls_number_parameters                     ? 
_refine.ls_number_restraints                     ? 
_refine.occupancy_min                            ? 
_refine.occupancy_max                            ? 
_refine.B_iso_mean                               22.6 
_refine.aniso_B[1][1]                            ? 
_refine.aniso_B[2][2]                            ? 
_refine.aniso_B[3][3]                            ? 
_refine.aniso_B[1][2]                            ? 
_refine.aniso_B[1][3]                            ? 
_refine.aniso_B[2][3]                            ? 
_refine.solvent_model_details                    ? 
_refine.solvent_model_param_ksol                 ? 
_refine.solvent_model_param_bsol                 ? 
_refine.pdbx_ls_cross_valid_method               THROUGHOUT 
_refine.details                                  ? 
_refine.pdbx_starting_model                      ? 
_refine.pdbx_method_to_determine_struct          MIR 
_refine.pdbx_isotropic_thermal_model             'AS IN X-PLOR 3.1' 
_refine.pdbx_stereochemistry_target_values       ? 
_refine.pdbx_stereochem_target_val_spec_case     ? 
_refine.pdbx_R_Free_selection_details            RANDOM 
_refine.pdbx_overall_ESU_R                       ? 
_refine.pdbx_overall_ESU_R_Free                  ? 
_refine.overall_SU_ML                            ? 
_refine.overall_SU_B                             ? 
_refine.pdbx_refine_id                           'X-RAY DIFFRACTION' 
_refine.pdbx_diffrn_id                           1 
_refine.pdbx_TLS_residual_ADP_flag               ? 
_refine.correlation_coeff_Fo_to_Fc               ? 
_refine.correlation_coeff_Fo_to_Fc_free          ? 
_refine.pdbx_solvent_vdw_probe_radii             ? 
_refine.pdbx_solvent_ion_probe_radii             ? 
_refine.pdbx_solvent_shrinkage_radii             ? 
_refine.pdbx_overall_phase_error                 ? 
_refine.overall_SU_R_Cruickshank_DPI             ? 
_refine.pdbx_overall_SU_R_free_Cruickshank_DPI   ? 
_refine.pdbx_overall_SU_R_Blow_DPI               ? 
_refine.pdbx_overall_SU_R_free_Blow_DPI          ? 
# 
_refine_analyze.entry_id                        1AMX 
_refine_analyze.Luzzati_coordinate_error_obs    0.3 
_refine_analyze.Luzzati_sigma_a_obs             ? 
_refine_analyze.Luzzati_d_res_low_obs           10.0 
_refine_analyze.Luzzati_coordinate_error_free   ? 
_refine_analyze.Luzzati_sigma_a_free            ? 
_refine_analyze.Luzzati_d_res_low_free          ? 
_refine_analyze.number_disordered_residues      ? 
_refine_analyze.occupancy_sum_hydrogen          ? 
_refine_analyze.occupancy_sum_non_hydrogen      ? 
_refine_analyze.pdbx_refine_id                  'X-RAY DIFFRACTION' 
# 
_refine_hist.pdbx_refine_id                   'X-RAY DIFFRACTION' 
_refine_hist.cycle_id                         LAST 
_refine_hist.pdbx_number_atoms_protein        1208 
_refine_hist.pdbx_number_atoms_nucleic_acid   0 
_refine_hist.pdbx_number_atoms_ligand         0 
_refine_hist.number_atoms_solvent             124 
_refine_hist.number_atoms_total               1332 
_refine_hist.d_res_high                       2.0 
_refine_hist.d_res_low                        10.0 
# 
loop_
_refine_ls_restr.type 
_refine_ls_restr.dev_ideal 
_refine_ls_restr.dev_ideal_target 
_refine_ls_restr.weight 
_refine_ls_restr.number 
_refine_ls_restr.pdbx_refine_id 
_refine_ls_restr.pdbx_restraint_function 
x_bond_d                0.012 ?   ? ? 'X-RAY DIFFRACTION' ? 
x_bond_d_na             ?     ?   ? ? 'X-RAY DIFFRACTION' ? 
x_bond_d_prot           ?     ?   ? ? 'X-RAY DIFFRACTION' ? 
x_angle_d               ?     ?   ? ? 'X-RAY DIFFRACTION' ? 
x_angle_d_na            ?     ?   ? ? 'X-RAY DIFFRACTION' ? 
x_angle_d_prot          ?     ?   ? ? 'X-RAY DIFFRACTION' ? 
x_angle_deg             1.6   ?   ? ? 'X-RAY DIFFRACTION' ? 
x_angle_deg_na          ?     ?   ? ? 'X-RAY DIFFRACTION' ? 
x_angle_deg_prot        ?     ?   ? ? 'X-RAY DIFFRACTION' ? 
x_dihedral_angle_d      28.6  ?   ? ? 'X-RAY DIFFRACTION' ? 
x_dihedral_angle_d_na   ?     ?   ? ? 'X-RAY DIFFRACTION' ? 
x_dihedral_angle_d_prot ?     ?   ? ? 'X-RAY DIFFRACTION' ? 
x_improper_angle_d      1.3   ?   ? ? 'X-RAY DIFFRACTION' ? 
x_improper_angle_d_na   ?     ?   ? ? 'X-RAY DIFFRACTION' ? 
x_improper_angle_d_prot ?     ?   ? ? 'X-RAY DIFFRACTION' ? 
x_mcbond_it             ?     1.5 ? ? 'X-RAY DIFFRACTION' ? 
x_mcangle_it            ?     2.0 ? ? 'X-RAY DIFFRACTION' ? 
x_scbond_it             ?     2.0 ? ? 'X-RAY DIFFRACTION' ? 
x_scangle_it            ?     2.5 ? ? 'X-RAY DIFFRACTION' ? 
# 
_refine_ls_shell.pdbx_total_number_of_bins_used   8 
_refine_ls_shell.d_res_high                       2.0 
_refine_ls_shell.d_res_low                        2.09 
_refine_ls_shell.number_reflns_R_work             991 
_refine_ls_shell.R_factor_R_work                  0.2760000 
_refine_ls_shell.percent_reflns_obs               83.7 
_refine_ls_shell.R_factor_R_free                  0.3660000 
_refine_ls_shell.R_factor_R_free_error            ? 
_refine_ls_shell.percent_reflns_R_free            4.0 
_refine_ls_shell.number_reflns_R_free             ? 
_refine_ls_shell.pdbx_refine_id                   'X-RAY DIFFRACTION' 
_refine_ls_shell.number_reflns_all                ? 
_refine_ls_shell.R_factor_all                     ? 
# 
loop_
_pdbx_xplor_file.serial_no 
_pdbx_xplor_file.param_file 
_pdbx_xplor_file.topol_file 
_pdbx_xplor_file.pdbx_refine_id 
1 PARHCSDX.PRO TOPHCSDX.PRO 'X-RAY DIFFRACTION' 
2 PARAM.WAT    TOPOL.WAT    'X-RAY DIFFRACTION' 
# 
_struct.entry_id                  1AMX 
_struct.title                     'COLLAGEN-BINDING DOMAIN FROM A STAPHYLOCOCCUS AUREUS ADHESIN' 
_struct.pdbx_model_details        ? 
_struct.pdbx_CASP_flag            ? 
_struct.pdbx_model_type_details   ? 
# 
_struct_keywords.entry_id        1AMX 
_struct_keywords.pdbx_keywords   'BACTERIAL ADHESIN' 
_struct_keywords.text            'BACTERIAL ADHESIN, MSCRAMM' 
# 
loop_
_struct_asym.id 
_struct_asym.pdbx_blank_PDB_chainid_flag 
_struct_asym.pdbx_modified 
_struct_asym.entity_id 
_struct_asym.details 
A N N 1 ? 
B N N 2 ? 
# 
_struct_ref.id                         1 
_struct_ref.db_name                    UNP 
_struct_ref.db_code                    CNA_STAAU 
_struct_ref.entity_id                  1 
_struct_ref.pdbx_db_accession          Q53654 
_struct_ref.pdbx_align_begin           1 
_struct_ref.pdbx_seq_one_letter_code   
;MNKNVLKFMVFIMLLNIITPLFNKNEAFAARDISSTNVTDLTVSPSKIEDGGKTTVKMTFDDKNGKIQNGDMIKVAWPTS
GTVKIEGYSKTVPLTVKGEQVGQAVITPDGATITFNDKVEKLSDVSGFAEFEVQGRNLTQTNTSDDKVATITSGNKSTNV
TVHKSEAGTSSVFYYKTGDMLPEDTTHVRWFLNINNEKSYVSKDITIKDQIQGGQQLDLSTLNINVTGTHSNYYSGQSAI
TDFEKAFPGSKITVDNTKNTIDVTIPQGYGSYNSFSINYKTKITNEQQKEFVNNSQAWYQEHGKEEVNGKSFNHTVHNIN
ANAGIEGTVKGELKVLKQDKDTKAPIANVKFKLSKKDGSVVKDNQKEIEIITDANGIANIKALPSGDYILKEIEAPRPYT
FDKDKEYPFTMKDTDNQGYFTTIENAKAIEKTKDVSAQKVWEGTQKVKPTIYFKLYKQDDNQNTTPVDKAEIKKLEDGTT
KVTWSNLPENDKNGKAIKYLVKEVNAQGEDTTPEGYTKKENGLVVTNTEKPIETTSISGEKVWDDKDNQDGKRPEKVSVN
LLANGEKVKTLDVTSETNWKYEFKDLPKYDEGKKIEYTVTEDHVKDYTTDINGTTITNKYTPGETSATVTKNWDDNNNQD
GKRPTEIKVELYQDGKATGKTAILNESNNWTHTWTGLDEKAKGQQVKYTVEELTKVKGYTTHVDNNDMGNLIVTNKYTPE
TTSISGEKVWDDKDNQDGKRPEKVSVNLLADGEKVKTLDVTSETNWKYEFKDLPKYDEGKKIEYTVTEDHVKDYTTDING
TTITNKYTPGETSATVTKNWDDNNNQDGKRPTEIKVELYQDGKATGKTAILNESNNWTHTWTGLDEKAKGQQVKYTVEEL
TKVKGYTTHVDNNDMGNLIVTNKYTPETTSISGEKVWDDKDNQDGKRPEKVSVNLLANGEKVKTLDVTSETNWKYEFKDL
PKYDEGKKIEYTVTEDHVKDYTTDINGTTITNKYTPGETSATVTKNWDDNNNQDGKRPTEIKVELYQDGKATGKTAILNE
SNNWTHTWTGLDEKAKGQQVKYTVDELTKVNGYTTHVDNNDMGNLIVTNKYTPKKPNKPIYPEKPKDKTPPTKPDHSNKV
KPTPPDKPSKVDKDDQPKDNKTKPENPLKELPKTGMKIITSWITWVFIGILGLYLILRKRFNS
;
_struct_ref.pdbx_db_isoform            ? 
# 
_struct_ref_seq.align_id                      1 
_struct_ref_seq.ref_id                        1 
_struct_ref_seq.pdbx_PDB_id_code              1AMX 
_struct_ref_seq.pdbx_strand_id                A 
_struct_ref_seq.seq_align_beg                 13 
_struct_ref_seq.pdbx_seq_align_beg_ins_code   ? 
_struct_ref_seq.seq_align_end                 180 
_struct_ref_seq.pdbx_seq_align_end_ins_code   ? 
_struct_ref_seq.pdbx_db_accession             Q53654 
_struct_ref_seq.db_align_beg                  151 
_struct_ref_seq.pdbx_db_align_beg_ins_code    ? 
_struct_ref_seq.db_align_end                  318 
_struct_ref_seq.pdbx_db_align_end_ins_code    ? 
_struct_ref_seq.pdbx_auth_seq_align_beg       151 
_struct_ref_seq.pdbx_auth_seq_align_end       318 
# 
_pdbx_struct_assembly.id                   1 
_pdbx_struct_assembly.details              author_defined_assembly 
_pdbx_struct_assembly.method_details       ? 
_pdbx_struct_assembly.oligomeric_details   monomeric 
_pdbx_struct_assembly.oligomeric_count     1 
# 
_pdbx_struct_assembly_gen.assembly_id       1 
_pdbx_struct_assembly_gen.oper_expression   1 
_pdbx_struct_assembly_gen.asym_id_list      A,B 
# 
_pdbx_struct_oper_list.id                   1 
_pdbx_struct_oper_list.type                 'identity operation' 
_pdbx_struct_oper_list.name                 1_555 
_pdbx_struct_oper_list.symmetry_operation   x,y,z 
_pdbx_struct_oper_list.matrix[1][1]         1.0000000000 
_pdbx_struct_oper_list.matrix[1][2]         0.0000000000 
_pdbx_struct_oper_list.matrix[1][3]         0.0000000000 
_pdbx_struct_oper_list.vector[1]            0.0000000000 
_pdbx_struct_oper_list.matrix[2][1]         0.0000000000 
_pdbx_struct_oper_list.matrix[2][2]         1.0000000000 
_pdbx_struct_oper_list.matrix[2][3]         0.0000000000 
_pdbx_struct_oper_list.vector[2]            0.0000000000 
_pdbx_struct_oper_list.matrix[3][1]         0.0000000000 
_pdbx_struct_oper_list.matrix[3][2]         0.0000000000 
_pdbx_struct_oper_list.matrix[3][3]         1.0000000000 
_pdbx_struct_oper_list.vector[3]            0.0000000000 
# 
_struct_biol.id   1 
# 
loop_
_struct_conf.conf_type_id 
_struct_conf.id 
_struct_conf.pdbx_PDB_helix_id 
_struct_conf.beg_label_comp_id 
_struct_conf.beg_label_asym_id 
_struct_conf.beg_label_seq_id 
_struct_conf.pdbx_beg_PDB_ins_code 
_struct_conf.end_label_comp_id 
_struct_conf.end_label_asym_id 
_struct_conf.end_label_seq_id 
_struct_conf.pdbx_end_PDB_ins_code 
_struct_conf.beg_auth_comp_id 
_struct_conf.beg_auth_asym_id 
_struct_conf.beg_auth_seq_id 
_struct_conf.end_auth_comp_id 
_struct_conf.end_auth_asym_id 
_struct_conf.end_auth_seq_id 
_struct_conf.pdbx_PDB_helix_class 
_struct_conf.details 
_struct_conf.pdbx_PDB_helix_length 
HELX_P HELX_P1 1 LEU A 81  ? THR A 83  ? LEU A 219 THR A 221 5 ? 3 
HELX_P HELX_P2 2 ALA A 101 ? ALA A 108 ? ALA A 239 ALA A 246 1 ? 8 
HELX_P HELX_P3 3 GLN A 129 ? GLY A 132 ? GLN A 267 GLY A 270 1 ? 4 
# 
_struct_conf_type.id          HELX_P 
_struct_conf_type.criteria    ? 
_struct_conf_type.reference   ? 
# 
loop_
_struct_sheet.id 
_struct_sheet.type 
_struct_sheet.number_strands 
_struct_sheet.details 
I  ? 5 ? 
II ? 5 ? 
# 
loop_
_struct_sheet_order.sheet_id 
_struct_sheet_order.range_id_1 
_struct_sheet_order.range_id_2 
_struct_sheet_order.offset 
_struct_sheet_order.sense 
I  1 2 ? anti-parallel 
I  2 3 ? anti-parallel 
I  3 4 ? anti-parallel 
I  4 5 ? anti-parallel 
II 1 2 ? anti-parallel 
II 2 3 ? anti-parallel 
II 3 4 ? anti-parallel 
II 4 5 ? anti-parallel 
# 
loop_
_struct_sheet_range.sheet_id 
_struct_sheet_range.id 
_struct_sheet_range.beg_label_comp_id 
_struct_sheet_range.beg_label_asym_id 
_struct_sheet_range.beg_label_seq_id 
_struct_sheet_range.pdbx_beg_PDB_ins_code 
_struct_sheet_range.end_label_comp_id 
_struct_sheet_range.end_label_asym_id 
_struct_sheet_range.end_label_seq_id 
_struct_sheet_range.pdbx_end_PDB_ins_code 
_struct_sheet_range.beg_auth_comp_id 
_struct_sheet_range.beg_auth_asym_id 
_struct_sheet_range.beg_auth_seq_id 
_struct_sheet_range.end_auth_comp_id 
_struct_sheet_range.end_auth_asym_id 
_struct_sheet_range.end_auth_seq_id 
I  1 TYR A 37  ? ASP A 41  ? TYR A 175 ASP A 179 
I  2 HIS A 49  ? ILE A 56  ? HIS A 187 ILE A 194 
I  3 ASN A 135 ? ILE A 145 ? ASN A 273 ILE A 283 
I  4 GLN A 77  ? GLY A 90  ? GLN A 215 GLY A 228 
I  5 ASN A 94  ? TYR A 96  ? ASN A 232 TYR A 234 
II 1 LYS A 113 ? ASP A 117 ? LYS A 251 ASP A 255 
II 2 THR A 122 ? ILE A 127 ? THR A 260 ILE A 265 
II 3 ILE A 67  ? ILE A 73  ? ILE A 205 ILE A 211 
II 4 GLU A 152 ? TYR A 161 ? GLU A 290 TYR A 299 
II 5 VAL A 169 ? HIS A 179 ? VAL A 307 HIS A 317 
# 
_struct_site.id                   CBR 
_struct_site.pdbx_evidence_code   Unknown 
_struct_site.pdbx_auth_asym_id    ? 
_struct_site.pdbx_auth_comp_id    ? 
_struct_site.pdbx_auth_seq_id     ? 
_struct_site.pdbx_auth_ins_code   ? 
_struct_site.pdbx_num_residues    7 
_struct_site.details              'COLLAGEN-BINDING RESIDUES IDENTIFIED BY SITE-DIRECTED MUTAGENESIS.' 
# 
loop_
_struct_site_gen.id 
_struct_site_gen.site_id 
_struct_site_gen.pdbx_num_res 
_struct_site_gen.label_comp_id 
_struct_site_gen.label_asym_id 
_struct_site_gen.label_seq_id 
_struct_site_gen.pdbx_auth_ins_code 
_struct_site_gen.auth_comp_id 
_struct_site_gen.auth_asym_id 
_struct_site_gen.auth_seq_id 
_struct_site_gen.label_atom_id 
_struct_site_gen.label_alt_id 
_struct_site_gen.symmetry 
_struct_site_gen.details 
1 CBR 7 TYR A 37  ? TYR A 175 . ? 1_555 ? 
2 CBR 7 ARG A 51  ? ARG A 189 . ? 1_555 ? 
3 CBR 7 PHE A 53  ? PHE A 191 . ? 1_555 ? 
4 CBR 7 ASN A 55  ? ASN A 193 . ? 1_555 ? 
5 CBR 7 ASN A 85  ? ASN A 223 . ? 1_555 ? 
6 CBR 7 TYR A 95  ? TYR A 233 . ? 1_555 ? 
7 CBR 7 ASN A 140 ? ASN A 278 . ? 1_555 ? 
# 
_pdbx_validate_close_contact.id               1 
_pdbx_validate_close_contact.PDB_model_num    1 
_pdbx_validate_close_contact.auth_atom_id_1   O 
_pdbx_validate_close_contact.auth_asym_id_1   A 
_pdbx_validate_close_contact.auth_comp_id_1   GLY 
_pdbx_validate_close_contact.auth_seq_id_1    178 
_pdbx_validate_close_contact.PDB_ins_code_1   ? 
_pdbx_validate_close_contact.label_alt_id_1   ? 
_pdbx_validate_close_contact.auth_atom_id_2   H2 
_pdbx_validate_close_contact.auth_asym_id_2   A 
_pdbx_validate_close_contact.auth_comp_id_2   HOH 
_pdbx_validate_close_contact.auth_seq_id_2    383 
_pdbx_validate_close_contact.PDB_ins_code_2   ? 
_pdbx_validate_close_contact.label_alt_id_2   ? 
_pdbx_validate_close_contact.dist             1.58 
# 
loop_
_pdbx_validate_torsion.id 
_pdbx_validate_torsion.PDB_model_num 
_pdbx_validate_torsion.auth_comp_id 
_pdbx_validate_torsion.auth_asym_id 
_pdbx_validate_torsion.auth_seq_id 
_pdbx_validate_torsion.PDB_ins_code 
_pdbx_validate_torsion.label_alt_id 
_pdbx_validate_torsion.phi 
_pdbx_validate_torsion.psi 
1 1 SER A 171 ? ? 178.20  111.33 
2 1 HIS A 230 ? ? -117.78 59.83  
3 1 PHE A 247 ? ? -119.62 70.60  
# 
loop_
_pdbx_unobs_or_zero_occ_residues.id 
_pdbx_unobs_or_zero_occ_residues.PDB_model_num 
_pdbx_unobs_or_zero_occ_residues.polymer_flag 
_pdbx_unobs_or_zero_occ_residues.occupancy_flag 
_pdbx_unobs_or_zero_occ_residues.auth_asym_id 
_pdbx_unobs_or_zero_occ_residues.auth_comp_id 
_pdbx_unobs_or_zero_occ_residues.auth_seq_id 
_pdbx_unobs_or_zero_occ_residues.PDB_ins_code 
_pdbx_unobs_or_zero_occ_residues.label_asym_id 
_pdbx_unobs_or_zero_occ_residues.label_comp_id 
_pdbx_unobs_or_zero_occ_residues.label_seq_id 
1  1 Y 1 A MET 139 ? A MET 1  
2  1 Y 1 A ARG 140 ? A ARG 2  
3  1 Y 1 A GLY 141 ? A GLY 3  
4  1 Y 1 A SER 142 ? A SER 4  
5  1 Y 1 A HIS 143 ? A HIS 5  
6  1 Y 1 A HIS 144 ? A HIS 6  
7  1 Y 1 A HIS 145 ? A HIS 7  
8  1 Y 1 A HIS 146 ? A HIS 8  
9  1 Y 1 A HIS 147 ? A HIS 9  
10 1 Y 1 A HIS 148 ? A HIS 10 
11 1 Y 1 A GLY 149 ? A GLY 11 
12 1 Y 1 A SER 150 ? A SER 12 
13 1 Y 1 A ILE 151 ? A ILE 13 
14 1 Y 1 A THR 152 ? A THR 14 
15 1 Y 1 A SER 153 ? A SER 15 
16 1 Y 1 A GLY 154 ? A GLY 16 
17 1 Y 1 A ASN 155 ? A ASN 17 
18 1 Y 1 A LYS 156 ? A LYS 18 
19 1 Y 1 A SER 157 ? A SER 19 
20 1 Y 1 A THR 158 ? A THR 20 
21 1 Y 1 A ASN 159 ? A ASN 21 
22 1 Y 1 A VAL 160 ? A VAL 22 
23 1 Y 1 A THR 161 ? A THR 23 
24 1 Y 1 A VAL 162 ? A VAL 24 
25 1 Y 1 A HIS 163 ? A HIS 25 
26 1 Y 1 A LYS 164 ? A LYS 26 
27 1 Y 1 A SER 165 ? A SER 27 
28 1 Y 1 A GLU 166 ? A GLU 28 
29 1 Y 1 A ALA 167 ? A ALA 29 
30 1 Y 1 A GLY 168 ? A GLY 30 
# 
loop_
_chem_comp_atom.comp_id 
_chem_comp_atom.atom_id 
_chem_comp_atom.type_symbol 
_chem_comp_atom.pdbx_aromatic_flag 
_chem_comp_atom.pdbx_stereo_config 
_chem_comp_atom.pdbx_ordinal 
ALA N    N N N 1   
ALA CA   C N S 2   
ALA C    C N N 3   
ALA O    O N N 4   
ALA CB   C N N 5   
ALA OXT  O N N 6   
ALA H    H N N 7   
ALA H2   H N N 8   
ALA HA   H N N 9   
ALA HB1  H N N 10  
ALA HB2  H N N 11  
ALA HB3  H N N 12  
ALA HXT  H N N 13  
ARG N    N N N 14  
ARG CA   C N S 15  
ARG C    C N N 16  
ARG O    O N N 17  
ARG CB   C N N 18  
ARG CG   C N N 19  
ARG CD   C N N 20  
ARG NE   N N N 21  
ARG CZ   C N N 22  
ARG NH1  N N N 23  
ARG NH2  N N N 24  
ARG OXT  O N N 25  
ARG H    H N N 26  
ARG H2   H N N 27  
ARG HA   H N N 28  
ARG HB2  H N N 29  
ARG HB3  H N N 30  
ARG HG2  H N N 31  
ARG HG3  H N N 32  
ARG HD2  H N N 33  
ARG HD3  H N N 34  
ARG HE   H N N 35  
ARG HH11 H N N 36  
ARG HH12 H N N 37  
ARG HH21 H N N 38  
ARG HH22 H N N 39  
ARG HXT  H N N 40  
ASN N    N N N 41  
ASN CA   C N S 42  
ASN C    C N N 43  
ASN O    O N N 44  
ASN CB   C N N 45  
ASN CG   C N N 46  
ASN OD1  O N N 47  
ASN ND2  N N N 48  
ASN OXT  O N N 49  
ASN H    H N N 50  
ASN H2   H N N 51  
ASN HA   H N N 52  
ASN HB2  H N N 53  
ASN HB3  H N N 54  
ASN HD21 H N N 55  
ASN HD22 H N N 56  
ASN HXT  H N N 57  
ASP N    N N N 58  
ASP CA   C N S 59  
ASP C    C N N 60  
ASP O    O N N 61  
ASP CB   C N N 62  
ASP CG   C N N 63  
ASP OD1  O N N 64  
ASP OD2  O N N 65  
ASP OXT  O N N 66  
ASP H    H N N 67  
ASP H2   H N N 68  
ASP HA   H N N 69  
ASP HB2  H N N 70  
ASP HB3  H N N 71  
ASP HD2  H N N 72  
ASP HXT  H N N 73  
GLN N    N N N 74  
GLN CA   C N S 75  
GLN C    C N N 76  
GLN O    O N N 77  
GLN CB   C N N 78  
GLN CG   C N N 79  
GLN CD   C N N 80  
GLN OE1  O N N 81  
GLN NE2  N N N 82  
GLN OXT  O N N 83  
GLN H    H N N 84  
GLN H2   H N N 85  
GLN HA   H N N 86  
GLN HB2  H N N 87  
GLN HB3  H N N 88  
GLN HG2  H N N 89  
GLN HG3  H N N 90  
GLN HE21 H N N 91  
GLN HE22 H N N 92  
GLN HXT  H N N 93  
GLU N    N N N 94  
GLU CA   C N S 95  
GLU C    C N N 96  
GLU O    O N N 97  
GLU CB   C N N 98  
GLU CG   C N N 99  
GLU CD   C N N 100 
GLU OE1  O N N 101 
GLU OE2  O N N 102 
GLU OXT  O N N 103 
GLU H    H N N 104 
GLU H2   H N N 105 
GLU HA   H N N 106 
GLU HB2  H N N 107 
GLU HB3  H N N 108 
GLU HG2  H N N 109 
GLU HG3  H N N 110 
GLU HE2  H N N 111 
GLU HXT  H N N 112 
GLY N    N N N 113 
GLY CA   C N N 114 
GLY C    C N N 115 
GLY O    O N N 116 
GLY OXT  O N N 117 
GLY H    H N N 118 
GLY H2   H N N 119 
GLY HA2  H N N 120 
GLY HA3  H N N 121 
GLY HXT  H N N 122 
HIS N    N N N 123 
HIS CA   C N S 124 
HIS C    C N N 125 
HIS O    O N N 126 
HIS CB   C N N 127 
HIS CG   C Y N 128 
HIS ND1  N Y N 129 
HIS CD2  C Y N 130 
HIS CE1  C Y N 131 
HIS NE2  N Y N 132 
HIS OXT  O N N 133 
HIS H    H N N 134 
HIS H2   H N N 135 
HIS HA   H N N 136 
HIS HB2  H N N 137 
HIS HB3  H N N 138 
HIS HD1  H N N 139 
HIS HD2  H N N 140 
HIS HE1  H N N 141 
HIS HE2  H N N 142 
HIS HXT  H N N 143 
HOH O    O N N 144 
HOH H1   H N N 145 
HOH H2   H N N 146 
ILE N    N N N 147 
ILE CA   C N S 148 
ILE C    C N N 149 
ILE O    O N N 150 
ILE CB   C N S 151 
ILE CG1  C N N 152 
ILE CG2  C N N 153 
ILE CD1  C N N 154 
ILE OXT  O N N 155 
ILE H    H N N 156 
ILE H2   H N N 157 
ILE HA   H N N 158 
ILE HB   H N N 159 
ILE HG12 H N N 160 
ILE HG13 H N N 161 
ILE HG21 H N N 162 
ILE HG22 H N N 163 
ILE HG23 H N N 164 
ILE HD11 H N N 165 
ILE HD12 H N N 166 
ILE HD13 H N N 167 
ILE HXT  H N N 168 
LEU N    N N N 169 
LEU CA   C N S 170 
LEU C    C N N 171 
LEU O    O N N 172 
LEU CB   C N N 173 
LEU CG   C N N 174 
LEU CD1  C N N 175 
LEU CD2  C N N 176 
LEU OXT  O N N 177 
LEU H    H N N 178 
LEU H2   H N N 179 
LEU HA   H N N 180 
LEU HB2  H N N 181 
LEU HB3  H N N 182 
LEU HG   H N N 183 
LEU HD11 H N N 184 
LEU HD12 H N N 185 
LEU HD13 H N N 186 
LEU HD21 H N N 187 
LEU HD22 H N N 188 
LEU HD23 H N N 189 
LEU HXT  H N N 190 
LYS N    N N N 191 
LYS CA   C N S 192 
LYS C    C N N 193 
LYS O    O N N 194 
LYS CB   C N N 195 
LYS CG   C N N 196 
LYS CD   C N N 197 
LYS CE   C N N 198 
LYS NZ   N N N 199 
LYS OXT  O N N 200 
LYS H    H N N 201 
LYS H2   H N N 202 
LYS HA   H N N 203 
LYS HB2  H N N 204 
LYS HB3  H N N 205 
LYS HG2  H N N 206 
LYS HG3  H N N 207 
LYS HD2  H N N 208 
LYS HD3  H N N 209 
LYS HE2  H N N 210 
LYS HE3  H N N 211 
LYS HZ1  H N N 212 
LYS HZ2  H N N 213 
LYS HZ3  H N N 214 
LYS HXT  H N N 215 
MET N    N N N 216 
MET CA   C N S 217 
MET C    C N N 218 
MET O    O N N 219 
MET CB   C N N 220 
MET CG   C N N 221 
MET SD   S N N 222 
MET CE   C N N 223 
MET OXT  O N N 224 
MET H    H N N 225 
MET H2   H N N 226 
MET HA   H N N 227 
MET HB2  H N N 228 
MET HB3  H N N 229 
MET HG2  H N N 230 
MET HG3  H N N 231 
MET HE1  H N N 232 
MET HE2  H N N 233 
MET HE3  H N N 234 
MET HXT  H N N 235 
PHE N    N N N 236 
PHE CA   C N S 237 
PHE C    C N N 238 
PHE O    O N N 239 
PHE CB   C N N 240 
PHE CG   C Y N 241 
PHE CD1  C Y N 242 
PHE CD2  C Y N 243 
PHE CE1  C Y N 244 
PHE CE2  C Y N 245 
PHE CZ   C Y N 246 
PHE OXT  O N N 247 
PHE H    H N N 248 
PHE H2   H N N 249 
PHE HA   H N N 250 
PHE HB2  H N N 251 
PHE HB3  H N N 252 
PHE HD1  H N N 253 
PHE HD2  H N N 254 
PHE HE1  H N N 255 
PHE HE2  H N N 256 
PHE HZ   H N N 257 
PHE HXT  H N N 258 
PRO N    N N N 259 
PRO CA   C N S 260 
PRO C    C N N 261 
PRO O    O N N 262 
PRO CB   C N N 263 
PRO CG   C N N 264 
PRO CD   C N N 265 
PRO OXT  O N N 266 
PRO H    H N N 267 
PRO HA   H N N 268 
PRO HB2  H N N 269 
PRO HB3  H N N 270 
PRO HG2  H N N 271 
PRO HG3  H N N 272 
PRO HD2  H N N 273 
PRO HD3  H N N 274 
PRO HXT  H N N 275 
SER N    N N N 276 
SER CA   C N S 277 
SER C    C N N 278 
SER O    O N N 279 
SER CB   C N N 280 
SER OG   O N N 281 
SER OXT  O N N 282 
SER H    H N N 283 
SER H2   H N N 284 
SER HA   H N N 285 
SER HB2  H N N 286 
SER HB3  H N N 287 
SER HG   H N N 288 
SER HXT  H N N 289 
THR N    N N N 290 
THR CA   C N S 291 
THR C    C N N 292 
THR O    O N N 293 
THR CB   C N R 294 
THR OG1  O N N 295 
THR CG2  C N N 296 
THR OXT  O N N 297 
THR H    H N N 298 
THR H2   H N N 299 
THR HA   H N N 300 
THR HB   H N N 301 
THR HG1  H N N 302 
THR HG21 H N N 303 
THR HG22 H N N 304 
THR HG23 H N N 305 
THR HXT  H N N 306 
TRP N    N N N 307 
TRP CA   C N S 308 
TRP C    C N N 309 
TRP O    O N N 310 
TRP CB   C N N 311 
TRP CG   C Y N 312 
TRP CD1  C Y N 313 
TRP CD2  C Y N 314 
TRP NE1  N Y N 315 
TRP CE2  C Y N 316 
TRP CE3  C Y N 317 
TRP CZ2  C Y N 318 
TRP CZ3  C Y N 319 
TRP CH2  C Y N 320 
TRP OXT  O N N 321 
TRP H    H N N 322 
TRP H2   H N N 323 
TRP HA   H N N 324 
TRP HB2  H N N 325 
TRP HB3  H N N 326 
TRP HD1  H N N 327 
TRP HE1  H N N 328 
TRP HE3  H N N 329 
TRP HZ2  H N N 330 
TRP HZ3  H N N 331 
TRP HH2  H N N 332 
TRP HXT  H N N 333 
TYR N    N N N 334 
TYR CA   C N S 335 
TYR C    C N N 336 
TYR O    O N N 337 
TYR CB   C N N 338 
TYR CG   C Y N 339 
TYR CD1  C Y N 340 
TYR CD2  C Y N 341 
TYR CE1  C Y N 342 
TYR CE2  C Y N 343 
TYR CZ   C Y N 344 
TYR OH   O N N 345 
TYR OXT  O N N 346 
TYR H    H N N 347 
TYR H2   H N N 348 
TYR HA   H N N 349 
TYR HB2  H N N 350 
TYR HB3  H N N 351 
TYR HD1  H N N 352 
TYR HD2  H N N 353 
TYR HE1  H N N 354 
TYR HE2  H N N 355 
TYR HH   H N N 356 
TYR HXT  H N N 357 
VAL N    N N N 358 
VAL CA   C N S 359 
VAL C    C N N 360 
VAL O    O N N 361 
VAL CB   C N N 362 
VAL CG1  C N N 363 
VAL CG2  C N N 364 
VAL OXT  O N N 365 
VAL H    H N N 366 
VAL H2   H N N 367 
VAL HA   H N N 368 
VAL HB   H N N 369 
VAL HG11 H N N 370 
VAL HG12 H N N 371 
VAL HG13 H N N 372 
VAL HG21 H N N 373 
VAL HG22 H N N 374 
VAL HG23 H N N 375 
VAL HXT  H N N 376 
# 
loop_
_chem_comp_bond.comp_id 
_chem_comp_bond.atom_id_1 
_chem_comp_bond.atom_id_2 
_chem_comp_bond.value_order 
_chem_comp_bond.pdbx_aromatic_flag 
_chem_comp_bond.pdbx_stereo_config 
_chem_comp_bond.pdbx_ordinal 
ALA N   CA   sing N N 1   
ALA N   H    sing N N 2   
ALA N   H2   sing N N 3   
ALA CA  C    sing N N 4   
ALA CA  CB   sing N N 5   
ALA CA  HA   sing N N 6   
ALA C   O    doub N N 7   
ALA C   OXT  sing N N 8   
ALA CB  HB1  sing N N 9   
ALA CB  HB2  sing N N 10  
ALA CB  HB3  sing N N 11  
ALA OXT HXT  sing N N 12  
ARG N   CA   sing N N 13  
ARG N   H    sing N N 14  
ARG N   H2   sing N N 15  
ARG CA  C    sing N N 16  
ARG CA  CB   sing N N 17  
ARG CA  HA   sing N N 18  
ARG C   O    doub N N 19  
ARG C   OXT  sing N N 20  
ARG CB  CG   sing N N 21  
ARG CB  HB2  sing N N 22  
ARG CB  HB3  sing N N 23  
ARG CG  CD   sing N N 24  
ARG CG  HG2  sing N N 25  
ARG CG  HG3  sing N N 26  
ARG CD  NE   sing N N 27  
ARG CD  HD2  sing N N 28  
ARG CD  HD3  sing N N 29  
ARG NE  CZ   sing N N 30  
ARG NE  HE   sing N N 31  
ARG CZ  NH1  sing N N 32  
ARG CZ  NH2  doub N N 33  
ARG NH1 HH11 sing N N 34  
ARG NH1 HH12 sing N N 35  
ARG NH2 HH21 sing N N 36  
ARG NH2 HH22 sing N N 37  
ARG OXT HXT  sing N N 38  
ASN N   CA   sing N N 39  
ASN N   H    sing N N 40  
ASN N   H2   sing N N 41  
ASN CA  C    sing N N 42  
ASN CA  CB   sing N N 43  
ASN CA  HA   sing N N 44  
ASN C   O    doub N N 45  
ASN C   OXT  sing N N 46  
ASN CB  CG   sing N N 47  
ASN CB  HB2  sing N N 48  
ASN CB  HB3  sing N N 49  
ASN CG  OD1  doub N N 50  
ASN CG  ND2  sing N N 51  
ASN ND2 HD21 sing N N 52  
ASN ND2 HD22 sing N N 53  
ASN OXT HXT  sing N N 54  
ASP N   CA   sing N N 55  
ASP N   H    sing N N 56  
ASP N   H2   sing N N 57  
ASP CA  C    sing N N 58  
ASP CA  CB   sing N N 59  
ASP CA  HA   sing N N 60  
ASP C   O    doub N N 61  
ASP C   OXT  sing N N 62  
ASP CB  CG   sing N N 63  
ASP CB  HB2  sing N N 64  
ASP CB  HB3  sing N N 65  
ASP CG  OD1  doub N N 66  
ASP CG  OD2  sing N N 67  
ASP OD2 HD2  sing N N 68  
ASP OXT HXT  sing N N 69  
GLN N   CA   sing N N 70  
GLN N   H    sing N N 71  
GLN N   H2   sing N N 72  
GLN CA  C    sing N N 73  
GLN CA  CB   sing N N 74  
GLN CA  HA   sing N N 75  
GLN C   O    doub N N 76  
GLN C   OXT  sing N N 77  
GLN CB  CG   sing N N 78  
GLN CB  HB2  sing N N 79  
GLN CB  HB3  sing N N 80  
GLN CG  CD   sing N N 81  
GLN CG  HG2  sing N N 82  
GLN CG  HG3  sing N N 83  
GLN CD  OE1  doub N N 84  
GLN CD  NE2  sing N N 85  
GLN NE2 HE21 sing N N 86  
GLN NE2 HE22 sing N N 87  
GLN OXT HXT  sing N N 88  
GLU N   CA   sing N N 89  
GLU N   H    sing N N 90  
GLU N   H2   sing N N 91  
GLU CA  C    sing N N 92  
GLU CA  CB   sing N N 93  
GLU CA  HA   sing N N 94  
GLU C   O    doub N N 95  
GLU C   OXT  sing N N 96  
GLU CB  CG   sing N N 97  
GLU CB  HB2  sing N N 98  
GLU CB  HB3  sing N N 99  
GLU CG  CD   sing N N 100 
GLU CG  HG2  sing N N 101 
GLU CG  HG3  sing N N 102 
GLU CD  OE1  doub N N 103 
GLU CD  OE2  sing N N 104 
GLU OE2 HE2  sing N N 105 
GLU OXT HXT  sing N N 106 
GLY N   CA   sing N N 107 
GLY N   H    sing N N 108 
GLY N   H2   sing N N 109 
GLY CA  C    sing N N 110 
GLY CA  HA2  sing N N 111 
GLY CA  HA3  sing N N 112 
GLY C   O    doub N N 113 
GLY C   OXT  sing N N 114 
GLY OXT HXT  sing N N 115 
HIS N   CA   sing N N 116 
HIS N   H    sing N N 117 
HIS N   H2   sing N N 118 
HIS CA  C    sing N N 119 
HIS CA  CB   sing N N 120 
HIS CA  HA   sing N N 121 
HIS C   O    doub N N 122 
HIS C   OXT  sing N N 123 
HIS CB  CG   sing N N 124 
HIS CB  HB2  sing N N 125 
HIS CB  HB3  sing N N 126 
HIS CG  ND1  sing Y N 127 
HIS CG  CD2  doub Y N 128 
HIS ND1 CE1  doub Y N 129 
HIS ND1 HD1  sing N N 130 
HIS CD2 NE2  sing Y N 131 
HIS CD2 HD2  sing N N 132 
HIS CE1 NE2  sing Y N 133 
HIS CE1 HE1  sing N N 134 
HIS NE2 HE2  sing N N 135 
HIS OXT HXT  sing N N 136 
HOH O   H1   sing N N 137 
HOH O   H2   sing N N 138 
ILE N   CA   sing N N 139 
ILE N   H    sing N N 140 
ILE N   H2   sing N N 141 
ILE CA  C    sing N N 142 
ILE CA  CB   sing N N 143 
ILE CA  HA   sing N N 144 
ILE C   O    doub N N 145 
ILE C   OXT  sing N N 146 
ILE CB  CG1  sing N N 147 
ILE CB  CG2  sing N N 148 
ILE CB  HB   sing N N 149 
ILE CG1 CD1  sing N N 150 
ILE CG1 HG12 sing N N 151 
ILE CG1 HG13 sing N N 152 
ILE CG2 HG21 sing N N 153 
ILE CG2 HG22 sing N N 154 
ILE CG2 HG23 sing N N 155 
ILE CD1 HD11 sing N N 156 
ILE CD1 HD12 sing N N 157 
ILE CD1 HD13 sing N N 158 
ILE OXT HXT  sing N N 159 
LEU N   CA   sing N N 160 
LEU N   H    sing N N 161 
LEU N   H2   sing N N 162 
LEU CA  C    sing N N 163 
LEU CA  CB   sing N N 164 
LEU CA  HA   sing N N 165 
LEU C   O    doub N N 166 
LEU C   OXT  sing N N 167 
LEU CB  CG   sing N N 168 
LEU CB  HB2  sing N N 169 
LEU CB  HB3  sing N N 170 
LEU CG  CD1  sing N N 171 
LEU CG  CD2  sing N N 172 
LEU CG  HG   sing N N 173 
LEU CD1 HD11 sing N N 174 
LEU CD1 HD12 sing N N 175 
LEU CD1 HD13 sing N N 176 
LEU CD2 HD21 sing N N 177 
LEU CD2 HD22 sing N N 178 
LEU CD2 HD23 sing N N 179 
LEU OXT HXT  sing N N 180 
LYS N   CA   sing N N 181 
LYS N   H    sing N N 182 
LYS N   H2   sing N N 183 
LYS CA  C    sing N N 184 
LYS CA  CB   sing N N 185 
LYS CA  HA   sing N N 186 
LYS C   O    doub N N 187 
LYS C   OXT  sing N N 188 
LYS CB  CG   sing N N 189 
LYS CB  HB2  sing N N 190 
LYS CB  HB3  sing N N 191 
LYS CG  CD   sing N N 192 
LYS CG  HG2  sing N N 193 
LYS CG  HG3  sing N N 194 
LYS CD  CE   sing N N 195 
LYS CD  HD2  sing N N 196 
LYS CD  HD3  sing N N 197 
LYS CE  NZ   sing N N 198 
LYS CE  HE2  sing N N 199 
LYS CE  HE3  sing N N 200 
LYS NZ  HZ1  sing N N 201 
LYS NZ  HZ2  sing N N 202 
LYS NZ  HZ3  sing N N 203 
LYS OXT HXT  sing N N 204 
MET N   CA   sing N N 205 
MET N   H    sing N N 206 
MET N   H2   sing N N 207 
MET CA  C    sing N N 208 
MET CA  CB   sing N N 209 
MET CA  HA   sing N N 210 
MET C   O    doub N N 211 
MET C   OXT  sing N N 212 
MET CB  CG   sing N N 213 
MET CB  HB2  sing N N 214 
MET CB  HB3  sing N N 215 
MET CG  SD   sing N N 216 
MET CG  HG2  sing N N 217 
MET CG  HG3  sing N N 218 
MET SD  CE   sing N N 219 
MET CE  HE1  sing N N 220 
MET CE  HE2  sing N N 221 
MET CE  HE3  sing N N 222 
MET OXT HXT  sing N N 223 
PHE N   CA   sing N N 224 
PHE N   H    sing N N 225 
PHE N   H2   sing N N 226 
PHE CA  C    sing N N 227 
PHE CA  CB   sing N N 228 
PHE CA  HA   sing N N 229 
PHE C   O    doub N N 230 
PHE C   OXT  sing N N 231 
PHE CB  CG   sing N N 232 
PHE CB  HB2  sing N N 233 
PHE CB  HB3  sing N N 234 
PHE CG  CD1  doub Y N 235 
PHE CG  CD2  sing Y N 236 
PHE CD1 CE1  sing Y N 237 
PHE CD1 HD1  sing N N 238 
PHE CD2 CE2  doub Y N 239 
PHE CD2 HD2  sing N N 240 
PHE CE1 CZ   doub Y N 241 
PHE CE1 HE1  sing N N 242 
PHE CE2 CZ   sing Y N 243 
PHE CE2 HE2  sing N N 244 
PHE CZ  HZ   sing N N 245 
PHE OXT HXT  sing N N 246 
PRO N   CA   sing N N 247 
PRO N   CD   sing N N 248 
PRO N   H    sing N N 249 
PRO CA  C    sing N N 250 
PRO CA  CB   sing N N 251 
PRO CA  HA   sing N N 252 
PRO C   O    doub N N 253 
PRO C   OXT  sing N N 254 
PRO CB  CG   sing N N 255 
PRO CB  HB2  sing N N 256 
PRO CB  HB3  sing N N 257 
PRO CG  CD   sing N N 258 
PRO CG  HG2  sing N N 259 
PRO CG  HG3  sing N N 260 
PRO CD  HD2  sing N N 261 
PRO CD  HD3  sing N N 262 
PRO OXT HXT  sing N N 263 
SER N   CA   sing N N 264 
SER N   H    sing N N 265 
SER N   H2   sing N N 266 
SER CA  C    sing N N 267 
SER CA  CB   sing N N 268 
SER CA  HA   sing N N 269 
SER C   O    doub N N 270 
SER C   OXT  sing N N 271 
SER CB  OG   sing N N 272 
SER CB  HB2  sing N N 273 
SER CB  HB3  sing N N 274 
SER OG  HG   sing N N 275 
SER OXT HXT  sing N N 276 
THR N   CA   sing N N 277 
THR N   H    sing N N 278 
THR N   H2   sing N N 279 
THR CA  C    sing N N 280 
THR CA  CB   sing N N 281 
THR CA  HA   sing N N 282 
THR C   O    doub N N 283 
THR C   OXT  sing N N 284 
THR CB  OG1  sing N N 285 
THR CB  CG2  sing N N 286 
THR CB  HB   sing N N 287 
THR OG1 HG1  sing N N 288 
THR CG2 HG21 sing N N 289 
THR CG2 HG22 sing N N 290 
THR CG2 HG23 sing N N 291 
THR OXT HXT  sing N N 292 
TRP N   CA   sing N N 293 
TRP N   H    sing N N 294 
TRP N   H2   sing N N 295 
TRP CA  C    sing N N 296 
TRP CA  CB   sing N N 297 
TRP CA  HA   sing N N 298 
TRP C   O    doub N N 299 
TRP C   OXT  sing N N 300 
TRP CB  CG   sing N N 301 
TRP CB  HB2  sing N N 302 
TRP CB  HB3  sing N N 303 
TRP CG  CD1  doub Y N 304 
TRP CG  CD2  sing Y N 305 
TRP CD1 NE1  sing Y N 306 
TRP CD1 HD1  sing N N 307 
TRP CD2 CE2  doub Y N 308 
TRP CD2 CE3  sing Y N 309 
TRP NE1 CE2  sing Y N 310 
TRP NE1 HE1  sing N N 311 
TRP CE2 CZ2  sing Y N 312 
TRP CE3 CZ3  doub Y N 313 
TRP CE3 HE3  sing N N 314 
TRP CZ2 CH2  doub Y N 315 
TRP CZ2 HZ2  sing N N 316 
TRP CZ3 CH2  sing Y N 317 
TRP CZ3 HZ3  sing N N 318 
TRP CH2 HH2  sing N N 319 
TRP OXT HXT  sing N N 320 
TYR N   CA   sing N N 321 
TYR N   H    sing N N 322 
TYR N   H2   sing N N 323 
TYR CA  C    sing N N 324 
TYR CA  CB   sing N N 325 
TYR CA  HA   sing N N 326 
TYR C   O    doub N N 327 
TYR C   OXT  sing N N 328 
TYR CB  CG   sing N N 329 
TYR CB  HB2  sing N N 330 
TYR CB  HB3  sing N N 331 
TYR CG  CD1  doub Y N 332 
TYR CG  CD2  sing Y N 333 
TYR CD1 CE1  sing Y N 334 
TYR CD1 HD1  sing N N 335 
TYR CD2 CE2  doub Y N 336 
TYR CD2 HD2  sing N N 337 
TYR CE1 CZ   doub Y N 338 
TYR CE1 HE1  sing N N 339 
TYR CE2 CZ   sing Y N 340 
TYR CE2 HE2  sing N N 341 
TYR CZ  OH   sing N N 342 
TYR OH  HH   sing N N 343 
TYR OXT HXT  sing N N 344 
VAL N   CA   sing N N 345 
VAL N   H    sing N N 346 
VAL N   H2   sing N N 347 
VAL CA  C    sing N N 348 
VAL CA  CB   sing N N 349 
VAL CA  HA   sing N N 350 
VAL C   O    doub N N 351 
VAL C   OXT  sing N N 352 
VAL CB  CG1  sing N N 353 
VAL CB  CG2  sing N N 354 
VAL CB  HB   sing N N 355 
VAL CG1 HG11 sing N N 356 
VAL CG1 HG12 sing N N 357 
VAL CG1 HG13 sing N N 358 
VAL CG2 HG21 sing N N 359 
VAL CG2 HG22 sing N N 360 
VAL CG2 HG23 sing N N 361 
VAL OXT HXT  sing N N 362 
# 
_atom_sites.entry_id                    1AMX 
_atom_sites.fract_transf_matrix[1][1]   0.01184403 
_atom_sites.fract_transf_matrix[1][2]   0.00188630 
_atom_sites.fract_transf_matrix[1][3]   0.00998300 
_atom_sites.fract_transf_matrix[2][1]   0.01450303 
_atom_sites.fract_transf_matrix[2][2]   0.00201637 
_atom_sites.fract_transf_matrix[2][3]   -0.00539271 
_atom_sites.fract_transf_matrix[3][1]   -0.00253438 
_atom_sites.fract_transf_matrix[3][2]   0.01745154 
_atom_sites.fract_transf_matrix[3][3]   -0.00029065 
_atom_sites.fract_transf_vector[1]      0.493503 
_atom_sites.fract_transf_vector[2]      0.669661 
_atom_sites.fract_transf_vector[3]      0.773611 
# 
loop_
_atom_type.symbol 
C 
H 
N 
O 
S 
# 
loop_
_atom_site.group_PDB 
_atom_site.id 
_atom_site.type_symbol 
_atom_site.label_atom_id 
_atom_site.label_alt_id 
_atom_site.label_comp_id 
_atom_site.label_asym_id 
_atom_site.label_entity_id 
_atom_site.label_seq_id 
_atom_site.pdbx_PDB_ins_code 
_atom_site.Cartn_x 
_atom_site.Cartn_y 
_atom_site.Cartn_z 
_atom_site.occupancy 
_atom_site.B_iso_or_equiv 
_atom_site.pdbx_formal_charge 
_atom_site.auth_seq_id 
_atom_site.auth_comp_id 
_atom_site.auth_asym_id 
_atom_site.auth_atom_id 
_atom_site.pdbx_PDB_model_num 
ATOM   1    N N    . THR A 1 31  ? -5.318  17.215  -14.718 1.00 57.89 ? 169 THR A N    1 
ATOM   2    C CA   . THR A 1 31  ? -6.105  18.064  -13.776 1.00 57.97 ? 169 THR A CA   1 
ATOM   3    C C    . THR A 1 31  ? -6.342  17.307  -12.452 1.00 57.47 ? 169 THR A C    1 
ATOM   4    O O    . THR A 1 31  ? -6.415  17.921  -11.376 1.00 57.27 ? 169 THR A O    1 
ATOM   5    C CB   . THR A 1 31  ? -7.428  18.604  -14.473 1.00 59.01 ? 169 THR A CB   1 
ATOM   6    O OG1  . THR A 1 31  ? -8.584  18.441  -13.629 1.00 59.37 ? 169 THR A OG1  1 
ATOM   7    C CG2  . THR A 1 31  ? -7.646  17.915  -15.821 1.00 58.82 ? 169 THR A CG2  1 
ATOM   8    H HG1  . THR A 1 31  ? -8.632  19.090  -12.908 1.00 0.00  ? 169 THR A HG1  1 
ATOM   9    N N    . SER A 1 32  ? -6.366  15.975  -12.538 1.00 56.55 ? 170 SER A N    1 
ATOM   10   C CA   . SER A 1 32  ? -6.547  15.088  -11.380 1.00 55.15 ? 170 SER A CA   1 
ATOM   11   C C    . SER A 1 32  ? -5.214  14.908  -10.625 1.00 53.44 ? 170 SER A C    1 
ATOM   12   O O    . SER A 1 32  ? -4.135  14.944  -11.245 1.00 53.98 ? 170 SER A O    1 
ATOM   13   C CB   . SER A 1 32  ? -7.063  13.724  -11.859 1.00 56.68 ? 170 SER A CB   1 
ATOM   14   O OG   . SER A 1 32  ? -6.459  13.328  -13.093 1.00 56.79 ? 170 SER A OG   1 
ATOM   15   H H    . SER A 1 32  ? -6.276  15.447  -13.355 1.00 0.00  ? 170 SER A H    1 
ATOM   16   H HG   . SER A 1 32  ? -6.731  12.404  -13.230 1.00 0.00  ? 170 SER A HG   1 
ATOM   17   N N    . SER A 1 33  ? -5.284  14.696  -9.308  1.00 49.89 ? 171 SER A N    1 
ATOM   18   C CA   . SER A 1 33  ? -4.064  14.531  -8.503  1.00 45.40 ? 171 SER A CA   1 
ATOM   19   C C    . SER A 1 33  ? -4.327  14.340  -7.012  1.00 41.01 ? 171 SER A C    1 
ATOM   20   O O    . SER A 1 33  ? -4.765  15.263  -6.313  1.00 41.69 ? 171 SER A O    1 
ATOM   21   C CB   . SER A 1 33  ? -3.145  15.769  -8.667  1.00 46.77 ? 171 SER A CB   1 
ATOM   22   O OG   . SER A 1 33  ? -2.089  15.744  -7.720  1.00 46.43 ? 171 SER A OG   1 
ATOM   23   H H    . SER A 1 33  ? -6.163  14.679  -8.833  1.00 0.00  ? 171 SER A H    1 
ATOM   24   H HG   . SER A 1 33  ? -1.556  16.591  -7.787  1.00 0.00  ? 171 SER A HG   1 
ATOM   25   N N    . VAL A 1 34  ? -4.026  13.127  -6.616  1.00 34.73 ? 172 VAL A N    1 
ATOM   26   C CA   . VAL A 1 34  ? -4.040  12.675  -5.229  1.00 28.11 ? 172 VAL A CA   1 
ATOM   27   C C    . VAL A 1 34  ? -2.769  11.869  -5.062  1.00 23.19 ? 172 VAL A C    1 
ATOM   28   O O    . VAL A 1 34  ? -2.611  10.795  -5.659  1.00 21.92 ? 172 VAL A O    1 
ATOM   29   C CB   . VAL A 1 34  ? -5.285  11.832  -4.930  1.00 30.66 ? 172 VAL A CB   1 
ATOM   30   C CG1  . VAL A 1 34  ? -5.033  10.747  -3.875  1.00 30.13 ? 172 VAL A CG1  1 
ATOM   31   C CG2  . VAL A 1 34  ? -6.453  12.660  -4.386  1.00 31.45 ? 172 VAL A CG2  1 
ATOM   32   H H    . VAL A 1 34  ? -3.756  12.396  -7.244  1.00 0.00  ? 172 VAL A H    1 
ATOM   33   N N    . PHE A 1 35  ? -1.885  12.422  -4.281  1.00 17.82 ? 173 PHE A N    1 
ATOM   34   C CA   . PHE A 1 35  ? -0.577  11.827  -4.056  1.00 13.93 ? 173 PHE A CA   1 
ATOM   35   C C    . PHE A 1 35  ? -0.696  10.388  -3.579  1.00 13.52 ? 173 PHE A C    1 
ATOM   36   O O    . PHE A 1 35  ? -0.027  9.485   -4.093  1.00 13.68 ? 173 PHE A O    1 
ATOM   37   C CB   . PHE A 1 35  ? 0.188   12.633  -3.013  1.00 9.47  ? 173 PHE A CB   1 
ATOM   38   C CG   . PHE A 1 35  ? 1.610   12.120  -2.806  1.00 9.22  ? 173 PHE A CG   1 
ATOM   39   C CD1  . PHE A 1 35  ? 2.643   12.572  -3.634  1.00 8.76  ? 173 PHE A CD1  1 
ATOM   40   C CD2  . PHE A 1 35  ? 1.874   11.193  -1.793  1.00 7.71  ? 173 PHE A CD2  1 
ATOM   41   C CE1  . PHE A 1 35  ? 3.945   12.098  -3.446  1.00 9.98  ? 173 PHE A CE1  1 
ATOM   42   C CE2  . PHE A 1 35  ? 3.177   10.719  -1.605  1.00 8.78  ? 173 PHE A CE2  1 
ATOM   43   C CZ   . PHE A 1 35  ? 4.213   11.172  -2.432  1.00 9.31  ? 173 PHE A CZ   1 
ATOM   44   H H    . PHE A 1 35  ? -2.054  13.273  -3.784  1.00 0.00  ? 173 PHE A H    1 
ATOM   45   N N    . TYR A 1 36  ? -1.544  10.183  -2.599  1.00 12.72 ? 174 TYR A N    1 
ATOM   46   C CA   . TYR A 1 36  ? -1.729  8.843   -2.040  1.00 12.39 ? 174 TYR A CA   1 
ATOM   47   C C    . TYR A 1 36  ? -3.182  8.612   -1.651  1.00 13.25 ? 174 TYR A C    1 
ATOM   48   O O    . TYR A 1 36  ? -3.864  9.519   -1.156  1.00 13.10 ? 174 TYR A O    1 
ATOM   49   C CB   . TYR A 1 36  ? -0.847  8.660   -0.793  1.00 12.39 ? 174 TYR A CB   1 
ATOM   50   C CG   . TYR A 1 36  ? -1.251  7.442   0.046   1.00 14.07 ? 174 TYR A CG   1 
ATOM   51   C CD1  . TYR A 1 36  ? -1.042  6.146   -0.446  1.00 12.94 ? 174 TYR A CD1  1 
ATOM   52   C CD2  . TYR A 1 36  ? -1.830  7.618   1.309   1.00 14.47 ? 174 TYR A CD2  1 
ATOM   53   C CE1  . TYR A 1 36  ? -1.447  5.032   0.305   1.00 12.26 ? 174 TYR A CE1  1 
ATOM   54   C CE2  . TYR A 1 36  ? -2.245  6.506   2.055   1.00 16.02 ? 174 TYR A CE2  1 
ATOM   55   C CZ   . TYR A 1 36  ? -2.059  5.215   1.550   1.00 14.08 ? 174 TYR A CZ   1 
ATOM   56   O OH   . TYR A 1 36  ? -2.487  4.140   2.268   1.00 12.52 ? 174 TYR A OH   1 
ATOM   57   H H    . TYR A 1 36  ? -2.097  10.914  -2.195  1.00 0.00  ? 174 TYR A H    1 
ATOM   58   H HH   . TYR A 1 36  ? -2.970  4.447   3.089   1.00 0.00  ? 174 TYR A HH   1 
ATOM   59   N N    . TYR A 1 37  ? -3.609  7.394   -1.915  1.00 12.43 ? 175 TYR A N    1 
ATOM   60   C CA   . TYR A 1 37  ? -4.947  6.928   -1.537  1.00 11.45 ? 175 TYR A CA   1 
ATOM   61   C C    . TYR A 1 37  ? -4.975  5.403   -1.522  1.00 12.05 ? 175 TYR A C    1 
ATOM   62   O O    . TYR A 1 37  ? -4.195  4.741   -2.223  1.00 10.57 ? 175 TYR A O    1 
ATOM   63   C CB   . TYR A 1 37  ? -6.032  7.496   -2.457  1.00 11.38 ? 175 TYR A CB   1 
ATOM   64   C CG   . TYR A 1 37  ? -6.108  6.832   -3.826  1.00 11.24 ? 175 TYR A CG   1 
ATOM   65   C CD1  . TYR A 1 37  ? -5.331  7.335   -4.868  1.00 9.82  ? 175 TYR A CD1  1 
ATOM   66   C CD2  . TYR A 1 37  ? -6.960  5.740   -4.036  1.00 11.16 ? 175 TYR A CD2  1 
ATOM   67   C CE1  . TYR A 1 37  ? -5.400  6.744   -6.133  1.00 11.79 ? 175 TYR A CE1  1 
ATOM   68   C CE2  . TYR A 1 37  ? -7.029  5.147   -5.303  1.00 12.39 ? 175 TYR A CE2  1 
ATOM   69   C CZ   . TYR A 1 37  ? -6.248  5.651   -6.351  1.00 14.57 ? 175 TYR A CZ   1 
ATOM   70   O OH   . TYR A 1 37  ? -6.308  5.081   -7.582  1.00 16.05 ? 175 TYR A OH   1 
ATOM   71   H H    . TYR A 1 37  ? -3.049  6.712   -2.388  1.00 0.00  ? 175 TYR A H    1 
ATOM   72   H HH   . TYR A 1 37  ? -5.652  5.523   -8.194  1.00 0.00  ? 175 TYR A HH   1 
ATOM   73   N N    . LYS A 1 38  ? -5.881  4.937   -0.704  1.00 12.70 ? 176 LYS A N    1 
ATOM   74   C CA   . LYS A 1 38  ? -6.115  3.525   -0.432  1.00 12.71 ? 176 LYS A CA   1 
ATOM   75   C C    . LYS A 1 38  ? -7.472  3.116   -0.987  1.00 11.86 ? 176 LYS A C    1 
ATOM   76   O O    . LYS A 1 38  ? -8.482  3.794   -0.765  1.00 11.64 ? 176 LYS A O    1 
ATOM   77   C CB   . LYS A 1 38  ? -6.177  3.357   1.081   1.00 13.93 ? 176 LYS A CB   1 
ATOM   78   C CG   . LYS A 1 38  ? -5.228  2.317   1.648   1.00 20.78 ? 176 LYS A CG   1 
ATOM   79   C CD   . LYS A 1 38  ? -5.821  1.654   2.884   1.00 21.98 ? 176 LYS A CD   1 
ATOM   80   C CE   . LYS A 1 38  ? -6.909  0.654   2.523   1.00 25.10 ? 176 LYS A CE   1 
ATOM   81   N NZ   . LYS A 1 38  ? -6.395  -0.398  1.654   1.00 27.17 ? 176 LYS A NZ   1 
ATOM   82   H H    . LYS A 1 38  ? -6.504  5.524   -0.188  1.00 0.00  ? 176 LYS A H    1 
ATOM   83   H HZ1  . LYS A 1 38  ? -6.007  -0.004  0.828   1.00 0.00  ? 176 LYS A HZ1  1 
ATOM   84   H HZ2  . LYS A 1 38  ? -5.691  -0.915  2.144   1.00 0.00  ? 176 LYS A HZ2  1 
ATOM   85   H HZ3  . LYS A 1 38  ? -7.127  -1.002  1.375   1.00 0.00  ? 176 LYS A HZ3  1 
ATOM   86   N N    . THR A 1 39  ? -7.499  2.013   -1.701  1.00 10.73 ? 177 THR A N    1 
ATOM   87   C CA   . THR A 1 39  ? -8.766  1.510   -2.231  1.00 12.11 ? 177 THR A CA   1 
ATOM   88   C C    . THR A 1 39  ? -8.823  -0.015  -2.152  1.00 13.34 ? 177 THR A C    1 
ATOM   89   O O    . THR A 1 39  ? -7.855  -0.660  -1.780  1.00 12.97 ? 177 THR A O    1 
ATOM   90   C CB   . THR A 1 39  ? -9.003  1.973   -3.668  1.00 11.12 ? 177 THR A CB   1 
ATOM   91   O OG1  . THR A 1 39  ? -10.363 1.730   -4.016  1.00 12.70 ? 177 THR A OG1  1 
ATOM   92   C CG2  . THR A 1 39  ? -8.122  1.256   -4.686  1.00 10.44 ? 177 THR A CG2  1 
ATOM   93   H H    . THR A 1 39  ? -6.681  1.476   -1.912  1.00 0.00  ? 177 THR A H    1 
ATOM   94   H HG1  . THR A 1 39  ? -10.591 2.199   -4.866  1.00 0.00  ? 177 THR A HG1  1 
ATOM   95   N N    . GLY A 1 40  ? -9.970  -0.582  -2.471  1.00 15.39 ? 178 GLY A N    1 
ATOM   96   C CA   . GLY A 1 40  ? -10.092 -2.021  -2.401  1.00 17.76 ? 178 GLY A CA   1 
ATOM   97   C C    . GLY A 1 40  ? -11.389 -2.495  -2.992  1.00 19.09 ? 178 GLY A C    1 
ATOM   98   O O    . GLY A 1 40  ? -12.284 -1.694  -3.224  1.00 17.67 ? 178 GLY A O    1 
ATOM   99   H H    . GLY A 1 40  ? -10.721 -0.057  -2.823  1.00 0.00  ? 178 GLY A H    1 
ATOM   100  N N    . ASP A 1 41  ? -11.483 -3.801  -3.232  1.00 21.20 ? 179 ASP A N    1 
ATOM   101  C CA   . ASP A 1 41  ? -12.687 -4.408  -3.800  1.00 24.56 ? 179 ASP A CA   1 
ATOM   102  C C    . ASP A 1 41  ? -12.786 -5.920  -3.575  1.00 24.60 ? 179 ASP A C    1 
ATOM   103  O O    . ASP A 1 41  ? -11.880 -6.555  -3.047  1.00 22.12 ? 179 ASP A O    1 
ATOM   104  C CB   . ASP A 1 41  ? -12.802 -4.091  -5.315  1.00 26.81 ? 179 ASP A CB   1 
ATOM   105  C CG   . ASP A 1 41  ? -11.706 -4.751  -6.167  1.00 27.61 ? 179 ASP A CG   1 
ATOM   106  O OD1  . ASP A 1 41  ? -10.991 -5.672  -5.705  1.00 29.15 ? 179 ASP A OD1  1 
ATOM   107  O OD2  . ASP A 1 41  ? -11.579 -4.344  -7.339  1.00 29.18 ? 179 ASP A OD2  1 
ATOM   108  H H    . ASP A 1 41  ? -10.724 -4.382  -2.994  1.00 0.00  ? 179 ASP A H    1 
ATOM   109  N N    . MET A 1 42  ? -13.890 -6.493  -4.015  1.00 27.40 ? 180 MET A N    1 
ATOM   110  C CA   . MET A 1 42  ? -14.087 -7.922  -3.900  1.00 30.64 ? 180 MET A CA   1 
ATOM   111  C C    . MET A 1 42  ? -14.496 -8.409  -5.256  1.00 32.91 ? 180 MET A C    1 
ATOM   112  O O    . MET A 1 42  ? -15.448 -7.891  -5.835  1.00 33.93 ? 180 MET A O    1 
ATOM   113  C CB   . MET A 1 42  ? -15.200 -8.247  -2.911  1.00 31.05 ? 180 MET A CB   1 
ATOM   114  C CG   . MET A 1 42  ? -14.774 -8.178  -1.460  1.00 32.65 ? 180 MET A CG   1 
ATOM   115  S SD   . MET A 1 42  ? -16.027 -8.829  -0.382  1.00 34.82 ? 180 MET A SD   1 
ATOM   116  C CE   . MET A 1 42  ? -16.579 -10.220 -1.394  1.00 33.30 ? 180 MET A CE   1 
ATOM   117  H H    . MET A 1 42  ? -14.596 -5.969  -4.447  1.00 0.00  ? 180 MET A H    1 
ATOM   118  N N    . LEU A 1 43  ? -13.718 -9.323  -5.812  1.00 34.92 ? 181 LEU A N    1 
ATOM   119  C CA   . LEU A 1 43  ? -14.059 -9.898  -7.093  1.00 36.66 ? 181 LEU A CA   1 
ATOM   120  C C    . LEU A 1 43  ? -15.248 -10.787 -6.814  1.00 37.61 ? 181 LEU A C    1 
ATOM   121  O O    . LEU A 1 43  ? -15.241 -11.559 -5.858  1.00 38.05 ? 181 LEU A O    1 
ATOM   122  C CB   . LEU A 1 43  ? -12.900 -10.726 -7.623  1.00 38.48 ? 181 LEU A CB   1 
ATOM   123  C CG   . LEU A 1 43  ? -11.974 -9.962  -8.561  1.00 39.96 ? 181 LEU A CG   1 
ATOM   124  C CD1  . LEU A 1 43  ? -12.001 -8.472  -8.235  1.00 41.71 ? 181 LEU A CD1  1 
ATOM   125  C CD2  . LEU A 1 43  ? -10.580 -10.531 -8.462  1.00 40.51 ? 181 LEU A CD2  1 
ATOM   126  H H    . LEU A 1 43  ? -12.913 -9.607  -5.348  1.00 0.00  ? 181 LEU A H    1 
ATOM   127  N N    . PRO A 1 44  ? -16.305 -10.665 -7.620  1.00 38.58 ? 182 PRO A N    1 
ATOM   128  C CA   . PRO A 1 44  ? -17.510 -11.479 -7.433  1.00 39.03 ? 182 PRO A CA   1 
ATOM   129  C C    . PRO A 1 44  ? -17.233 -12.977 -7.653  1.00 38.43 ? 182 PRO A C    1 
ATOM   130  O O    . PRO A 1 44  ? -17.990 -13.827 -7.184  1.00 38.69 ? 182 PRO A O    1 
ATOM   131  C CB   . PRO A 1 44  ? -18.465 -10.909 -8.477  1.00 39.51 ? 182 PRO A CB   1 
ATOM   132  C CG   . PRO A 1 44  ? -17.522 -10.490 -9.575  1.00 40.22 ? 182 PRO A CG   1 
ATOM   133  C CD   . PRO A 1 44  ? -16.422 -9.812  -8.813  1.00 38.71 ? 182 PRO A CD   1 
ATOM   134  N N    . GLU A 1 45  ? -16.146 -13.288 -8.365  1.00 37.48 ? 183 GLU A N    1 
ATOM   135  C CA   . GLU A 1 45  ? -15.773 -14.674 -8.620  1.00 36.94 ? 183 GLU A CA   1 
ATOM   136  C C    . GLU A 1 45  ? -14.891 -15.239 -7.511  1.00 35.02 ? 183 GLU A C    1 
ATOM   137  O O    . GLU A 1 45  ? -14.414 -16.379 -7.599  1.00 34.66 ? 183 GLU A O    1 
ATOM   138  C CB   . GLU A 1 45  ? -15.073 -14.823 -9.975  1.00 38.89 ? 183 GLU A CB   1 
ATOM   139  C CG   . GLU A 1 45  ? -13.917 -13.885 -10.218 1.00 42.00 ? 183 GLU A CG   1 
ATOM   140  C CD   . GLU A 1 45  ? -14.334 -12.711 -11.077 1.00 44.88 ? 183 GLU A CD   1 
ATOM   141  O OE1  . GLU A 1 45  ? -14.636 -12.928 -12.280 1.00 47.00 ? 183 GLU A OE1  1 
ATOM   142  O OE2  . GLU A 1 45  ? -14.377 -11.579 -10.547 1.00 45.48 ? 183 GLU A OE2  1 
ATOM   143  H H    . GLU A 1 45  ? -15.590 -12.566 -8.710  1.00 0.00  ? 183 GLU A H    1 
ATOM   144  N N    . ASP A 1 46  ? -14.655 -14.420 -6.491  1.00 32.38 ? 184 ASP A N    1 
ATOM   145  C CA   . ASP A 1 46  ? -13.843 -14.815 -5.358  1.00 28.93 ? 184 ASP A CA   1 
ATOM   146  C C    . ASP A 1 46  ? -14.380 -14.112 -4.128  1.00 26.80 ? 184 ASP A C    1 
ATOM   147  O O    . ASP A 1 46  ? -13.830 -13.119 -3.675  1.00 27.55 ? 184 ASP A O    1 
ATOM   148  C CB   . ASP A 1 46  ? -12.384 -14.447 -5.581  1.00 29.21 ? 184 ASP A CB   1 
ATOM   149  C CG   . ASP A 1 46  ? -11.488 -14.925 -4.448  1.00 31.18 ? 184 ASP A CG   1 
ATOM   150  O OD1  . ASP A 1 46  ? -11.978 -15.630 -3.531  1.00 30.46 ? 184 ASP A OD1  1 
ATOM   151  O OD2  . ASP A 1 46  ? -10.288 -14.591 -4.470  1.00 32.94 ? 184 ASP A OD2  1 
ATOM   152  H H    . ASP A 1 46  ? -15.036 -13.521 -6.458  1.00 0.00  ? 184 ASP A H    1 
ATOM   153  N N    . THR A 1 47  ? -15.428 -14.676 -3.559  1.00 24.11 ? 185 THR A N    1 
ATOM   154  C CA   . THR A 1 47  ? -16.082 -14.120 -2.392  1.00 21.96 ? 185 THR A CA   1 
ATOM   155  C C    . THR A 1 47  ? -15.395 -14.376 -1.052  1.00 19.81 ? 185 THR A C    1 
ATOM   156  O O    . THR A 1 47  ? -15.961 -14.089 -0.019  1.00 20.70 ? 185 THR A O    1 
ATOM   157  C CB   . THR A 1 47  ? -17.523 -14.633 -2.331  1.00 23.10 ? 185 THR A CB   1 
ATOM   158  O OG1  . THR A 1 47  ? -17.529 -16.062 -2.140  1.00 23.75 ? 185 THR A OG1  1 
ATOM   159  C CG2  . THR A 1 47  ? -18.228 -14.315 -3.659  1.00 23.08 ? 185 THR A CG2  1 
ATOM   160  H H    . THR A 1 47  ? -15.782 -15.514 -3.933  1.00 0.00  ? 185 THR A H    1 
ATOM   161  H HG1  . THR A 1 47  ? -18.442 -16.368 -2.147  1.00 0.00  ? 185 THR A HG1  1 
ATOM   162  N N    . THR A 1 48  ? -14.188 -14.924 -1.056  1.00 17.84 ? 186 THR A N    1 
ATOM   163  C CA   . THR A 1 48  ? -13.498 -15.198 0.191   1.00 17.47 ? 186 THR A CA   1 
ATOM   164  C C    . THR A 1 48  ? -12.288 -14.310 0.426   1.00 17.37 ? 186 THR A C    1 
ATOM   165  O O    . THR A 1 48  ? -11.603 -14.466 1.441   1.00 17.82 ? 186 THR A O    1 
ATOM   166  C CB   . THR A 1 48  ? -13.030 -16.683 0.289   1.00 18.36 ? 186 THR A CB   1 
ATOM   167  O OG1  . THR A 1 48  ? -12.234 -17.016 -0.856  1.00 19.13 ? 186 THR A OG1  1 
ATOM   168  C CG2  . THR A 1 48  ? -14.206 -17.619 0.401   1.00 16.54 ? 186 THR A CG2  1 
ATOM   169  H H    . THR A 1 48  ? -13.761 -15.176 -1.900  1.00 0.00  ? 186 THR A H    1 
ATOM   170  H HG1  . THR A 1 48  ? -12.132 -17.973 -0.921  1.00 0.00  ? 186 THR A HG1  1 
ATOM   171  N N    . HIS A 1 49  ? -11.985 -13.437 -0.542  1.00 17.29 ? 187 HIS A N    1 
ATOM   172  C CA   . HIS A 1 49  ? -10.843 -12.513 -0.458  1.00 16.79 ? 187 HIS A CA   1 
ATOM   173  C C    . HIS A 1 49  ? -11.271 -11.081 -0.778  1.00 15.97 ? 187 HIS A C    1 
ATOM   174  O O    . HIS A 1 49  ? -12.206 -10.847 -1.552  1.00 17.17 ? 187 HIS A O    1 
ATOM   175  C CB   . HIS A 1 49  ? -9.768  -12.904 -1.453  1.00 16.53 ? 187 HIS A CB   1 
ATOM   176  C CG   . HIS A 1 49  ? -9.066  -14.197 -1.074  1.00 21.09 ? 187 HIS A CG   1 
ATOM   177  N ND1  . HIS A 1 49  ? -9.532  -15.464 -1.460  1.00 20.72 ? 187 HIS A ND1  1 
ATOM   178  C CD2  . HIS A 1 49  ? -7.951  -14.414 -0.351  1.00 20.33 ? 187 HIS A CD2  1 
ATOM   179  C CE1  . HIS A 1 49  ? -8.708  -16.367 -0.971  1.00 20.22 ? 187 HIS A CE1  1 
ATOM   180  N NE2  . HIS A 1 49  ? -7.764  -15.757 -0.309  1.00 20.17 ? 187 HIS A NE2  1 
ATOM   181  H H    . HIS A 1 49  ? -12.581 -13.349 -1.339  1.00 0.00  ? 187 HIS A H    1 
ATOM   182  H HD1  . HIS A 1 49  ? -10.363 -15.395 -2.006  1.00 0.00  ? 187 HIS A HD1  1 
ATOM   183  H HE2  . HIS A 1 49  ? -6.929  -16.222 0.216   1.00 0.00  ? 187 HIS A HE2  1 
ATOM   184  N N    . VAL A 1 50  ? -10.567 -10.163 -0.153  1.00 14.52 ? 188 VAL A N    1 
ATOM   185  C CA   . VAL A 1 50  ? -10.721 -8.731  -0.398  1.00 12.78 ? 188 VAL A CA   1 
ATOM   186  C C    . VAL A 1 50  ? -9.406  -8.281  -0.962  1.00 11.33 ? 188 VAL A C    1 
ATOM   187  O O    . VAL A 1 50  ? -8.342  -8.621  -0.438  1.00 11.25 ? 188 VAL A O    1 
ATOM   188  C CB   . VAL A 1 50  ? -10.987 -7.946  0.898   1.00 12.58 ? 188 VAL A CB   1 
ATOM   189  C CG1  . VAL A 1 50  ? -11.191 -6.442  0.652   1.00 14.71 ? 188 VAL A CG1  1 
ATOM   190  C CG2  . VAL A 1 50  ? -12.230 -8.411  1.653   1.00 12.09 ? 188 VAL A CG2  1 
ATOM   191  H H    . VAL A 1 50  ? -9.866  -10.378 0.525   1.00 0.00  ? 188 VAL A H    1 
ATOM   192  N N    . ARG A 1 51  ? -9.455  -7.550  -2.027  1.00 10.82 ? 189 ARG A N    1 
ATOM   193  C CA   . ARG A 1 51  ? -8.222  -7.065  -2.618  1.00 13.00 ? 189 ARG A CA   1 
ATOM   194  C C    . ARG A 1 51  ? -7.993  -5.633  -2.110  1.00 13.57 ? 189 ARG A C    1 
ATOM   195  O O    . ARG A 1 51  ? -8.935  -4.830  -2.053  1.00 13.39 ? 189 ARG A O    1 
ATOM   196  C CB   . ARG A 1 51  ? -8.322  -7.072  -4.125  1.00 15.19 ? 189 ARG A CB   1 
ATOM   197  C CG   . ARG A 1 51  ? -8.626  -8.452  -4.667  1.00 23.06 ? 189 ARG A CG   1 
ATOM   198  C CD   . ARG A 1 51  ? -9.221  -8.393  -6.055  1.00 28.81 ? 189 ARG A CD   1 
ATOM   199  N NE   . ARG A 1 51  ? -8.252  -7.958  -7.059  1.00 32.26 ? 189 ARG A NE   1 
ATOM   200  C CZ   . ARG A 1 51  ? -8.502  -7.058  -8.004  1.00 31.46 ? 189 ARG A CZ   1 
ATOM   201  N NH1  . ARG A 1 51  ? -9.696  -6.451  -8.064  1.00 31.86 ? 189 ARG A NH1  1 
ATOM   202  N NH2  . ARG A 1 51  ? -7.604  -6.742  -8.940  1.00 32.74 ? 189 ARG A NH2  1 
ATOM   203  H H    . ARG A 1 51  ? -10.311 -7.284  -2.470  1.00 0.00  ? 189 ARG A H    1 
ATOM   204  H HE   . ARG A 1 51  ? -7.339  -8.357  -7.035  1.00 0.00  ? 189 ARG A HE   1 
ATOM   205  H HH11 . ARG A 1 51  ? -10.405 -6.675  -7.392  1.00 0.00  ? 189 ARG A HH11 1 
ATOM   206  H HH12 . ARG A 1 51  ? -9.882  -5.775  -8.776  1.00 0.00  ? 189 ARG A HH12 1 
ATOM   207  H HH21 . ARG A 1 51  ? -6.709  -7.194  -8.940  1.00 0.00  ? 189 ARG A HH21 1 
ATOM   208  H HH22 . ARG A 1 51  ? -7.824  -6.066  -9.637  1.00 0.00  ? 189 ARG A HH22 1 
ATOM   209  N N    . TRP A 1 52  ? -6.765  -5.319  -1.718  1.00 13.08 ? 190 TRP A N    1 
ATOM   210  C CA   . TRP A 1 52  ? -6.440  -3.991  -1.235  1.00 12.96 ? 190 TRP A CA   1 
ATOM   211  C C    . TRP A 1 52  ? -5.326  -3.369  -2.080  1.00 13.21 ? 190 TRP A C    1 
ATOM   212  O O    . TRP A 1 52  ? -4.381  -4.073  -2.493  1.00 11.72 ? 190 TRP A O    1 
ATOM   213  C CB   . TRP A 1 52  ? -6.012  -4.033  0.242   1.00 13.56 ? 190 TRP A CB   1 
ATOM   214  C CG   . TRP A 1 52  ? -7.097  -4.455  1.218   1.00 14.24 ? 190 TRP A CG   1 
ATOM   215  C CD1  . TRP A 1 52  ? -7.217  -5.672  1.819   1.00 12.15 ? 190 TRP A CD1  1 
ATOM   216  C CD2  . TRP A 1 52  ? -8.237  -3.681  1.650   1.00 14.75 ? 190 TRP A CD2  1 
ATOM   217  N NE1  . TRP A 1 52  ? -8.347  -5.714  2.579   1.00 12.67 ? 190 TRP A NE1  1 
ATOM   218  C CE2  . TRP A 1 52  ? -8.999  -4.511  2.499   1.00 12.47 ? 190 TRP A CE2  1 
ATOM   219  C CE3  . TRP A 1 52  ? -8.692  -2.372  1.394   1.00 13.10 ? 190 TRP A CE3  1 
ATOM   220  C CZ2  . TRP A 1 52  ? -10.189 -4.084  3.096   1.00 11.67 ? 190 TRP A CZ2  1 
ATOM   221  C CZ3  . TRP A 1 52  ? -9.878  -1.950  1.988   1.00 11.91 ? 190 TRP A CZ3  1 
ATOM   222  C CH2  . TRP A 1 52  ? -10.609 -2.802  2.828   1.00 13.61 ? 190 TRP A CH2  1 
ATOM   223  H H    . TRP A 1 52  ? -6.055  -5.991  -1.755  1.00 0.00  ? 190 TRP A H    1 
ATOM   224  H HE1  . TRP A 1 52  ? -8.632  -6.514  3.070   1.00 0.00  ? 190 TRP A HE1  1 
ATOM   225  N N    . PHE A 1 53  ? -5.419  -2.048  -2.301  1.00 11.44 ? 191 PHE A N    1 
ATOM   226  C CA   . PHE A 1 53  ? -4.437  -1.297  -3.091  1.00 11.09 ? 191 PHE A CA   1 
ATOM   227  C C    . PHE A 1 53  ? -4.020  0.008   -2.418  1.00 10.91 ? 191 PHE A C    1 
ATOM   228  O O    . PHE A 1 53  ? -4.854  0.871   -2.124  1.00 12.79 ? 191 PHE A O    1 
ATOM   229  C CB   . PHE A 1 53  ? -5.017  -0.912  -4.433  1.00 11.34 ? 191 PHE A CB   1 
ATOM   230  C CG   . PHE A 1 53  ? -5.553  -2.068  -5.246  1.00 13.29 ? 191 PHE A CG   1 
ATOM   231  C CD1  . PHE A 1 53  ? -6.875  -2.470  -5.076  1.00 12.74 ? 191 PHE A CD1  1 
ATOM   232  C CD2  . PHE A 1 53  ? -4.720  -2.707  -6.164  1.00 13.77 ? 191 PHE A CD2  1 
ATOM   233  C CE1  . PHE A 1 53  ? -7.380  -3.520  -5.848  1.00 15.71 ? 191 PHE A CE1  1 
ATOM   234  C CE2  . PHE A 1 53  ? -5.220  -3.758  -6.933  1.00 16.11 ? 191 PHE A CE2  1 
ATOM   235  C CZ   . PHE A 1 53  ? -6.551  -4.163  -6.779  1.00 15.81 ? 191 PHE A CZ   1 
ATOM   236  H H    . PHE A 1 53  ? -6.177  -1.538  -1.897  1.00 0.00  ? 191 PHE A H    1 
ATOM   237  N N    . LEU A 1 54  ? -2.727  0.099   -2.210  1.00 10.18 ? 192 LEU A N    1 
ATOM   238  C CA   . LEU A 1 54  ? -2.073  1.294   -1.681  1.00 10.20 ? 192 LEU A CA   1 
ATOM   239  C C    . LEU A 1 54  ? -1.432  1.964   -2.876  1.00 11.00 ? 192 LEU A C    1 
ATOM   240  O O    . LEU A 1 54  ? -0.448  1.454   -3.428  1.00 10.89 ? 192 LEU A O    1 
ATOM   241  C CB   . LEU A 1 54  ? -0.949  0.905   -0.712  1.00 12.03 ? 192 LEU A CB   1 
ATOM   242  C CG   . LEU A 1 54  ? -1.351  0.773   0.761   1.00 13.75 ? 192 LEU A CG   1 
ATOM   243  C CD1  . LEU A 1 54  ? -2.639  -0.016  0.966   1.00 14.82 ? 192 LEU A CD1  1 
ATOM   244  C CD2  . LEU A 1 54  ? -0.276  0.045   1.581   1.00 13.44 ? 192 LEU A CD2  1 
ATOM   245  H H    . LEU A 1 54  ? -2.088  -0.641  -2.408  1.00 0.00  ? 192 LEU A H    1 
ATOM   246  N N    . ASN A 1 55  ? -1.981  3.076   -3.288  1.00 10.66 ? 193 ASN A N    1 
ATOM   247  C CA   . ASN A 1 55  ? -1.465  3.757   -4.477  1.00 12.00 ? 193 ASN A CA   1 
ATOM   248  C C    . ASN A 1 55  ? -0.688  5.016   -4.086  1.00 11.49 ? 193 ASN A C    1 
ATOM   249  O O    . ASN A 1 55  ? -1.274  6.039   -3.733  1.00 10.05 ? 193 ASN A O    1 
ATOM   250  C CB   . ASN A 1 55  ? -2.612  4.072   -5.421  1.00 13.14 ? 193 ASN A CB   1 
ATOM   251  C CG   . ASN A 1 55  ? -3.231  2.797   -5.989  1.00 15.98 ? 193 ASN A CG   1 
ATOM   252  O OD1  . ASN A 1 55  ? -2.511  1.937   -6.497  1.00 18.34 ? 193 ASN A OD1  1 
ATOM   253  N ND2  . ASN A 1 55  ? -4.529  2.621   -5.923  1.00 18.09 ? 193 ASN A ND2  1 
ATOM   254  H H    . ASN A 1 55  ? -2.752  3.508   -2.821  1.00 0.00  ? 193 ASN A H    1 
ATOM   255  H HD21 . ASN A 1 55  ? -4.935  1.788   -6.291  1.00 0.00  ? 193 ASN A HD21 1 
ATOM   256  H HD22 . ASN A 1 55  ? -5.103  3.324   -5.507  1.00 0.00  ? 193 ASN A HD22 1 
ATOM   257  N N    . ILE A 1 56  ? 0.638   4.917   -4.178  1.00 10.86 ? 194 ILE A N    1 
ATOM   258  C CA   . ILE A 1 56  ? 1.565   5.972   -3.771  1.00 12.26 ? 194 ILE A CA   1 
ATOM   259  C C    . ILE A 1 56  ? 2.238   6.773   -4.897  1.00 12.62 ? 194 ILE A C    1 
ATOM   260  O O    . ILE A 1 56  ? 2.785   6.206   -5.855  1.00 12.04 ? 194 ILE A O    1 
ATOM   261  C CB   . ILE A 1 56  ? 2.659   5.377   -2.859  1.00 11.86 ? 194 ILE A CB   1 
ATOM   262  C CG1  . ILE A 1 56  ? 2.029   4.348   -1.914  1.00 12.64 ? 194 ILE A CG1  1 
ATOM   263  C CG2  . ILE A 1 56  ? 3.365   6.476   -2.067  1.00 12.95 ? 194 ILE A CG2  1 
ATOM   264  C CD1  . ILE A 1 56  ? 3.029   3.485   -1.202  1.00 14.70 ? 194 ILE A CD1  1 
ATOM   265  H H    . ILE A 1 56  ? 0.992   4.088   -4.537  1.00 0.00  ? 194 ILE A H    1 
ATOM   266  N N    . ASN A 1 57  ? 2.248   8.098   -4.719  1.00 11.55 ? 195 ASN A N    1 
ATOM   267  C CA   . ASN A 1 57  ? 2.838   9.049   -5.669  1.00 10.18 ? 195 ASN A CA   1 
ATOM   268  C C    . ASN A 1 57  ? 2.309   8.842   -7.058  1.00 9.91  ? 195 ASN A C    1 
ATOM   269  O O    . ASN A 1 57  ? 3.058   8.672   -8.007  1.00 9.32  ? 195 ASN A O    1 
ATOM   270  C CB   . ASN A 1 57  ? 4.365   8.997   -5.689  1.00 10.54 ? 195 ASN A CB   1 
ATOM   271  C CG   . ASN A 1 57  ? 4.970   10.250  -6.325  1.00 10.63 ? 195 ASN A CG   1 
ATOM   272  O OD1  . ASN A 1 57  ? 4.240   11.127  -6.786  1.00 10.54 ? 195 ASN A OD1  1 
ATOM   273  N ND2  . ASN A 1 57  ? 6.286   10.344  -6.334  1.00 9.04  ? 195 ASN A ND2  1 
ATOM   274  H H    . ASN A 1 57  ? 1.797   8.458   -3.929  1.00 0.00  ? 195 ASN A H    1 
ATOM   275  H HD21 . ASN A 1 57  ? 6.693   11.158  -6.694  1.00 0.00  ? 195 ASN A HD21 1 
ATOM   276  H HD22 . ASN A 1 57  ? 6.806   9.588   -5.965  1.00 0.00  ? 195 ASN A HD22 1 
ATOM   277  N N    . ASN A 1 58  ? 0.993   8.917   -7.149  1.00 10.62 ? 196 ASN A N    1 
ATOM   278  C CA   . ASN A 1 58  ? 0.227   8.743   -8.364  1.00 12.44 ? 196 ASN A CA   1 
ATOM   279  C C    . ASN A 1 58  ? 0.563   9.650   -9.521  1.00 14.95 ? 196 ASN A C    1 
ATOM   280  O O    . ASN A 1 58  ? 0.271   9.310   -10.645 1.00 16.10 ? 196 ASN A O    1 
ATOM   281  C CB   . ASN A 1 58  ? -1.257  8.887   -8.041  1.00 13.68 ? 196 ASN A CB   1 
ATOM   282  C CG   . ASN A 1 58  ? -1.726  7.825   -7.074  1.00 15.90 ? 196 ASN A CG   1 
ATOM   283  O OD1  . ASN A 1 58  ? -1.718  6.643   -7.409  1.00 17.05 ? 196 ASN A OD1  1 
ATOM   284  N ND2  . ASN A 1 58  ? -2.061  8.220   -5.857  1.00 12.87 ? 196 ASN A ND2  1 
ATOM   285  H H    . ASN A 1 58  ? 0.517   9.105   -6.314  1.00 0.00  ? 196 ASN A H    1 
ATOM   286  H HD21 . ASN A 1 58  ? -2.322  7.534   -5.206  1.00 0.00  ? 196 ASN A HD21 1 
ATOM   287  H HD22 . ASN A 1 58  ? -2.018  9.176   -5.655  1.00 0.00  ? 196 ASN A HD22 1 
ATOM   288  N N    . GLU A 1 59  ? 1.147   10.809  -9.256  1.00 16.35 ? 197 GLU A N    1 
ATOM   289  C CA   . GLU A 1 59  ? 1.493   11.731  -10.334 1.00 18.18 ? 197 GLU A CA   1 
ATOM   290  C C    . GLU A 1 59  ? 2.986   11.764  -10.558 1.00 16.21 ? 197 GLU A C    1 
ATOM   291  O O    . GLU A 1 59  ? 3.469   12.559  -11.346 1.00 17.16 ? 197 GLU A O    1 
ATOM   292  C CB   . GLU A 1 59  ? 0.950   13.148  -10.075 1.00 20.33 ? 197 GLU A CB   1 
ATOM   293  C CG   . GLU A 1 59  ? -0.587  13.243  -9.947  1.00 27.04 ? 197 GLU A CG   1 
ATOM   294  C CD   . GLU A 1 59  ? -1.386  12.748  -11.174 1.00 31.53 ? 197 GLU A CD   1 
ATOM   295  O OE1  . GLU A 1 59  ? -1.025  13.069  -12.333 1.00 32.57 ? 197 GLU A OE1  1 
ATOM   296  O OE2  . GLU A 1 59  ? -2.410  12.051  -10.967 1.00 34.78 ? 197 GLU A OE2  1 
ATOM   297  H H    . GLU A 1 59  ? 1.348   10.974  -8.336  1.00 0.00  ? 197 GLU A H    1 
ATOM   298  N N    . LYS A 1 60  ? 3.710   10.902  -9.852  1.00 15.10 ? 198 LYS A N    1 
ATOM   299  C CA   . LYS A 1 60  ? 5.156   10.791  -9.989  1.00 14.97 ? 198 LYS A CA   1 
ATOM   300  C C    . LYS A 1 60  ? 5.867   12.122  -9.781  1.00 16.28 ? 198 LYS A C    1 
ATOM   301  O O    . LYS A 1 60  ? 6.758   12.505  -10.554 1.00 15.67 ? 198 LYS A O    1 
ATOM   302  C CB   . LYS A 1 60  ? 5.518   10.204  -11.356 1.00 15.87 ? 198 LYS A CB   1 
ATOM   303  C CG   . LYS A 1 60  ? 4.906   8.834   -11.630 1.00 16.78 ? 198 LYS A CG   1 
ATOM   304  C CD   . LYS A 1 60  ? 4.967   8.525   -13.104 1.00 19.77 ? 198 LYS A CD   1 
ATOM   305  C CE   . LYS A 1 60  ? 4.029   7.406   -13.471 1.00 22.52 ? 198 LYS A CE   1 
ATOM   306  N NZ   . LYS A 1 60  ? 2.640   7.679   -13.013 1.00 24.46 ? 198 LYS A NZ   1 
ATOM   307  H H    . LYS A 1 60  ? 3.269   10.317  -9.203  1.00 0.00  ? 198 LYS A H    1 
ATOM   308  H HZ1  . LYS A 1 60  ? 2.618   7.804   -11.980 1.00 0.00  ? 198 LYS A HZ1  1 
ATOM   309  H HZ2  . LYS A 1 60  ? 2.282   8.547   -13.464 1.00 0.00  ? 198 LYS A HZ2  1 
ATOM   310  H HZ3  . LYS A 1 60  ? 2.021   6.881   -13.272 1.00 0.00  ? 198 LYS A HZ3  1 
ATOM   311  N N    . SER A 1 61  ? 5.492   12.792  -8.697  1.00 15.72 ? 199 SER A N    1 
ATOM   312  C CA   . SER A 1 61  ? 6.068   14.068  -8.326  1.00 16.33 ? 199 SER A CA   1 
ATOM   313  C C    . SER A 1 61  ? 7.417   13.850  -7.685  1.00 16.07 ? 199 SER A C    1 
ATOM   314  O O    . SER A 1 61  ? 7.758   12.727  -7.282  1.00 16.71 ? 199 SER A O    1 
ATOM   315  C CB   . SER A 1 61  ? 5.187   14.728  -7.262  1.00 16.32 ? 199 SER A CB   1 
ATOM   316  O OG   . SER A 1 61  ? 3.827   14.674  -7.654  1.00 21.32 ? 199 SER A OG   1 
ATOM   317  H H    . SER A 1 61  ? 4.793   12.406  -8.095  1.00 0.00  ? 199 SER A H    1 
ATOM   318  H HG   . SER A 1 61  ? 3.727   15.019  -8.585  1.00 0.00  ? 199 SER A HG   1 
ATOM   319  N N    . TYR A 1 62  ? 8.156   14.925  -7.615  1.00 13.82 ? 200 TYR A N    1 
ATOM   320  C CA   . TYR A 1 62  ? 9.396   14.916  -6.875  1.00 14.52 ? 200 TYR A CA   1 
ATOM   321  C C    . TYR A 1 62  ? 8.942   14.957  -5.432  1.00 15.26 ? 200 TYR A C    1 
ATOM   322  O O    . TYR A 1 62  ? 7.906   15.555  -5.116  1.00 15.98 ? 200 TYR A O    1 
ATOM   323  C CB   . TYR A 1 62  ? 10.257  16.118  -7.247  1.00 13.10 ? 200 TYR A CB   1 
ATOM   324  C CG   . TYR A 1 62  ? 11.546  16.170  -6.433  1.00 12.06 ? 200 TYR A CG   1 
ATOM   325  C CD1  . TYR A 1 62  ? 12.659  15.427  -6.840  1.00 12.89 ? 200 TYR A CD1  1 
ATOM   326  C CD2  . TYR A 1 62  ? 11.606  16.952  -5.279  1.00 13.42 ? 200 TYR A CD2  1 
ATOM   327  C CE1  . TYR A 1 62  ? 13.840  15.481  -6.096  1.00 14.30 ? 200 TYR A CE1  1 
ATOM   328  C CE2  . TYR A 1 62  ? 12.784  17.003  -4.535  1.00 12.96 ? 200 TYR A CE2  1 
ATOM   329  C CZ   . TYR A 1 62  ? 13.902  16.273  -4.945  1.00 14.00 ? 200 TYR A CZ   1 
ATOM   330  O OH   . TYR A 1 62  ? 15.047  16.348  -4.224  1.00 18.30 ? 200 TYR A OH   1 
ATOM   331  H H    . TYR A 1 62  ? 7.904   15.788  -8.048  1.00 0.00  ? 200 TYR A H    1 
ATOM   332  H HH   . TYR A 1 62  ? 14.928  16.989  -3.465  1.00 0.00  ? 200 TYR A HH   1 
ATOM   333  N N    . VAL A 1 63  ? 9.685   14.333  -4.572  1.00 16.17 ? 201 VAL A N    1 
ATOM   334  C CA   . VAL A 1 63  ? 9.290   14.219  -3.167  1.00 17.43 ? 201 VAL A CA   1 
ATOM   335  C C    . VAL A 1 63  ? 10.421  14.806  -2.302  1.00 17.32 ? 201 VAL A C    1 
ATOM   336  O O    . VAL A 1 63  ? 11.604  14.529  -2.530  1.00 15.66 ? 201 VAL A O    1 
ATOM   337  C CB   . VAL A 1 63  ? 9.038   12.736  -2.900  1.00 18.96 ? 201 VAL A CB   1 
ATOM   338  C CG1  . VAL A 1 63  ? 9.804   12.206  -1.686  1.00 18.01 ? 201 VAL A CG1  1 
ATOM   339  C CG2  . VAL A 1 63  ? 7.564   12.418  -2.636  1.00 20.12 ? 201 VAL A CG2  1 
ATOM   340  H H    . VAL A 1 63  ? 10.560  13.911  -4.811  1.00 0.00  ? 201 VAL A H    1 
ATOM   341  N N    . SER A 1 64  ? 10.031  15.614  -1.322  1.00 19.25 ? 202 SER A N    1 
ATOM   342  C CA   . SER A 1 64  ? 10.997  16.347  -0.459  1.00 22.08 ? 202 SER A CA   1 
ATOM   343  C C    . SER A 1 64  ? 11.410  15.596  0.818   1.00 22.55 ? 202 SER A C    1 
ATOM   344  O O    . SER A 1 64  ? 12.451  15.896  1.423   1.00 22.79 ? 202 SER A O    1 
ATOM   345  C CB   . SER A 1 64  ? 10.405  17.669  -0.003  1.00 22.92 ? 202 SER A CB   1 
ATOM   346  O OG   . SER A 1 64  ? 10.125  18.479  -1.126  1.00 27.70 ? 202 SER A OG   1 
ATOM   347  H H    . SER A 1 64  ? 9.068   15.781  -1.106  1.00 0.00  ? 202 SER A H    1 
ATOM   348  H HG   . SER A 1 64  ? 9.796   19.368  -0.823  1.00 0.00  ? 202 SER A HG   1 
ATOM   349  N N    . LYS A 1 65  ? 10.592  14.655  1.231   1.00 24.05 ? 203 LYS A N    1 
ATOM   350  C CA   . LYS A 1 65  ? 10.888  13.835  2.423   1.00 24.89 ? 203 LYS A CA   1 
ATOM   351  C C    . LYS A 1 65  ? 10.540  12.363  2.109   1.00 23.65 ? 203 LYS A C    1 
ATOM   352  O O    . LYS A 1 65  ? 9.963   12.059  1.061   1.00 21.70 ? 203 LYS A O    1 
ATOM   353  C CB   . LYS A 1 65  ? 10.115  14.352  3.660   1.00 27.08 ? 203 LYS A CB   1 
ATOM   354  C CG   . LYS A 1 65  ? 8.589   14.423  3.489   1.00 30.76 ? 203 LYS A CG   1 
ATOM   355  C CD   . LYS A 1 65  ? 7.861   14.942  4.752   1.00 32.04 ? 203 LYS A CD   1 
ATOM   356  C CE   . LYS A 1 65  ? 7.503   13.824  5.748   1.00 34.19 ? 203 LYS A CE   1 
ATOM   357  N NZ   . LYS A 1 65  ? 6.482   14.214  6.750   1.00 30.46 ? 203 LYS A NZ   1 
ATOM   358  H H    . LYS A 1 65  ? 9.737   14.438  0.764   1.00 0.00  ? 203 LYS A H    1 
ATOM   359  H HZ1  . LYS A 1 65  ? 6.806   14.993  7.292   1.00 0.00  ? 203 LYS A HZ1  1 
ATOM   360  H HZ2  . LYS A 1 65  ? 5.629   14.471  6.292   1.00 0.00  ? 203 LYS A HZ2  1 
ATOM   361  H HZ3  . LYS A 1 65  ? 6.296   13.448  7.371   1.00 0.00  ? 203 LYS A HZ3  1 
ATOM   362  N N    . ASP A 1 66  ? 10.971  11.449  2.964   1.00 22.29 ? 204 ASP A N    1 
ATOM   363  C CA   . ASP A 1 66  ? 10.660  10.042  2.758   1.00 21.41 ? 204 ASP A CA   1 
ATOM   364  C C    . ASP A 1 66  ? 9.165   9.841   2.858   1.00 19.88 ? 204 ASP A C    1 
ATOM   365  O O    . ASP A 1 66  ? 8.468   10.648  3.456   1.00 20.90 ? 204 ASP A O    1 
ATOM   366  C CB   . ASP A 1 66  ? 11.342  9.189   3.813   1.00 22.18 ? 204 ASP A CB   1 
ATOM   367  C CG   . ASP A 1 66  ? 12.842  9.130   3.636   1.00 24.41 ? 204 ASP A CG   1 
ATOM   368  O OD1  . ASP A 1 66  ? 13.383  9.723   2.676   1.00 24.29 ? 204 ASP A OD1  1 
ATOM   369  O OD2  . ASP A 1 66  ? 13.492  8.460   4.466   1.00 28.17 ? 204 ASP A OD2  1 
ATOM   370  H H    . ASP A 1 66  ? 11.484  11.725  3.749   1.00 0.00  ? 204 ASP A H    1 
ATOM   371  N N    . ILE A 1 67  ? 8.676   8.778   2.245   1.00 18.07 ? 205 ILE A N    1 
ATOM   372  C CA   . ILE A 1 67  ? 7.265   8.453   2.272   1.00 17.09 ? 205 ILE A CA   1 
ATOM   373  C C    . ILE A 1 67  ? 7.070   7.347   3.304   1.00 17.34 ? 205 ILE A C    1 
ATOM   374  O O    . ILE A 1 67  ? 7.737   6.317   3.241   1.00 15.82 ? 205 ILE A O    1 
ATOM   375  C CB   . ILE A 1 67  ? 6.827   7.922   0.905   1.00 17.24 ? 205 ILE A CB   1 
ATOM   376  C CG1  . ILE A 1 67  ? 7.233   8.927   -0.182  1.00 15.95 ? 205 ILE A CG1  1 
ATOM   377  C CG2  . ILE A 1 67  ? 5.333   7.627   0.918   1.00 16.38 ? 205 ILE A CG2  1 
ATOM   378  C CD1  . ILE A 1 67  ? 7.203   8.410   -1.580  1.00 15.42 ? 205 ILE A CD1  1 
ATOM   379  H H    . ILE A 1 67  ? 9.279   8.175   1.765   1.00 0.00  ? 205 ILE A H    1 
ATOM   380  N N    . THR A 1 68  ? 6.169   7.552   4.251   1.00 16.65 ? 206 THR A N    1 
ATOM   381  C CA   . THR A 1 68  ? 5.920   6.536   5.256   1.00 18.07 ? 206 THR A CA   1 
ATOM   382  C C    . THR A 1 68  ? 4.449   6.249   5.288   1.00 17.31 ? 206 THR A C    1 
ATOM   383  O O    . THR A 1 68  ? 3.662   7.160   5.440   1.00 18.31 ? 206 THR A O    1 
ATOM   384  C CB   . THR A 1 68  ? 6.336   7.004   6.654   1.00 19.49 ? 206 THR A CB   1 
ATOM   385  O OG1  . THR A 1 68  ? 7.747   7.220   6.673   1.00 25.70 ? 206 THR A OG1  1 
ATOM   386  C CG2  . THR A 1 68  ? 5.985   5.949   7.706   1.00 19.96 ? 206 THR A CG2  1 
ATOM   387  H H    . THR A 1 68  ? 5.648   8.387   4.273   1.00 0.00  ? 206 THR A H    1 
ATOM   388  H HG1  . THR A 1 68  ? 7.888   7.958   6.070   1.00 0.00  ? 206 THR A HG1  1 
ATOM   389  N N    . ILE A 1 69  ? 4.072   4.990   5.132   1.00 16.67 ? 207 ILE A N    1 
ATOM   390  C CA   . ILE A 1 69  ? 2.674   4.615   5.164   1.00 16.22 ? 207 ILE A CA   1 
ATOM   391  C C    . ILE A 1 69  ? 2.484   3.614   6.278   1.00 15.59 ? 207 ILE A C    1 
ATOM   392  O O    . ILE A 1 69  ? 3.248   2.665   6.380   1.00 16.43 ? 207 ILE A O    1 
ATOM   393  C CB   . ILE A 1 69  ? 2.244   3.943   3.868   1.00 18.18 ? 207 ILE A CB   1 
ATOM   394  C CG1  . ILE A 1 69  ? 2.658   4.800   2.663   1.00 18.33 ? 207 ILE A CG1  1 
ATOM   395  C CG2  . ILE A 1 69  ? 0.716   3.663   3.911   1.00 17.49 ? 207 ILE A CG2  1 
ATOM   396  C CD1  . ILE A 1 69  ? 1.809   6.025   2.487   1.00 17.93 ? 207 ILE A CD1  1 
ATOM   397  H H    . ILE A 1 69  ? 4.748   4.293   5.013   1.00 0.00  ? 207 ILE A H    1 
ATOM   398  N N    . LYS A 1 70  ? 1.479   3.818   7.112   1.00 15.11 ? 208 LYS A N    1 
ATOM   399  C CA   . LYS A 1 70  ? 1.216   2.896   8.207   1.00 15.79 ? 208 LYS A CA   1 
ATOM   400  C C    . LYS A 1 70  ? -0.137  2.314   7.954   1.00 15.30 ? 208 LYS A C    1 
ATOM   401  O O    . LYS A 1 70  ? -1.118  3.041   7.883   1.00 15.62 ? 208 LYS A O    1 
ATOM   402  C CB   . LYS A 1 70  ? 1.207   3.620   9.534   1.00 18.11 ? 208 LYS A CB   1 
ATOM   403  C CG   . LYS A 1 70  ? 2.575   3.893   10.067  1.00 21.73 ? 208 LYS A CG   1 
ATOM   404  C CD   . LYS A 1 70  ? 2.434   4.334   11.495  1.00 26.20 ? 208 LYS A CD   1 
ATOM   405  C CE   . LYS A 1 70  ? 3.773   4.553   12.146  1.00 30.25 ? 208 LYS A CE   1 
ATOM   406  N NZ   . LYS A 1 70  ? 3.626   5.029   13.576  1.00 34.37 ? 208 LYS A NZ   1 
ATOM   407  H H    . LYS A 1 70  ? 0.881   4.581   6.984   1.00 0.00  ? 208 LYS A H    1 
ATOM   408  H HZ1  . LYS A 1 70  ? 3.103   4.321   14.129  1.00 0.00  ? 208 LYS A HZ1  1 
ATOM   409  H HZ2  . LYS A 1 70  ? 4.570   5.163   13.989  1.00 0.00  ? 208 LYS A HZ2  1 
ATOM   410  H HZ3  . LYS A 1 70  ? 3.111   5.929   13.590  1.00 0.00  ? 208 LYS A HZ3  1 
ATOM   411  N N    . ASP A 1 71  ? -0.199  0.998   7.824   1.00 14.33 ? 209 ASP A N    1 
ATOM   412  C CA   . ASP A 1 71  ? -1.454  0.329   7.529   1.00 13.91 ? 209 ASP A CA   1 
ATOM   413  C C    . ASP A 1 71  ? -1.863  -0.700  8.589   1.00 14.68 ? 209 ASP A C    1 
ATOM   414  O O    . ASP A 1 71  ? -1.054  -1.550  8.990   1.00 14.38 ? 209 ASP A O    1 
ATOM   415  C CB   . ASP A 1 71  ? -1.323  -0.360  6.175   1.00 14.36 ? 209 ASP A CB   1 
ATOM   416  C CG   . ASP A 1 71  ? -2.640  -0.814  5.632   1.00 14.88 ? 209 ASP A CG   1 
ATOM   417  O OD1  . ASP A 1 71  ? -3.347  -1.568  6.325   1.00 15.40 ? 209 ASP A OD1  1 
ATOM   418  O OD2  . ASP A 1 71  ? -2.972  -0.415  4.508   1.00 16.27 ? 209 ASP A OD2  1 
ATOM   419  H H    . ASP A 1 71  ? 0.614   0.460   7.918   1.00 0.00  ? 209 ASP A H    1 
ATOM   420  N N    . GLN A 1 72  ? -3.111  -0.616  9.039   1.00 13.94 ? 210 GLN A N    1 
ATOM   421  C CA   . GLN A 1 72  ? -3.646  -1.544  10.019  1.00 13.99 ? 210 GLN A CA   1 
ATOM   422  C C    . GLN A 1 72  ? -4.908  -2.164  9.434   1.00 13.42 ? 210 GLN A C    1 
ATOM   423  O O    . GLN A 1 72  ? -5.926  -1.501  9.264   1.00 14.49 ? 210 GLN A O    1 
ATOM   424  C CB   . GLN A 1 72  ? -3.963  -0.849  11.348  1.00 15.43 ? 210 GLN A CB   1 
ATOM   425  C CG   . GLN A 1 72  ? -2.810  -0.056  11.959  1.00 16.09 ? 210 GLN A CG   1 
ATOM   426  C CD   . GLN A 1 72  ? -2.731  1.373   11.428  1.00 16.73 ? 210 GLN A CD   1 
ATOM   427  O OE1  . GLN A 1 72  ? -3.749  2.049   11.295  1.00 19.77 ? 210 GLN A OE1  1 
ATOM   428  N NE2  . GLN A 1 72  ? -1.531  1.835   11.130  1.00 15.66 ? 210 GLN A NE2  1 
ATOM   429  H H    . GLN A 1 72  ? -3.702  0.086   8.694   1.00 0.00  ? 210 GLN A H    1 
ATOM   430  H HE21 . GLN A 1 72  ? -1.497  2.762   10.809  1.00 0.00  ? 210 GLN A HE21 1 
ATOM   431  H HE22 . GLN A 1 72  ? -0.745  1.263   11.247  1.00 0.00  ? 210 GLN A HE22 1 
ATOM   432  N N    . ILE A 1 73  ? -4.817  -3.426  9.043   1.00 11.93 ? 211 ILE A N    1 
ATOM   433  C CA   . ILE A 1 73  ? -5.957  -4.133  8.470   1.00 10.88 ? 211 ILE A CA   1 
ATOM   434  C C    . ILE A 1 73  ? -6.895  -4.398  9.628   1.00 11.89 ? 211 ILE A C    1 
ATOM   435  O O    . ILE A 1 73  ? -6.445  -4.772  10.715  1.00 12.98 ? 211 ILE A O    1 
ATOM   436  C CB   . ILE A 1 73  ? -5.502  -5.459  7.809   1.00 9.99  ? 211 ILE A CB   1 
ATOM   437  C CG1  . ILE A 1 73  ? -4.615  -5.140  6.612   1.00 10.24 ? 211 ILE A CG1  1 
ATOM   438  C CG2  . ILE A 1 73  ? -6.713  -6.308  7.401   1.00 8.61  ? 211 ILE A CG2  1 
ATOM   439  C CD1  . ILE A 1 73  ? -3.595  -6.227  6.242   1.00 10.44 ? 211 ILE A CD1  1 
ATOM   440  H H    . ILE A 1 73  ? -3.980  -3.917  9.197   1.00 0.00  ? 211 ILE A H    1 
ATOM   441  N N    . GLN A 1 74  ? -8.191  -4.203  9.421   1.00 12.34 ? 212 GLN A N    1 
ATOM   442  C CA   . GLN A 1 74  ? -9.117  -4.393  10.523  1.00 13.83 ? 212 GLN A CA   1 
ATOM   443  C C    . GLN A 1 74  ? -9.681  -5.830  10.571  1.00 15.84 ? 212 GLN A C    1 
ATOM   444  O O    . GLN A 1 74  ? -9.386  -6.668  9.712   1.00 16.57 ? 212 GLN A O    1 
ATOM   445  C CB   . GLN A 1 74  ? -10.210 -3.307  10.530  1.00 13.08 ? 212 GLN A CB   1 
ATOM   446  C CG   . GLN A 1 74  ? -9.627  -1.891  10.523  1.00 11.86 ? 212 GLN A CG   1 
ATOM   447  C CD   . GLN A 1 74  ? -8.900  -1.545  11.823  1.00 11.14 ? 212 GLN A CD   1 
ATOM   448  O OE1  . GLN A 1 74  ? -7.684  -1.346  11.814  1.00 12.36 ? 212 GLN A OE1  1 
ATOM   449  N NE2  . GLN A 1 74  ? -9.587  -1.465  12.939  1.00 13.78 ? 212 GLN A NE2  1 
ATOM   450  H H    . GLN A 1 74  ? -8.560  -3.984  8.519   1.00 0.00  ? 212 GLN A H    1 
ATOM   451  H HE21 . GLN A 1 74  ? -9.127  -1.242  13.794  1.00 0.00  ? 212 GLN A HE21 1 
ATOM   452  H HE22 . GLN A 1 74  ? -10.575 -1.627  12.923  1.00 0.00  ? 212 GLN A HE22 1 
ATOM   453  N N    . GLY A 1 75  ? -10.478 -6.032  11.612  1.00 15.85 ? 213 GLY A N    1 
ATOM   454  C CA   . GLY A 1 75  ? -11.043 -7.342  12.019  1.00 14.74 ? 213 GLY A CA   1 
ATOM   455  C C    . GLY A 1 75  ? -11.844 -8.087  10.940  1.00 14.89 ? 213 GLY A C    1 
ATOM   456  O O    . GLY A 1 75  ? -12.456 -7.483  10.051  1.00 14.82 ? 213 GLY A O    1 
ATOM   457  H H    . GLY A 1 75  ? -10.775 -5.295  12.218  1.00 0.00  ? 213 GLY A H    1 
ATOM   458  N N    . GLY A 1 76  ? -11.793 -9.403  11.107  1.00 14.66 ? 214 GLY A N    1 
ATOM   459  C CA   . GLY A 1 76  ? -12.527 -10.370 10.281  1.00 12.26 ? 214 GLY A CA   1 
ATOM   460  C C    . GLY A 1 76  ? -11.835 -10.743 8.992   1.00 10.93 ? 214 GLY A C    1 
ATOM   461  O O    . GLY A 1 76  ? -12.478 -11.253 8.082   1.00 12.55 ? 214 GLY A O    1 
ATOM   462  H H    . GLY A 1 76  ? -11.250 -9.837  11.828  1.00 0.00  ? 214 GLY A H    1 
ATOM   463  N N    . GLN A 1 77  ? -10.530 -10.528 8.916   1.00 11.47 ? 215 GLN A N    1 
ATOM   464  C CA   . GLN A 1 77  ? -9.788  -10.833 7.713   1.00 12.72 ? 215 GLN A CA   1 
ATOM   465  C C    . GLN A 1 77  ? -8.337  -11.061 8.083   1.00 13.52 ? 215 GLN A C    1 
ATOM   466  O O    . GLN A 1 77  ? -7.861  -10.573 9.104   1.00 12.14 ? 215 GLN A O    1 
ATOM   467  C CB   . GLN A 1 77  ? -9.962  -9.706  6.664   1.00 13.78 ? 215 GLN A CB   1 
ATOM   468  C CG   . GLN A 1 77  ? -9.505  -8.327  7.129   1.00 14.39 ? 215 GLN A CG   1 
ATOM   469  C CD   . GLN A 1 77  ? -9.952  -7.179  6.218   1.00 15.49 ? 215 GLN A CD   1 
ATOM   470  O OE1  . GLN A 1 77  ? -10.373 -6.127  6.703   1.00 16.05 ? 215 GLN A OE1  1 
ATOM   471  N NE2  . GLN A 1 77  ? -9.808  -7.350  4.918   1.00 12.58 ? 215 GLN A NE2  1 
ATOM   472  H H    . GLN A 1 77  ? -10.026 -10.141 9.662   1.00 0.00  ? 215 GLN A H    1 
ATOM   473  H HE21 . GLN A 1 77  ? -10.097 -6.603  4.357   1.00 0.00  ? 215 GLN A HE21 1 
ATOM   474  H HE22 . GLN A 1 77  ? -9.430  -8.181  4.614   1.00 0.00  ? 215 GLN A HE22 1 
ATOM   475  N N    . GLN A 1 78  ? -7.667  -11.893 7.301   1.00 15.83 ? 216 GLN A N    1 
ATOM   476  C CA   . GLN A 1 78  ? -6.274  -12.192 7.555   1.00 17.58 ? 216 GLN A CA   1 
ATOM   477  C C    . GLN A 1 78  ? -5.431  -11.915 6.325   1.00 16.50 ? 216 GLN A C    1 
ATOM   478  O O    . GLN A 1 78  ? -5.748  -12.370 5.229   1.00 15.32 ? 216 GLN A O    1 
ATOM   479  C CB   . GLN A 1 78  ? -6.111  -13.665 7.953   1.00 22.27 ? 216 GLN A CB   1 
ATOM   480  C CG   . GLN A 1 78  ? -4.641  -14.092 8.141   1.00 26.79 ? 216 GLN A CG   1 
ATOM   481  C CD   . GLN A 1 78  ? -3.916  -13.258 9.204   1.00 30.56 ? 216 GLN A CD   1 
ATOM   482  O OE1  . GLN A 1 78  ? -4.485  -12.961 10.263  1.00 33.69 ? 216 GLN A OE1  1 
ATOM   483  N NE2  . GLN A 1 78  ? -2.675  -12.850 8.912   1.00 31.70 ? 216 GLN A NE2  1 
ATOM   484  H H    . GLN A 1 78  ? -8.093  -12.324 6.540   1.00 0.00  ? 216 GLN A H    1 
ATOM   485  H HE21 . GLN A 1 78  ? -2.232  -12.309 9.597   1.00 0.00  ? 216 GLN A HE21 1 
ATOM   486  H HE22 . GLN A 1 78  ? -2.260  -13.083 8.056   1.00 0.00  ? 216 GLN A HE22 1 
ATOM   487  N N    . LEU A 1 79  ? -4.367  -11.149 6.508   1.00 15.65 ? 217 LEU A N    1 
ATOM   488  C CA   . LEU A 1 79  ? -3.459  -10.854 5.422   1.00 16.83 ? 217 LEU A CA   1 
ATOM   489  C C    . LEU A 1 79  ? -2.845  -12.150 4.885   1.00 17.74 ? 217 LEU A C    1 
ATOM   490  O O    . LEU A 1 79  ? -2.381  -13.007 5.650   1.00 18.30 ? 217 LEU A O    1 
ATOM   491  C CB   . LEU A 1 79  ? -2.334  -9.939  5.913   1.00 15.21 ? 217 LEU A CB   1 
ATOM   492  C CG   . LEU A 1 79  ? -1.175  -9.734  4.945   1.00 15.74 ? 217 LEU A CG   1 
ATOM   493  C CD1  . LEU A 1 79  ? -1.567  -8.920  3.715   1.00 13.63 ? 217 LEU A CD1  1 
ATOM   494  C CD2  . LEU A 1 79  ? -0.009  -8.976  5.598   1.00 16.01 ? 217 LEU A CD2  1 
ATOM   495  H H    . LEU A 1 79  ? -4.164  -10.771 7.410   1.00 0.00  ? 217 LEU A H    1 
ATOM   496  N N    . ASP A 1 80  ? -2.876  -12.262 3.572   1.00 17.75 ? 218 ASP A N    1 
ATOM   497  C CA   . ASP A 1 80  ? -2.263  -13.385 2.856   1.00 17.55 ? 218 ASP A CA   1 
ATOM   498  C C    . ASP A 1 80  ? -0.982  -12.853 2.231   1.00 17.74 ? 218 ASP A C    1 
ATOM   499  O O    . ASP A 1 80  ? -0.988  -12.314 1.119   1.00 16.15 ? 218 ASP A O    1 
ATOM   500  C CB   . ASP A 1 80  ? -3.212  -13.914 1.774   1.00 17.78 ? 218 ASP A CB   1 
ATOM   501  C CG   . ASP A 1 80  ? -2.725  -15.226 1.149   1.00 18.63 ? 218 ASP A CG   1 
ATOM   502  O OD1  . ASP A 1 80  ? -1.512  -15.619 1.342   1.00 17.19 ? 218 ASP A OD1  1 
ATOM   503  O OD2  . ASP A 1 80  ? -3.526  -15.938 0.433   1.00 21.08 ? 218 ASP A OD2  1 
ATOM   504  H H    . ASP A 1 80  ? -3.313  -11.587 2.979   1.00 0.00  ? 218 ASP A H    1 
ATOM   505  N N    . LEU A 1 81  ? 0.093   -12.999 2.974   1.00 19.84 ? 219 LEU A N    1 
ATOM   506  C CA   . LEU A 1 81  ? 1.389   -12.456 2.559   1.00 21.98 ? 219 LEU A CA   1 
ATOM   507  C C    . LEU A 1 81  ? 1.853   -12.952 1.214   1.00 22.09 ? 219 LEU A C    1 
ATOM   508  O O    . LEU A 1 81  ? 2.535   -12.232 0.491   1.00 24.45 ? 219 LEU A O    1 
ATOM   509  C CB   . LEU A 1 81  ? 2.493   -12.760 3.556   1.00 24.88 ? 219 LEU A CB   1 
ATOM   510  C CG   . LEU A 1 81  ? 3.661   -11.788 3.390   1.00 27.65 ? 219 LEU A CG   1 
ATOM   511  C CD1  . LEU A 1 81  ? 3.239   -10.323 3.548   1.00 30.75 ? 219 LEU A CD1  1 
ATOM   512  C CD2  . LEU A 1 81  ? 4.783   -12.020 4.396   1.00 28.68 ? 219 LEU A CD2  1 
ATOM   513  H H    . LEU A 1 81  ? 0.087   -13.479 3.852   1.00 0.00  ? 219 LEU A H    1 
ATOM   514  N N    . SER A 1 82  ? 1.457   -14.159 0.841   1.00 20.81 ? 220 SER A N    1 
ATOM   515  C CA   . SER A 1 82  ? 1.866   -14.679 -0.442  1.00 19.30 ? 220 SER A CA   1 
ATOM   516  C C    . SER A 1 82  ? 1.247   -13.897 -1.617  1.00 18.93 ? 220 SER A C    1 
ATOM   517  O O    . SER A 1 82  ? 1.704   -14.030 -2.754  1.00 18.54 ? 220 SER A O    1 
ATOM   518  C CB   . SER A 1 82  ? 1.518   -16.160 -0.534  1.00 19.32 ? 220 SER A CB   1 
ATOM   519  O OG   . SER A 1 82  ? 0.120   -16.336 -0.589  1.00 21.26 ? 220 SER A OG   1 
ATOM   520  H H    . SER A 1 82  ? 0.886   -14.716 1.403   1.00 0.00  ? 220 SER A H    1 
ATOM   521  H HG   . SER A 1 82  ? -0.037  -17.256 -0.834  1.00 0.00  ? 220 SER A HG   1 
ATOM   522  N N    . THR A 1 83  ? 0.206   -13.099 -1.366  1.00 17.46 ? 221 THR A N    1 
ATOM   523  C CA   . THR A 1 83  ? -0.420  -12.317 -2.445  1.00 18.27 ? 221 THR A CA   1 
ATOM   524  C C    . THR A 1 83  ? 0.136   -10.891 -2.610  1.00 18.11 ? 221 THR A C    1 
ATOM   525  O O    . THR A 1 83  ? -0.318  -10.131 -3.477  1.00 18.48 ? 221 THR A O    1 
ATOM   526  C CB   . THR A 1 83  ? -1.941  -12.114 -2.252  1.00 19.01 ? 221 THR A CB   1 
ATOM   527  O OG1  . THR A 1 83  ? -2.194  -11.510 -0.992  1.00 18.34 ? 221 THR A OG1  1 
ATOM   528  C CG2  . THR A 1 83  ? -2.725  -13.427 -2.303  1.00 20.58 ? 221 THR A CG2  1 
ATOM   529  H H    . THR A 1 83  ? -0.170  -13.013 -0.444  1.00 0.00  ? 221 THR A H    1 
ATOM   530  H HG1  . THR A 1 83  ? -2.048  -12.172 -0.259  1.00 0.00  ? 221 THR A HG1  1 
ATOM   531  N N    . LEU A 1 84  ? 1.107   -10.551 -1.798  1.00 19.64 ? 222 LEU A N    1 
ATOM   532  C CA   . LEU A 1 84  ? 1.713   -9.197  -1.792  1.00 20.54 ? 222 LEU A CA   1 
ATOM   533  C C    . LEU A 1 84  ? 2.556   -8.969  -3.056  1.00 20.97 ? 222 LEU A C    1 
ATOM   534  O O    . LEU A 1 84  ? 3.522   -9.698  -3.318  1.00 21.58 ? 222 LEU A O    1 
ATOM   535  C CB   . LEU A 1 84  ? 2.611   -9.068  -0.548  1.00 21.12 ? 222 LEU A CB   1 
ATOM   536  C CG   . LEU A 1 84  ? 3.077   -7.640  -0.199  1.00 23.12 ? 222 LEU A CG   1 
ATOM   537  C CD1  . LEU A 1 84  ? 4.193   -7.129  -1.111  1.00 22.39 ? 222 LEU A CD1  1 
ATOM   538  C CD2  . LEU A 1 84  ? 1.965   -6.596  -0.265  1.00 22.61 ? 222 LEU A CD2  1 
ATOM   539  H H    . LEU A 1 84  ? 1.505   -11.180 -1.134  1.00 0.00  ? 222 LEU A H    1 
ATOM   540  N N    . ASN A 1 85  ? 2.165   -7.959  -3.823  1.00 19.97 ? 223 ASN A N    1 
ATOM   541  C CA   . ASN A 1 85  ? 2.919   -7.559  -5.025  1.00 19.40 ? 223 ASN A CA   1 
ATOM   542  C C    . ASN A 1 85  ? 3.025   -6.028  -5.088  1.00 18.55 ? 223 ASN A C    1 
ATOM   543  O O    . ASN A 1 85  ? 2.158   -5.296  -4.589  1.00 15.91 ? 223 ASN A O    1 
ATOM   544  C CB   . ASN A 1 85  ? 2.313   -8.160  -6.290  1.00 22.16 ? 223 ASN A CB   1 
ATOM   545  C CG   . ASN A 1 85  ? 0.950   -7.607  -6.628  1.00 25.14 ? 223 ASN A CG   1 
ATOM   546  O OD1  . ASN A 1 85  ? -0.039  -8.327  -6.522  1.00 26.94 ? 223 ASN A OD1  1 
ATOM   547  N ND2  . ASN A 1 85  ? 0.844   -6.366  -7.034  1.00 29.39 ? 223 ASN A ND2  1 
ATOM   548  H H    . ASN A 1 85  ? 1.345   -7.418  -3.634  1.00 0.00  ? 223 ASN A H    1 
ATOM   549  H HD21 . ASN A 1 85  ? -0.053  -5.997  -7.255  1.00 0.00  ? 223 ASN A HD21 1 
ATOM   550  H HD22 . ASN A 1 85  ? 1.662   -5.800  -7.122  1.00 0.00  ? 223 ASN A HD22 1 
ATOM   551  N N    . ILE A 1 86  ? 4.098   -5.559  -5.710  1.00 17.68 ? 224 ILE A N    1 
ATOM   552  C CA   . ILE A 1 86  ? 4.384   -4.133  -5.815  1.00 16.99 ? 224 ILE A CA   1 
ATOM   553  C C    . ILE A 1 86  ? 4.685   -3.810  -7.257  1.00 15.67 ? 224 ILE A C    1 
ATOM   554  O O    . ILE A 1 86  ? 5.477   -4.498  -7.907  1.00 15.12 ? 224 ILE A O    1 
ATOM   555  C CB   . ILE A 1 86  ? 5.611   -3.804  -4.959  1.00 18.49 ? 224 ILE A CB   1 
ATOM   556  C CG1  . ILE A 1 86  ? 5.448   -4.465  -3.578  1.00 18.19 ? 224 ILE A CG1  1 
ATOM   557  C CG2  . ILE A 1 86  ? 5.796   -2.288  -4.847  1.00 18.06 ? 224 ILE A CG2  1 
ATOM   558  C CD1  . ILE A 1 86  ? 6.732   -4.726  -2.839  1.00 19.80 ? 224 ILE A CD1  1 
ATOM   559  H H    . ILE A 1 86  ? 4.720   -6.187  -6.136  1.00 0.00  ? 224 ILE A H    1 
ATOM   560  N N    . ASN A 1 87  ? 3.969   -2.837  -7.788  1.00 14.81 ? 225 ASN A N    1 
ATOM   561  C CA   . ASN A 1 87  ? 4.167   -2.403  -9.155  1.00 15.78 ? 225 ASN A CA   1 
ATOM   562  C C    . ASN A 1 87  ? 4.753   -0.999  -9.113  1.00 16.71 ? 225 ASN A C    1 
ATOM   563  O O    . ASN A 1 87  ? 4.137   -0.087  -8.557  1.00 18.42 ? 225 ASN A O    1 
ATOM   564  C CB   . ASN A 1 87  ? 2.833   -2.368  -9.889  1.00 15.89 ? 225 ASN A CB   1 
ATOM   565  C CG   . ASN A 1 87  ? 2.994   -2.169  -11.385 1.00 19.08 ? 225 ASN A CG   1 
ATOM   566  O OD1  . ASN A 1 87  ? 4.032   -2.482  -11.963 1.00 19.05 ? 225 ASN A OD1  1 
ATOM   567  N ND2  . ASN A 1 87  ? 1.954   -1.660  -12.023 1.00 22.28 ? 225 ASN A ND2  1 
ATOM   568  H H    . ASN A 1 87  ? 3.284   -2.390  -7.247  1.00 0.00  ? 225 ASN A H    1 
ATOM   569  H HD21 . ASN A 1 87  ? 2.067   -1.558  -12.993 1.00 0.00  ? 225 ASN A HD21 1 
ATOM   570  H HD22 . ASN A 1 87  ? 1.140   -1.416  -11.540 1.00 0.00  ? 225 ASN A HD22 1 
ATOM   571  N N    . VAL A 1 88  ? 5.945   -0.819  -9.656  1.00 16.02 ? 226 VAL A N    1 
ATOM   572  C CA   . VAL A 1 88  ? 6.570   0.495   -9.667  1.00 15.47 ? 226 VAL A CA   1 
ATOM   573  C C    . VAL A 1 88  ? 6.594   0.991   -11.102 1.00 17.56 ? 226 VAL A C    1 
ATOM   574  O O    . VAL A 1 88  ? 7.063   0.269   -11.976 1.00 16.98 ? 226 VAL A O    1 
ATOM   575  C CB   . VAL A 1 88  ? 8.024   0.420   -9.223  1.00 12.97 ? 226 VAL A CB   1 
ATOM   576  C CG1  . VAL A 1 88  ? 8.642   1.811   -9.196  1.00 12.11 ? 226 VAL A CG1  1 
ATOM   577  C CG2  . VAL A 1 88  ? 8.127   -0.267  -7.887  1.00 11.67 ? 226 VAL A CG2  1 
ATOM   578  H H    . VAL A 1 88  ? 6.411   -1.566  -10.089 1.00 0.00  ? 226 VAL A H    1 
ATOM   579  N N    . THR A 1 89  ? 6.072   2.188   -11.366 1.00 18.43 ? 227 THR A N    1 
ATOM   580  C CA   . THR A 1 89  ? 6.124   2.747   -12.711 1.00 20.87 ? 227 THR A CA   1 
ATOM   581  C C    . THR A 1 89  ? 6.722   4.167   -12.691 1.00 21.28 ? 227 THR A C    1 
ATOM   582  O O    . THR A 1 89  ? 6.486   4.940   -11.766 1.00 21.35 ? 227 THR A O    1 
ATOM   583  C CB   . THR A 1 89  ? 4.760   2.740   -13.417 1.00 22.97 ? 227 THR A CB   1 
ATOM   584  O OG1  . THR A 1 89  ? 3.864   3.639   -12.763 1.00 27.70 ? 227 THR A OG1  1 
ATOM   585  C CG2  . THR A 1 89  ? 4.148   1.328   -13.392 1.00 26.44 ? 227 THR A CG2  1 
ATOM   586  H H    . THR A 1 89  ? 5.670   2.713   -10.642 1.00 0.00  ? 227 THR A H    1 
ATOM   587  H HG1  . THR A 1 89  ? 3.754   3.316   -11.862 1.00 0.00  ? 227 THR A HG1  1 
ATOM   588  N N    . GLY A 1 90  ? 7.567   4.466   -13.666 1.00 20.29 ? 228 GLY A N    1 
ATOM   589  C CA   . GLY A 1 90  ? 8.177   5.775   -13.722 1.00 21.25 ? 228 GLY A CA   1 
ATOM   590  C C    . GLY A 1 90  ? 9.624   5.676   -14.148 1.00 21.57 ? 228 GLY A C    1 
ATOM   591  O O    . GLY A 1 90  ? 9.926   5.151   -15.215 1.00 22.58 ? 228 GLY A O    1 
ATOM   592  H H    . GLY A 1 90  ? 7.812   3.792   -14.336 1.00 0.00  ? 228 GLY A H    1 
ATOM   593  N N    . THR A 1 91  ? 10.528  6.198   -13.339 1.00 20.91 ? 229 THR A N    1 
ATOM   594  C CA   . THR A 1 91  ? 11.932  6.121   -13.683 1.00 23.11 ? 229 THR A CA   1 
ATOM   595  C C    . THR A 1 91  ? 12.473  4.692   -13.497 1.00 25.54 ? 229 THR A C    1 
ATOM   596  O O    . THR A 1 91  ? 13.319  4.237   -14.285 1.00 25.91 ? 229 THR A O    1 
ATOM   597  C CB   . THR A 1 91  ? 12.756  7.125   -12.860 1.00 21.91 ? 229 THR A CB   1 
ATOM   598  O OG1  . THR A 1 91  ? 12.382  8.448   -13.252 1.00 20.91 ? 229 THR A OG1  1 
ATOM   599  C CG2  . THR A 1 91  ? 14.234  6.953   -13.101 1.00 22.21 ? 229 THR A CG2  1 
ATOM   600  H H    . THR A 1 91  ? 10.226  6.607   -12.497 1.00 0.00  ? 229 THR A H    1 
ATOM   601  H HG1  . THR A 1 91  ? 11.480  8.602   -12.938 1.00 0.00  ? 229 THR A HG1  1 
ATOM   602  N N    . HIS A 1 92  ? 11.965  3.984   -12.483 1.00 26.28 ? 230 HIS A N    1 
ATOM   603  C CA   . HIS A 1 92  ? 12.406  2.622   -12.177 1.00 27.54 ? 230 HIS A CA   1 
ATOM   604  C C    . HIS A 1 92  ? 11.293  1.603   -12.308 1.00 28.00 ? 230 HIS A C    1 
ATOM   605  O O    . HIS A 1 92  ? 10.962  0.923   -11.343 1.00 29.42 ? 230 HIS A O    1 
ATOM   606  C CB   . HIS A 1 92  ? 13.001  2.569   -10.768 1.00 28.07 ? 230 HIS A CB   1 
ATOM   607  C CG   . HIS A 1 92  ? 14.190  3.462   -10.594 1.00 31.28 ? 230 HIS A CG   1 
ATOM   608  N ND1  . HIS A 1 92  ? 15.250  3.465   -11.477 1.00 33.58 ? 230 HIS A ND1  1 
ATOM   609  C CD2  . HIS A 1 92  ? 14.460  4.430   -9.682  1.00 32.71 ? 230 HIS A CD2  1 
ATOM   610  C CE1  . HIS A 1 92  ? 16.116  4.396   -11.122 1.00 33.81 ? 230 HIS A CE1  1 
ATOM   611  N NE2  . HIS A 1 92  ? 15.662  4.997   -10.035 1.00 34.57 ? 230 HIS A NE2  1 
ATOM   612  H H    . HIS A 1 92  ? 11.233  4.368   -11.951 1.00 0.00  ? 230 HIS A H    1 
ATOM   613  H HD1  . HIS A 1 92  ? 15.360  2.888   -12.272 1.00 0.00  ? 230 HIS A HD1  1 
ATOM   614  H HE2  . HIS A 1 92  ? 16.128  5.727   -9.565  1.00 0.00  ? 230 HIS A HE2  1 
ATOM   615  N N    . SER A 1 93  ? 10.724  1.495   -13.504 1.00 28.04 ? 231 SER A N    1 
ATOM   616  C CA   . SER A 1 93  ? 9.640   0.555   -13.766 1.00 29.52 ? 231 SER A CA   1 
ATOM   617  C C    . SER A 1 93  ? 10.009  -0.923  -13.599 1.00 30.16 ? 231 SER A C    1 
ATOM   618  O O    . SER A 1 93  ? 10.810  -1.462  -14.381 1.00 32.05 ? 231 SER A O    1 
ATOM   619  C CB   . SER A 1 93  ? 9.084   0.756   -15.178 1.00 29.45 ? 231 SER A CB   1 
ATOM   620  O OG   . SER A 1 93  ? 8.108   1.775   -15.210 1.00 30.75 ? 231 SER A OG   1 
ATOM   621  H H    . SER A 1 93  ? 11.044  2.042   -14.249 1.00 0.00  ? 231 SER A H    1 
ATOM   622  H HG   . SER A 1 93  ? 7.780   1.835   -16.113 1.00 0.00  ? 231 SER A HG   1 
ATOM   623  N N    . ASN A 1 94  ? 9.367   -1.578  -12.629 1.00 29.00 ? 232 ASN A N    1 
ATOM   624  C CA   . ASN A 1 94  ? 9.566   -2.994  -12.341 1.00 28.19 ? 232 ASN A CA   1 
ATOM   625  C C    . ASN A 1 94  ? 8.352   -3.556  -11.614 1.00 26.78 ? 232 ASN A C    1 
ATOM   626  O O    . ASN A 1 94  ? 7.601   -2.806  -10.980 1.00 25.13 ? 232 ASN A O    1 
ATOM   627  C CB   . ASN A 1 94  ? 10.806  -3.216  -11.478 1.00 32.44 ? 232 ASN A CB   1 
ATOM   628  C CG   . ASN A 1 94  ? 11.988  -3.778  -12.273 1.00 36.89 ? 232 ASN A CG   1 
ATOM   629  O OD1  . ASN A 1 94  ? 12.918  -3.050  -12.631 1.00 39.61 ? 232 ASN A OD1  1 
ATOM   630  N ND2  . ASN A 1 94  ? 11.969  -5.085  -12.522 1.00 38.36 ? 232 ASN A ND2  1 
ATOM   631  H H    . ASN A 1 94  ? 8.721   -1.089  -12.071 1.00 0.00  ? 232 ASN A H    1 
ATOM   632  H HD21 . ASN A 1 94  ? 12.714  -5.398  -13.074 1.00 0.00  ? 232 ASN A HD21 1 
ATOM   633  H HD22 . ASN A 1 94  ? 11.260  -5.673  -12.203 1.00 0.00  ? 232 ASN A HD22 1 
ATOM   634  N N    . TYR A 1 95  ? 8.141   -4.868  -11.726 1.00 23.79 ? 233 TYR A N    1 
ATOM   635  C CA   . TYR A 1 95  ? 7.019   -5.516  -11.061 1.00 22.96 ? 233 TYR A CA   1 
ATOM   636  C C    . TYR A 1 95  ? 7.546   -6.579  -10.115 1.00 22.44 ? 233 TYR A C    1 
ATOM   637  O O    . TYR A 1 95  ? 8.268   -7.471  -10.543 1.00 24.31 ? 233 TYR A O    1 
ATOM   638  C CB   . TYR A 1 95  ? 6.090   -6.152  -12.079 1.00 21.48 ? 233 TYR A CB   1 
ATOM   639  C CG   . TYR A 1 95  ? 4.896   -6.780  -11.435 1.00 23.01 ? 233 TYR A CG   1 
ATOM   640  C CD1  . TYR A 1 95  ? 3.847   -5.994  -10.977 1.00 21.68 ? 233 TYR A CD1  1 
ATOM   641  C CD2  . TYR A 1 95  ? 4.803   -8.167  -11.282 1.00 22.73 ? 233 TYR A CD2  1 
ATOM   642  C CE1  . TYR A 1 95  ? 2.732   -6.564  -10.394 1.00 23.35 ? 233 TYR A CE1  1 
ATOM   643  C CE2  . TYR A 1 95  ? 3.684   -8.746  -10.699 1.00 22.58 ? 233 TYR A CE2  1 
ATOM   644  C CZ   . TYR A 1 95  ? 2.653   -7.936  -10.264 1.00 23.43 ? 233 TYR A CZ   1 
ATOM   645  O OH   . TYR A 1 95  ? 1.511   -8.483  -9.742  1.00 24.83 ? 233 TYR A OH   1 
ATOM   646  H H    . TYR A 1 95  ? 8.728   -5.423  -12.272 1.00 0.00  ? 233 TYR A H    1 
ATOM   647  H HH   . TYR A 1 95  ? 1.562   -9.444  -9.765  1.00 0.00  ? 233 TYR A HH   1 
ATOM   648  N N    . TYR A 1 96  ? 7.228   -6.464  -8.832  1.00 22.19 ? 234 TYR A N    1 
ATOM   649  C CA   . TYR A 1 96  ? 7.694   -7.424  -7.834  1.00 22.95 ? 234 TYR A CA   1 
ATOM   650  C C    . TYR A 1 96  ? 6.540   -8.301  -7.390  1.00 25.13 ? 234 TYR A C    1 
ATOM   651  O O    . TYR A 1 96  ? 5.467   -7.814  -7.016  1.00 24.78 ? 234 TYR A O    1 
ATOM   652  C CB   . TYR A 1 96  ? 8.312   -6.706  -6.638  1.00 22.78 ? 234 TYR A CB   1 
ATOM   653  C CG   . TYR A 1 96  ? 9.433   -5.786  -7.050  1.00 24.65 ? 234 TYR A CG   1 
ATOM   654  C CD1  . TYR A 1 96  ? 10.727  -6.273  -7.226  1.00 24.58 ? 234 TYR A CD1  1 
ATOM   655  C CD2  . TYR A 1 96  ? 9.180   -4.443  -7.358  1.00 24.57 ? 234 TYR A CD2  1 
ATOM   656  C CE1  . TYR A 1 96  ? 11.736  -5.453  -7.706  1.00 25.43 ? 234 TYR A CE1  1 
ATOM   657  C CE2  . TYR A 1 96  ? 10.177  -3.621  -7.844  1.00 25.70 ? 234 TYR A CE2  1 
ATOM   658  C CZ   . TYR A 1 96  ? 11.452  -4.132  -8.022  1.00 26.46 ? 234 TYR A CZ   1 
ATOM   659  O OH   . TYR A 1 96  ? 12.426  -3.342  -8.582  1.00 27.92 ? 234 TYR A OH   1 
ATOM   660  H H    . TYR A 1 96  ? 6.655   -5.726  -8.554  1.00 0.00  ? 234 TYR A H    1 
ATOM   661  H HH   . TYR A 1 96  ? 13.261  -3.820  -8.605  1.00 0.00  ? 234 TYR A HH   1 
ATOM   662  N N    . SER A 1 97  ? 6.762   -9.608  -7.461  1.00 26.68 ? 235 SER A N    1 
ATOM   663  C CA   . SER A 1 97  ? 5.741   -10.581 -7.108  1.00 28.59 ? 235 SER A CA   1 
ATOM   664  C C    . SER A 1 97  ? 6.434   -11.836 -6.610  1.00 29.56 ? 235 SER A C    1 
ATOM   665  O O    . SER A 1 97  ? 7.669   -11.933 -6.649  1.00 30.16 ? 235 SER A O    1 
ATOM   666  C CB   . SER A 1 97  ? 4.923   -10.921 -8.361  1.00 28.44 ? 235 SER A CB   1 
ATOM   667  O OG   . SER A 1 97  ? 3.654   -11.467 -8.048  1.00 30.31 ? 235 SER A OG   1 
ATOM   668  H H    . SER A 1 97  ? 7.637   -9.950  -7.743  1.00 0.00  ? 235 SER A H    1 
ATOM   669  H HG   . SER A 1 97  ? 3.151   -10.830 -7.521  1.00 0.00  ? 235 SER A HG   1 
ATOM   670  N N    . GLY A 1 98  ? 5.629   -12.778 -6.130  1.00 31.74 ? 236 GLY A N    1 
ATOM   671  C CA   . GLY A 1 98  ? 6.142   -14.047 -5.645  1.00 33.90 ? 236 GLY A CA   1 
ATOM   672  C C    . GLY A 1 98  ? 6.468   -14.054 -4.174  1.00 35.22 ? 236 GLY A C    1 
ATOM   673  O O    . GLY A 1 98  ? 6.048   -13.183 -3.426  1.00 34.86 ? 236 GLY A O    1 
ATOM   674  H H    . GLY A 1 98  ? 4.669   -12.587 -6.071  1.00 0.00  ? 236 GLY A H    1 
ATOM   675  N N    . GLN A 1 99  ? 7.279   -15.014 -3.757  1.00 37.48 ? 237 GLN A N    1 
ATOM   676  C CA   . GLN A 1 99  ? 7.613   -15.096 -2.352  1.00 39.49 ? 237 GLN A CA   1 
ATOM   677  C C    . GLN A 1 99  ? 8.784   -14.220 -1.905  1.00 39.19 ? 237 GLN A C    1 
ATOM   678  O O    . GLN A 1 99  ? 8.961   -13.974 -0.706  1.00 39.87 ? 237 GLN A O    1 
ATOM   679  C CB   . GLN A 1 99  ? 7.786   -16.554 -1.931  1.00 42.16 ? 237 GLN A CB   1 
ATOM   680  C CG   . GLN A 1 99  ? 7.164   -16.861 -0.556  1.00 46.39 ? 237 GLN A CG   1 
ATOM   681  C CD   . GLN A 1 99  ? 5.787   -16.194 -0.331  1.00 47.89 ? 237 GLN A CD   1 
ATOM   682  O OE1  . GLN A 1 99  ? 4.762   -16.635 -0.872  1.00 48.02 ? 237 GLN A OE1  1 
ATOM   683  N NE2  . GLN A 1 99  ? 5.769   -15.133 0.484   1.00 49.32 ? 237 GLN A NE2  1 
ATOM   684  H H    . GLN A 1 99  ? 7.638   -15.672 -4.389  1.00 0.00  ? 237 GLN A H    1 
ATOM   685  H HE21 . GLN A 1 99  ? 4.907   -14.703 0.636   1.00 0.00  ? 237 GLN A HE21 1 
ATOM   686  H HE22 . GLN A 1 99  ? 6.614   -14.822 0.871   1.00 0.00  ? 237 GLN A HE22 1 
ATOM   687  N N    . SER A 1 100 ? 9.563   -13.722 -2.862  1.00 38.55 ? 238 SER A N    1 
ATOM   688  C CA   . SER A 1 100 ? 10.684  -12.851 -2.526  1.00 37.51 ? 238 SER A CA   1 
ATOM   689  C C    . SER A 1 100 ? 10.394  -11.368 -2.808  1.00 35.11 ? 238 SER A C    1 
ATOM   690  O O    . SER A 1 100 ? 11.259  -10.530 -2.590  1.00 35.06 ? 238 SER A O    1 
ATOM   691  C CB   . SER A 1 100 ? 11.975  -13.305 -3.245  1.00 38.77 ? 238 SER A CB   1 
ATOM   692  O OG   . SER A 1 100 ? 11.801  -13.439 -4.654  1.00 40.72 ? 238 SER A OG   1 
ATOM   693  H H    . SER A 1 100 ? 9.423   -13.962 -3.800  1.00 0.00  ? 238 SER A H    1 
ATOM   694  H HG   . SER A 1 100 ? 11.644  -12.566 -5.030  1.00 0.00  ? 238 SER A HG   1 
ATOM   695  N N    . ALA A 1 101 ? 9.166   -11.049 -3.219  1.00 32.37 ? 239 ALA A N    1 
ATOM   696  C CA   . ALA A 1 101 ? 8.745   -9.670  -3.557  1.00 30.65 ? 239 ALA A CA   1 
ATOM   697  C C    . ALA A 1 101 ? 9.301   -8.528  -2.672  1.00 29.45 ? 239 ALA A C    1 
ATOM   698  O O    . ALA A 1 101 ? 9.937   -7.585  -3.163  1.00 27.09 ? 239 ALA A O    1 
ATOM   699  C CB   . ALA A 1 101 ? 7.224   -9.606  -3.585  1.00 30.30 ? 239 ALA A CB   1 
ATOM   700  H H    . ALA A 1 101 ? 8.491   -11.754 -3.290  1.00 0.00  ? 239 ALA A H    1 
ATOM   701  N N    . ILE A 1 102 ? 9.044   -8.628  -1.369  1.00 29.49 ? 240 ILE A N    1 
ATOM   702  C CA   . ILE A 1 102 ? 9.499   -7.643  -0.398  1.00 29.01 ? 240 ILE A CA   1 
ATOM   703  C C    . ILE A 1 102 ? 11.001  -7.531  -0.450  1.00 29.62 ? 240 ILE A C    1 
ATOM   704  O O    . ILE A 1 102 ? 11.520  -6.439  -0.641  1.00 31.20 ? 240 ILE A O    1 
ATOM   705  C CB   . ILE A 1 102 ? 9.032   -7.991  1.033   1.00 27.98 ? 240 ILE A CB   1 
ATOM   706  C CG1  . ILE A 1 102 ? 7.523   -7.772  1.150   1.00 26.60 ? 240 ILE A CG1  1 
ATOM   707  C CG2  . ILE A 1 102 ? 9.775   -7.155  2.059   1.00 28.69 ? 240 ILE A CG2  1 
ATOM   708  C CD1  . ILE A 1 102 ? 6.984   -7.931  2.537   1.00 24.51 ? 240 ILE A CD1  1 
ATOM   709  H H    . ILE A 1 102 ? 8.512   -9.393  -1.062  1.00 0.00  ? 240 ILE A H    1 
ATOM   710  N N    . THR A 1 103 ? 11.700  -8.659  -0.360  1.00 29.36 ? 241 THR A N    1 
ATOM   711  C CA   . THR A 1 103 ? 13.165  -8.659  -0.408  1.00 29.11 ? 241 THR A CA   1 
ATOM   712  C C    . THR A 1 103 ? 13.776  -8.146  -1.734  1.00 28.60 ? 241 THR A C    1 
ATOM   713  O O    . THR A 1 103 ? 14.792  -7.428  -1.731  1.00 28.03 ? 241 THR A O    1 
ATOM   714  C CB   . THR A 1 103 ? 13.724  -10.064 -0.025  1.00 30.93 ? 241 THR A CB   1 
ATOM   715  O OG1  . THR A 1 103 ? 13.430  -10.336 1.360   1.00 29.65 ? 241 THR A OG1  1 
ATOM   716  C CG2  . THR A 1 103 ? 15.238  -10.138 -0.263  1.00 30.97 ? 241 THR A CG2  1 
ATOM   717  H H    . THR A 1 103 ? 11.244  -9.517  -0.252  1.00 0.00  ? 241 THR A H    1 
ATOM   718  H HG1  . THR A 1 103 ? 13.888  -9.697  1.914   1.00 0.00  ? 241 THR A HG1  1 
ATOM   719  N N    . ASP A 1 104 ? 13.151  -8.492  -2.856  1.00 28.70 ? 242 ASP A N    1 
ATOM   720  C CA   . ASP A 1 104 ? 13.606  -8.052  -4.179  1.00 28.77 ? 242 ASP A CA   1 
ATOM   721  C C    . ASP A 1 104 ? 13.404  -6.556  -4.338  1.00 28.44 ? 242 ASP A C    1 
ATOM   722  O O    . ASP A 1 104 ? 14.200  -5.886  -4.987  1.00 28.42 ? 242 ASP A O    1 
ATOM   723  C CB   . ASP A 1 104 ? 12.861  -8.804  -5.283  1.00 30.36 ? 242 ASP A CB   1 
ATOM   724  C CG   . ASP A 1 104 ? 13.260  -10.292 -5.352  1.00 30.45 ? 242 ASP A CG   1 
ATOM   725  O OD1  . ASP A 1 104 ? 14.146  -10.719 -4.572  1.00 28.36 ? 242 ASP A OD1  1 
ATOM   726  O OD2  . ASP A 1 104 ? 12.689  -11.020 -6.197  1.00 31.95 ? 242 ASP A OD2  1 
ATOM   727  H H    . ASP A 1 104 ? 12.341  -9.028  -2.791  1.00 0.00  ? 242 ASP A H    1 
ATOM   728  N N    . PHE A 1 105 ? 12.337  -6.048  -3.724  1.00 28.14 ? 243 PHE A N    1 
ATOM   729  C CA   . PHE A 1 105 ? 12.006  -4.627  -3.735  1.00 27.01 ? 243 PHE A CA   1 
ATOM   730  C C    . PHE A 1 105 ? 12.948  -3.821  -2.845  1.00 26.77 ? 243 PHE A C    1 
ATOM   731  O O    . PHE A 1 105 ? 13.447  -2.781  -3.252  1.00 27.05 ? 243 PHE A O    1 
ATOM   732  C CB   . PHE A 1 105 ? 10.572  -4.424  -3.256  1.00 26.33 ? 243 PHE A CB   1 
ATOM   733  C CG   . PHE A 1 105 ? 10.223  -2.990  -3.004  1.00 25.58 ? 243 PHE A CG   1 
ATOM   734  C CD1  . PHE A 1 105 ? 9.893   -2.154  -4.055  1.00 24.45 ? 243 PHE A CD1  1 
ATOM   735  C CD2  . PHE A 1 105 ? 10.237  -2.479  -1.715  1.00 24.20 ? 243 PHE A CD2  1 
ATOM   736  C CE1  . PHE A 1 105 ? 9.586   -0.819  -3.821  1.00 26.13 ? 243 PHE A CE1  1 
ATOM   737  C CE2  . PHE A 1 105 ? 9.934   -1.163  -1.477  1.00 25.13 ? 243 PHE A CE2  1 
ATOM   738  C CZ   . PHE A 1 105 ? 9.607   -0.326  -2.531  1.00 24.62 ? 243 PHE A CZ   1 
ATOM   739  H H    . PHE A 1 105 ? 11.727  -6.654  -3.249  1.00 0.00  ? 243 PHE A H    1 
ATOM   740  N N    . GLU A 1 106 ? 13.164  -4.297  -1.623  1.00 27.40 ? 244 GLU A N    1 
ATOM   741  C CA   . GLU A 1 106 ? 14.041  -3.635  -0.668  1.00 28.57 ? 244 GLU A CA   1 
ATOM   742  C C    . GLU A 1 106 ? 15.456  -3.658  -1.165  1.00 30.63 ? 244 GLU A C    1 
ATOM   743  O O    . GLU A 1 106 ? 16.286  -2.860  -0.739  1.00 30.89 ? 244 GLU A O    1 
ATOM   744  C CB   . GLU A 1 106 ? 14.015  -4.335  0.683   1.00 28.31 ? 244 GLU A CB   1 
ATOM   745  C CG   . GLU A 1 106 ? 12.659  -4.362  1.366   1.00 29.07 ? 244 GLU A CG   1 
ATOM   746  C CD   . GLU A 1 106 ? 12.753  -4.791  2.821   1.00 29.46 ? 244 GLU A CD   1 
ATOM   747  O OE1  . GLU A 1 106 ? 13.828  -5.287  3.240   1.00 33.12 ? 244 GLU A OE1  1 
ATOM   748  O OE2  . GLU A 1 106 ? 11.762  -4.616  3.558   1.00 29.35 ? 244 GLU A OE2  1 
ATOM   749  H H    . GLU A 1 106 ? 12.714  -5.125  -1.359  1.00 0.00  ? 244 GLU A H    1 
ATOM   750  N N    . LYS A 1 107 ? 15.751  -4.626  -2.020  1.00 32.71 ? 245 LYS A N    1 
ATOM   751  C CA   . LYS A 1 107 ? 17.086  -4.769  -2.577  1.00 34.55 ? 245 LYS A CA   1 
ATOM   752  C C    . LYS A 1 107 ? 17.245  -3.761  -3.705  1.00 33.52 ? 245 LYS A C    1 
ATOM   753  O O    . LYS A 1 107 ? 18.248  -3.065  -3.792  1.00 33.73 ? 245 LYS A O    1 
ATOM   754  C CB   . LYS A 1 107 ? 17.269  -6.193  -3.103  1.00 37.90 ? 245 LYS A CB   1 
ATOM   755  C CG   . LYS A 1 107 ? 18.710  -6.605  -3.340  1.00 42.59 ? 245 LYS A CG   1 
ATOM   756  C CD   . LYS A 1 107 ? 18.795  -8.042  -3.864  1.00 46.94 ? 245 LYS A CD   1 
ATOM   757  C CE   . LYS A 1 107 ? 18.169  -9.047  -2.886  1.00 49.14 ? 245 LYS A CE   1 
ATOM   758  N NZ   . LYS A 1 107 ? 18.282  -10.458 -3.375  1.00 50.64 ? 245 LYS A NZ   1 
ATOM   759  H H    . LYS A 1 107 ? 15.073  -5.285  -2.265  1.00 0.00  ? 245 LYS A H    1 
ATOM   760  H HZ1  . LYS A 1 107 ? 19.286  -10.692 -3.507  1.00 0.00  ? 245 LYS A HZ1  1 
ATOM   761  H HZ2  . LYS A 1 107 ? 17.869  -11.097 -2.667  1.00 0.00  ? 245 LYS A HZ2  1 
ATOM   762  H HZ3  . LYS A 1 107 ? 17.779  -10.576 -4.278  1.00 0.00  ? 245 LYS A HZ3  1 
ATOM   763  N N    . ALA A 1 108 ? 16.229  -3.678  -4.553  1.00 32.33 ? 246 ALA A N    1 
ATOM   764  C CA   . ALA A 1 108 ? 16.224  -2.762  -5.678  1.00 31.41 ? 246 ALA A CA   1 
ATOM   765  C C    . ALA A 1 108 ? 16.162  -1.305  -5.233  1.00 31.14 ? 246 ALA A C    1 
ATOM   766  O O    . ALA A 1 108 ? 16.722  -0.416  -5.885  1.00 31.72 ? 246 ALA A O    1 
ATOM   767  C CB   . ALA A 1 108 ? 15.049  -3.068  -6.568  1.00 31.35 ? 246 ALA A CB   1 
ATOM   768  H H    . ALA A 1 108 ? 15.451  -4.260  -4.433  1.00 0.00  ? 246 ALA A H    1 
ATOM   769  N N    . PHE A 1 109 ? 15.505  -1.068  -4.106  1.00 30.39 ? 247 PHE A N    1 
ATOM   770  C CA   . PHE A 1 109 ? 15.331  0.278   -3.593  1.00 29.15 ? 247 PHE A CA   1 
ATOM   771  C C    . PHE A 1 109 ? 15.952  0.421   -2.238  1.00 28.82 ? 247 PHE A C    1 
ATOM   772  O O    . PHE A 1 109 ? 15.250  0.594   -1.247  1.00 28.49 ? 247 PHE A O    1 
ATOM   773  C CB   . PHE A 1 109 ? 13.837  0.625   -3.528  1.00 28.36 ? 247 PHE A CB   1 
ATOM   774  C CG   . PHE A 1 109 ? 13.184  0.662   -4.865  1.00 27.88 ? 247 PHE A CG   1 
ATOM   775  C CD1  . PHE A 1 109 ? 13.333  1.769   -5.689  1.00 28.03 ? 247 PHE A CD1  1 
ATOM   776  C CD2  . PHE A 1 109 ? 12.498  -0.440  -5.346  1.00 28.27 ? 247 PHE A CD2  1 
ATOM   777  C CE1  . PHE A 1 109 ? 12.816  1.777   -6.982  1.00 27.88 ? 247 PHE A CE1  1 
ATOM   778  C CE2  . PHE A 1 109 ? 11.975  -0.448  -6.639  1.00 27.92 ? 247 PHE A CE2  1 
ATOM   779  C CZ   . PHE A 1 109 ? 12.137  0.663   -7.459  1.00 28.71 ? 247 PHE A CZ   1 
ATOM   780  H H    . PHE A 1 109 ? 15.114  -1.812  -3.606  1.00 0.00  ? 247 PHE A H    1 
ATOM   781  N N    . PRO A 1 110 ? 17.289  0.407   -2.180  1.00 29.15 ? 248 PRO A N    1 
ATOM   782  C CA   . PRO A 1 110 ? 18.059  0.535   -0.937  1.00 29.51 ? 248 PRO A CA   1 
ATOM   783  C C    . PRO A 1 110 ? 17.563  1.673   -0.035  1.00 29.74 ? 248 PRO A C    1 
ATOM   784  O O    . PRO A 1 110 ? 17.456  2.825   -0.462  1.00 31.63 ? 248 PRO A O    1 
ATOM   785  C CB   . PRO A 1 110 ? 19.490  0.755   -1.442  1.00 30.26 ? 248 PRO A CB   1 
ATOM   786  C CG   . PRO A 1 110 ? 19.311  1.197   -2.885  1.00 30.47 ? 248 PRO A CG   1 
ATOM   787  C CD   . PRO A 1 110 ? 18.178  0.370   -3.348  1.00 29.06 ? 248 PRO A CD   1 
ATOM   788  N N    . GLY A 1 111 ? 17.257  1.340   1.215   1.00 28.83 ? 249 GLY A N    1 
ATOM   789  C CA   . GLY A 1 111 ? 16.730  2.327   2.144   1.00 26.93 ? 249 GLY A CA   1 
ATOM   790  C C    . GLY A 1 111 ? 15.252  2.041   2.392   1.00 26.41 ? 249 GLY A C    1 
ATOM   791  O O    . GLY A 1 111 ? 14.714  2.372   3.459   1.00 23.83 ? 249 GLY A O    1 
ATOM   792  H H    . GLY A 1 111 ? 17.374  0.412   1.512   1.00 0.00  ? 249 GLY A H    1 
ATOM   793  N N    . SER A 1 112 ? 14.606  1.420   1.397   1.00 26.11 ? 250 SER A N    1 
ATOM   794  C CA   . SER A 1 112 ? 13.198  1.043   1.476   1.00 27.20 ? 250 SER A CA   1 
ATOM   795  C C    . SER A 1 112 ? 12.999  -0.052  2.495   1.00 27.09 ? 250 SER A C    1 
ATOM   796  O O    . SER A 1 112 ? 13.904  -0.858  2.734   1.00 26.96 ? 250 SER A O    1 
ATOM   797  C CB   . SER A 1 112 ? 12.699  0.544   0.137   1.00 26.33 ? 250 SER A CB   1 
ATOM   798  O OG   . SER A 1 112 ? 12.845  1.554   -0.835  1.00 31.15 ? 250 SER A OG   1 
ATOM   799  H H    . SER A 1 112 ? 15.091  1.173   0.589   1.00 0.00  ? 250 SER A H    1 
ATOM   800  H HG   . SER A 1 112 ? 13.785  1.675   -0.978  1.00 0.00  ? 250 SER A HG   1 
ATOM   801  N N    . LYS A 1 113 ? 11.787  -0.115  3.033   1.00 27.65 ? 251 LYS A N    1 
ATOM   802  C CA   . LYS A 1 113 ? 11.436  -1.097  4.042   1.00 27.88 ? 251 LYS A CA   1 
ATOM   803  C C    . LYS A 1 113 ? 9.943   -1.340  4.020   1.00 26.96 ? 251 LYS A C    1 
ATOM   804  O O    . LYS A 1 113 ? 9.157   -0.398  3.974   1.00 27.69 ? 251 LYS A O    1 
ATOM   805  C CB   . LYS A 1 113 ? 11.819  -0.579  5.432   1.00 29.50 ? 251 LYS A CB   1 
ATOM   806  C CG   . LYS A 1 113 ? 12.368  -1.629  6.362   1.00 33.66 ? 251 LYS A CG   1 
ATOM   807  C CD   . LYS A 1 113 ? 13.635  -2.225  5.737   1.00 37.70 ? 251 LYS A CD   1 
ATOM   808  C CE   . LYS A 1 113 ? 14.364  -3.215  6.635   1.00 38.76 ? 251 LYS A CE   1 
ATOM   809  N NZ   . LYS A 1 113 ? 15.471  -3.876  5.860   1.00 40.29 ? 251 LYS A NZ   1 
ATOM   810  H H    . LYS A 1 113 ? 11.100  0.530   2.753   1.00 0.00  ? 251 LYS A H    1 
ATOM   811  H HZ1  . LYS A 1 113 ? 16.130  -3.150  5.514   1.00 0.00  ? 251 LYS A HZ1  1 
ATOM   812  H HZ2  . LYS A 1 113 ? 15.979  -4.538  6.480   1.00 0.00  ? 251 LYS A HZ2  1 
ATOM   813  H HZ3  . LYS A 1 113 ? 15.066  -4.392  5.052   1.00 0.00  ? 251 LYS A HZ3  1 
ATOM   814  N N    . ILE A 1 114 ? 9.578   -2.572  4.002   1.00 26.15 ? 252 ILE A N    1 
ATOM   815  C CA   . ILE A 1 114 ? 8.193   -3.010  4.077   1.00 25.24 ? 252 ILE A CA   1 
ATOM   816  C C    . ILE A 1 114 ? 8.163   -4.018  5.197   1.00 26.04 ? 252 ILE A C    1 
ATOM   817  O O    . ILE A 1 114 ? 8.787   -5.083  5.107   1.00 25.08 ? 252 ILE A O    1 
ATOM   818  C CB   . ILE A 1 114 ? 7.737   -3.607  2.740   1.00 25.08 ? 252 ILE A CB   1 
ATOM   819  C CG1  . ILE A 1 114 ? 7.853   -2.613  1.580   1.00 23.84 ? 252 ILE A CG1  1 
ATOM   820  C CG2  . ILE A 1 114 ? 6.270   -4.059  2.763   1.00 24.11 ? 252 ILE A CG2  1 
ATOM   821  C CD1  . ILE A 1 114 ? 7.291   -3.146  0.263   1.00 23.64 ? 252 ILE A CD1  1 
ATOM   822  H H    . ILE A 1 114 ? 10.232  -3.325  3.947   1.00 0.00  ? 252 ILE A H    1 
ATOM   823  N N    . THR A 1 115 ? 7.471   -3.644  6.238   1.00 27.04 ? 253 THR A N    1 
ATOM   824  C CA   . THR A 1 115 ? 7.386   -4.472  7.432   1.00 26.63 ? 253 THR A CA   1 
ATOM   825  C C    . THR A 1 115 ? 5.976   -4.994  7.603   1.00 27.12 ? 253 THR A C    1 
ATOM   826  O O    . THR A 1 115 ? 5.017   -4.230  7.752   1.00 25.31 ? 253 THR A O    1 
ATOM   827  C CB   . THR A 1 115 ? 7.775   -3.664  8.671   1.00 27.15 ? 253 THR A CB   1 
ATOM   828  O OG1  . THR A 1 115 ? 9.030   -3.034  8.465   1.00 29.24 ? 253 THR A OG1  1 
ATOM   829  C CG2  . THR A 1 115 ? 7.899   -4.530  9.928   1.00 28.72 ? 253 THR A CG2  1 
ATOM   830  H H    . THR A 1 115 ? 6.955   -2.789  6.270   1.00 0.00  ? 253 THR A H    1 
ATOM   831  H HG1  . THR A 1 115 ? 9.046   -2.593  7.569   1.00 0.00  ? 253 THR A HG1  1 
ATOM   832  N N    . VAL A 1 116 ? 5.861   -6.311  7.545   1.00 27.49 ? 254 VAL A N    1 
ATOM   833  C CA   . VAL A 1 116 ? 4.585   -6.969  7.695   1.00 29.80 ? 254 VAL A CA   1 
ATOM   834  C C    . VAL A 1 116 ? 4.612   -7.760  8.998   1.00 30.78 ? 254 VAL A C    1 
ATOM   835  O O    . VAL A 1 116 ? 5.621   -8.385  9.347   1.00 31.71 ? 254 VAL A O    1 
ATOM   836  C CB   . VAL A 1 116 ? 4.332   -7.974  6.528   1.00 29.89 ? 254 VAL A CB   1 
ATOM   837  C CG1  . VAL A 1 116 ? 2.970   -8.664  6.627   1.00 30.44 ? 254 VAL A CG1  1 
ATOM   838  C CG2  . VAL A 1 116 ? 4.372   -7.307  5.153   1.00 29.99 ? 254 VAL A CG2  1 
ATOM   839  H H    . VAL A 1 116 ? 6.672   -6.883  7.432   1.00 0.00  ? 254 VAL A H    1 
ATOM   840  N N    . ASP A 1 117 ? 3.518   -7.689  9.705   1.00 32.04 ? 255 ASP A N    1 
ATOM   841  C CA   . ASP A 1 117 ? 3.321   -8.481  10.920  1.00 33.49 ? 255 ASP A CA   1 
ATOM   842  C C    . ASP A 1 117 ? 2.046   -9.264  10.705  1.00 33.55 ? 255 ASP A C    1 
ATOM   843  O O    . ASP A 1 117 ? 0.942   -8.723  10.832  1.00 32.75 ? 255 ASP A O    1 
ATOM   844  C CB   . ASP A 1 117 ? 3.206   -7.598  12.160  1.00 35.93 ? 255 ASP A CB   1 
ATOM   845  C CG   . ASP A 1 117 ? 3.185   -8.422  13.454  1.00 39.11 ? 255 ASP A CG   1 
ATOM   846  O OD1  . ASP A 1 117 ? 3.117   -9.711  13.398  1.00 41.17 ? 255 ASP A OD1  1 
ATOM   847  O OD2  . ASP A 1 117 ? 3.235   -7.832  14.598  1.00 40.57 ? 255 ASP A OD2  1 
ATOM   848  H H    . ASP A 1 117 ? 2.748   -7.102  9.461   1.00 0.00  ? 255 ASP A H    1 
ATOM   849  N N    . ASN A 1 118 ? 2.236   -10.514 10.360  1.00 34.22 ? 256 ASN A N    1 
ATOM   850  C CA   . ASN A 1 118 ? 1.116   -11.395 10.023  1.00 33.69 ? 256 ASN A CA   1 
ATOM   851  C C    . ASN A 1 118 ? 0.180   -11.658 11.173  1.00 32.09 ? 256 ASN A C    1 
ATOM   852  O O    . ASN A 1 118 ? -0.998  -11.913 10.945  1.00 31.69 ? 256 ASN A O    1 
ATOM   853  C CB   . ASN A 1 118 ? 1.606   -12.718 9.460   1.00 36.30 ? 256 ASN A CB   1 
ATOM   854  C CG   . ASN A 1 118 ? 1.937   -12.587 7.978   1.00 39.19 ? 256 ASN A CG   1 
ATOM   855  O OD1  . ASN A 1 118 ? 1.129   -12.961 7.126   1.00 42.08 ? 256 ASN A OD1  1 
ATOM   856  N ND2  . ASN A 1 118 ? 3.089   -12.059 7.634   1.00 41.27 ? 256 ASN A ND2  1 
ATOM   857  H H    . ASN A 1 118 ? 3.145   -10.929 10.302  1.00 0.00  ? 256 ASN A H    1 
ATOM   858  H HD21 . ASN A 1 118 ? 3.323   -11.959 6.671   1.00 0.00  ? 256 ASN A HD21 1 
ATOM   859  H HD22 . ASN A 1 118 ? 3.729   -11.763 8.343   1.00 0.00  ? 256 ASN A HD22 1 
ATOM   860  N N    . THR A 1 119 ? 0.680   -11.578 12.403  1.00 31.20 ? 257 THR A N    1 
ATOM   861  C CA   . THR A 1 119 ? -0.178  -11.792 13.565  1.00 31.53 ? 257 THR A CA   1 
ATOM   862  C C    . THR A 1 119 ? -1.045  -10.568 13.796  1.00 30.98 ? 257 THR A C    1 
ATOM   863  O O    . THR A 1 119 ? -2.263  -10.683 13.950  1.00 31.79 ? 257 THR A O    1 
ATOM   864  C CB   . THR A 1 119 ? 0.635   -12.089 14.832  1.00 31.56 ? 257 THR A CB   1 
ATOM   865  O OG1  . THR A 1 119 ? 1.366   -13.295 14.630  1.00 33.96 ? 257 THR A OG1  1 
ATOM   866  C CG2  . THR A 1 119 ? -0.280  -12.265 16.027  1.00 31.62 ? 257 THR A CG2  1 
ATOM   867  H H    . THR A 1 119 ? 1.631   -11.411 12.552  1.00 0.00  ? 257 THR A H    1 
ATOM   868  H HG1  . THR A 1 119 ? 0.738   -14.022 14.568  1.00 0.00  ? 257 THR A HG1  1 
ATOM   869  N N    . LYS A 1 120 ? -0.420  -9.393  13.759  1.00 31.14 ? 258 LYS A N    1 
ATOM   870  C CA   . LYS A 1 120 ? -1.129  -8.127  13.965  1.00 31.43 ? 258 LYS A CA   1 
ATOM   871  C C    . LYS A 1 120 ? -1.887  -7.584  12.737  1.00 28.63 ? 258 LYS A C    1 
ATOM   872  O O    . LYS A 1 120 ? -2.772  -6.730  12.880  1.00 29.12 ? 258 LYS A O    1 
ATOM   873  C CB   . LYS A 1 120 ? -0.171  -7.046  14.517  1.00 34.68 ? 258 LYS A CB   1 
ATOM   874  C CG   . LYS A 1 120 ? 0.285   -7.280  15.965  1.00 38.70 ? 258 LYS A CG   1 
ATOM   875  C CD   . LYS A 1 120 ? 1.011   -6.064  16.566  1.00 41.52 ? 258 LYS A CD   1 
ATOM   876  C CE   . LYS A 1 120 ? 0.040   -4.916  16.883  1.00 44.24 ? 258 LYS A CE   1 
ATOM   877  N NZ   . LYS A 1 120 ? 0.654   -3.791  17.677  1.00 46.18 ? 258 LYS A NZ   1 
ATOM   878  H H    . LYS A 1 120 ? 0.541   -9.364  13.598  1.00 0.00  ? 258 LYS A H    1 
ATOM   879  H HZ1  . LYS A 1 120 ? 1.462   -3.399  17.152  1.00 0.00  ? 258 LYS A HZ1  1 
ATOM   880  H HZ2  . LYS A 1 120 ? -0.052  -3.044  17.839  1.00 0.00  ? 258 LYS A HZ2  1 
ATOM   881  H HZ3  . LYS A 1 120 ? 0.980   -4.162  18.592  1.00 0.00  ? 258 LYS A HZ3  1 
ATOM   882  N N    . ASN A 1 121 ? -1.552  -8.077  11.548  1.00 25.37 ? 259 ASN A N    1 
ATOM   883  C CA   . ASN A 1 121 ? -2.200  -7.627  10.323  1.00 23.53 ? 259 ASN A CA   1 
ATOM   884  C C    . ASN A 1 121 ? -1.852  -6.177  10.031  1.00 21.54 ? 259 ASN A C    1 
ATOM   885  O O    . ASN A 1 121 ? -2.723  -5.383  9.682   1.00 20.45 ? 259 ASN A O    1 
ATOM   886  C CB   . ASN A 1 121 ? -3.713  -7.752  10.442  1.00 24.92 ? 259 ASN A CB   1 
ATOM   887  C CG   . ASN A 1 121 ? -4.245  -8.969  9.763   1.00 26.41 ? 259 ASN A CG   1 
ATOM   888  O OD1  . ASN A 1 121 ? -3.782  -9.356  8.693   1.00 26.24 ? 259 ASN A OD1  1 
ATOM   889  N ND2  . ASN A 1 121 ? -5.243  -9.584  10.373  1.00 29.93 ? 259 ASN A ND2  1 
ATOM   890  H H    . ASN A 1 121 ? -0.851  -8.750  11.482  1.00 0.00  ? 259 ASN A H    1 
ATOM   891  H HD21 . ASN A 1 121 ? -5.627  -10.389 9.967   1.00 0.00  ? 259 ASN A HD21 1 
ATOM   892  H HD22 . ASN A 1 121 ? -5.567  -9.205  11.214  1.00 0.00  ? 259 ASN A HD22 1 
ATOM   893  N N    . THR A 1 122 ? -0.590  -5.821  10.219  1.00 19.90 ? 260 THR A N    1 
ATOM   894  C CA   . THR A 1 122 ? -0.154  -4.462  9.971   1.00 18.31 ? 260 THR A CA   1 
ATOM   895  C C    . THR A 1 122 ? 0.901   -4.522  8.869   1.00 19.69 ? 260 THR A C    1 
ATOM   896  O O    . THR A 1 122 ? 1.616   -5.522  8.724   1.00 19.49 ? 260 THR A O    1 
ATOM   897  C CB   . THR A 1 122 ? 0.521   -3.836  11.221  1.00 17.25 ? 260 THR A CB   1 
ATOM   898  O OG1  . THR A 1 122 ? 1.637   -4.618  11.618  1.00 15.34 ? 260 THR A OG1  1 
ATOM   899  C CG2  . THR A 1 122 ? -0.425  -3.744  12.418  1.00 15.13 ? 260 THR A CG2  1 
ATOM   900  H H    . THR A 1 122 ? 0.101   -6.485  10.501  1.00 0.00  ? 260 THR A H    1 
ATOM   901  H HG1  . THR A 1 122 ? 2.122   -4.164  12.365  1.00 0.00  ? 260 THR A HG1  1 
ATOM   902  N N    . ILE A 1 123 ? 0.967   -3.467  8.108   1.00 18.50 ? 261 ILE A N    1 
ATOM   903  C CA   . ILE A 1 123 ? 1.983   -3.308  7.067   1.00 19.27 ? 261 ILE A CA   1 
ATOM   904  C C    . ILE A 1 123 ? 2.480   -1.891  7.155   1.00 19.63 ? 261 ILE A C    1 
ATOM   905  O O    . ILE A 1 123 ? 1.685   -0.946  7.184   1.00 21.26 ? 261 ILE A O    1 
ATOM   906  C CB   . ILE A 1 123 ? 1.415   -3.543  5.663   1.00 18.97 ? 261 ILE A CB   1 
ATOM   907  C CG1  . ILE A 1 123 ? 0.627   -4.845  5.534   1.00 19.13 ? 261 ILE A CG1  1 
ATOM   908  C CG2  . ILE A 1 123 ? 2.511   -3.604  4.587   1.00 17.82 ? 261 ILE A CG2  1 
ATOM   909  C CD1  . ILE A 1 123 ? 0.049   -5.062  4.134   1.00 21.34 ? 261 ILE A CD1  1 
ATOM   910  H H    . ILE A 1 123 ? 0.338   -2.697  8.186   1.00 0.00  ? 261 ILE A H    1 
ATOM   911  N N    . ASP A 1 124 ? 3.772   -1.763  7.217   1.00 21.22 ? 262 ASP A N    1 
ATOM   912  C CA   . ASP A 1 124 ? 4.407   -0.450  7.298   1.00 21.63 ? 262 ASP A CA   1 
ATOM   913  C C    . ASP A 1 124 ? 5.377   -0.315  6.135   1.00 21.33 ? 262 ASP A C    1 
ATOM   914  O O    . ASP A 1 124 ? 6.220   -1.177  5.929   1.00 21.82 ? 262 ASP A O    1 
ATOM   915  C CB   . ASP A 1 124 ? 5.157   -0.311  8.613   1.00 24.45 ? 262 ASP A CB   1 
ATOM   916  C CG   . ASP A 1 124 ? 4.214   -0.235  9.802   1.00 27.18 ? 262 ASP A CG   1 
ATOM   917  O OD1  . ASP A 1 124 ? 3.089   0.380   9.686   1.00 29.81 ? 262 ASP A OD1  1 
ATOM   918  O OD2  . ASP A 1 124 ? 4.543   -0.791  10.913  1.00 30.90 ? 262 ASP A OD2  1 
ATOM   919  H H    . ASP A 1 124 ? 4.400   -2.543  7.206   1.00 0.00  ? 262 ASP A H    1 
ATOM   920  N N    . VAL A 1 125 ? 5.279   0.777   5.390   1.00 20.61 ? 263 VAL A N    1 
ATOM   921  C CA   . VAL A 1 125 ? 6.118   1.008   4.215   1.00 18.76 ? 263 VAL A CA   1 
ATOM   922  C C    . VAL A 1 125 ? 6.915   2.298   4.327   1.00 19.31 ? 263 VAL A C    1 
ATOM   923  O O    . VAL A 1 125 ? 6.361   3.340   4.685   1.00 19.62 ? 263 VAL A O    1 
ATOM   924  C CB   . VAL A 1 125 ? 5.225   1.116   2.937   1.00 18.50 ? 263 VAL A CB   1 
ATOM   925  C CG1  . VAL A 1 125 ? 6.069   1.352   1.698   1.00 16.88 ? 263 VAL A CG1  1 
ATOM   926  C CG2  . VAL A 1 125 ? 4.355   -0.135  2.778   1.00 17.55 ? 263 VAL A CG2  1 
ATOM   927  H H    . VAL A 1 125 ? 4.638   1.474   5.642   1.00 0.00  ? 263 VAL A H    1 
ATOM   928  N N    . THR A 1 126 ? 8.214   2.228   4.067   1.00 19.54 ? 264 THR A N    1 
ATOM   929  C CA   . THR A 1 126 ? 9.047   3.423   4.089   1.00 19.81 ? 264 THR A CA   1 
ATOM   930  C C    . THR A 1 126 ? 9.816   3.406   2.787   1.00 19.53 ? 264 THR A C    1 
ATOM   931  O O    . THR A 1 126 ? 10.399  2.380   2.421   1.00 18.59 ? 264 THR A O    1 
ATOM   932  C CB   . THR A 1 126 ? 10.043  3.474   5.266   1.00 20.23 ? 264 THR A CB   1 
ATOM   933  O OG1  . THR A 1 126 ? 9.328   3.596   6.496   1.00 20.78 ? 264 THR A OG1  1 
ATOM   934  C CG2  . THR A 1 126 ? 10.938  4.698   5.141   1.00 21.64 ? 264 THR A CG2  1 
ATOM   935  H H    . THR A 1 126 ? 8.630   1.375   3.848   1.00 0.00  ? 264 THR A H    1 
ATOM   936  H HG1  . THR A 1 126 ? 8.754   4.370   6.446   1.00 0.00  ? 264 THR A HG1  1 
ATOM   937  N N    . ILE A 1 127 ? 9.737   4.518   2.058   1.00 19.12 ? 265 ILE A N    1 
ATOM   938  C CA   . ILE A 1 127 ? 10.403  4.672   0.772   1.00 18.67 ? 265 ILE A CA   1 
ATOM   939  C C    . ILE A 1 127 ? 11.233  5.929   0.836   1.00 18.95 ? 265 ILE A C    1 
ATOM   940  O O    . ILE A 1 127 ? 10.701  7.013   1.073   1.00 18.54 ? 265 ILE A O    1 
ATOM   941  C CB   . ILE A 1 127 ? 9.390   4.826   -0.389  1.00 17.80 ? 265 ILE A CB   1 
ATOM   942  C CG1  . ILE A 1 127 ? 8.425   3.641   -0.423  1.00 18.09 ? 265 ILE A CG1  1 
ATOM   943  C CG2  . ILE A 1 127 ? 10.119  4.965   -1.707  1.00 17.69 ? 265 ILE A CG2  1 
ATOM   944  C CD1  . ILE A 1 127 ? 7.390   3.731   -1.497  1.00 17.28 ? 265 ILE A CD1  1 
ATOM   945  H H    . ILE A 1 127 ? 9.202   5.265   2.401   1.00 0.00  ? 265 ILE A H    1 
ATOM   946  N N    . PRO A 1 128 ? 12.551  5.802   0.655   1.00 20.09 ? 266 PRO A N    1 
ATOM   947  C CA   . PRO A 1 128 ? 13.465  6.951   0.689   1.00 20.89 ? 266 PRO A CA   1 
ATOM   948  C C    . PRO A 1 128 ? 13.045  7.977   -0.363  1.00 20.18 ? 266 PRO A C    1 
ATOM   949  O O    . PRO A 1 128 ? 12.631  7.600   -1.460  1.00 18.49 ? 266 PRO A O    1 
ATOM   950  C CB   . PRO A 1 128 ? 14.827  6.319   0.374   1.00 21.53 ? 266 PRO A CB   1 
ATOM   951  C CG   . PRO A 1 128 ? 14.478  5.121   -0.463  1.00 23.12 ? 266 PRO A CG   1 
ATOM   952  C CD   . PRO A 1 128 ? 13.262  4.575   0.263   1.00 20.98 ? 266 PRO A CD   1 
ATOM   953  N N    . GLN A 1 129 ? 13.196  9.266   -0.052  1.00 20.14 ? 267 GLN A N    1 
ATOM   954  C CA   . GLN A 1 129 ? 12.780  10.313  -0.973  1.00 20.89 ? 267 GLN A CA   1 
ATOM   955  C C    . GLN A 1 129 ? 13.409  10.263  -2.354  1.00 19.49 ? 267 GLN A C    1 
ATOM   956  O O    . GLN A 1 129 ? 12.749  10.601  -3.341  1.00 19.97 ? 267 GLN A O    1 
ATOM   957  C CB   . GLN A 1 129 ? 12.892  11.720  -0.337  1.00 24.61 ? 267 GLN A CB   1 
ATOM   958  C CG   . GLN A 1 129 ? 14.292  12.329  -0.134  1.00 27.65 ? 267 GLN A CG   1 
ATOM   959  C CD   . GLN A 1 129 ? 14.839  13.043  -1.372  1.00 30.45 ? 267 GLN A CD   1 
ATOM   960  O OE1  . GLN A 1 129 ? 16.018  12.908  -1.704  1.00 32.97 ? 267 GLN A OE1  1 
ATOM   961  N NE2  . GLN A 1 129 ? 13.982  13.779  -2.073  1.00 31.64 ? 267 GLN A NE2  1 
ATOM   962  H H    . GLN A 1 129 ? 13.631  9.505   0.776   1.00 0.00  ? 267 GLN A H    1 
ATOM   963  H HE21 . GLN A 1 129 ? 14.315  14.238  -2.871  1.00 0.00  ? 267 GLN A HE21 1 
ATOM   964  H HE22 . GLN A 1 129 ? 13.056  13.838  -1.771  1.00 0.00  ? 267 GLN A HE22 1 
ATOM   965  N N    . GLY A 1 130 ? 14.664  9.831   -2.434  1.00 18.17 ? 268 GLY A N    1 
ATOM   966  C CA   . GLY A 1 130 ? 15.339  9.746   -3.719  1.00 18.87 ? 268 GLY A CA   1 
ATOM   967  C C    . GLY A 1 130 ? 14.693  8.748   -4.660  1.00 19.95 ? 268 GLY A C    1 
ATOM   968  O O    . GLY A 1 130 ? 14.616  8.958   -5.871  1.00 21.18 ? 268 GLY A O    1 
ATOM   969  H H    . GLY A 1 130 ? 15.150  9.583   -1.624  1.00 0.00  ? 268 GLY A H    1 
ATOM   970  N N    . TYR A 1 131 ? 14.197  7.656   -4.091  1.00 20.75 ? 269 TYR A N    1 
ATOM   971  C CA   . TYR A 1 131 ? 13.539  6.626   -4.866  1.00 20.75 ? 269 TYR A CA   1 
ATOM   972  C C    . TYR A 1 131 ? 12.046  6.896   -4.999  1.00 18.59 ? 269 TYR A C    1 
ATOM   973  O O    . TYR A 1 131 ? 11.416  6.504   -5.982  1.00 17.11 ? 269 TYR A O    1 
ATOM   974  C CB   . TYR A 1 131 ? 13.818  5.265   -4.235  1.00 25.33 ? 269 TYR A CB   1 
ATOM   975  C CG   . TYR A 1 131 ? 15.248  4.799   -4.460  1.00 28.95 ? 269 TYR A CG   1 
ATOM   976  C CD1  . TYR A 1 131 ? 15.760  4.691   -5.757  1.00 31.53 ? 269 TYR A CD1  1 
ATOM   977  C CD2  . TYR A 1 131 ? 16.077  4.443   -3.398  1.00 30.58 ? 269 TYR A CD2  1 
ATOM   978  C CE1  . TYR A 1 131 ? 17.051  4.237   -5.995  1.00 32.76 ? 269 TYR A CE1  1 
ATOM   979  C CE2  . TYR A 1 131 ? 17.384  3.983   -3.629  1.00 32.29 ? 269 TYR A CE2  1 
ATOM   980  C CZ   . TYR A 1 131 ? 17.858  3.881   -4.934  1.00 32.90 ? 269 TYR A CZ   1 
ATOM   981  O OH   . TYR A 1 131 ? 19.121  3.399   -5.203  1.00 34.27 ? 269 TYR A OH   1 
ATOM   982  H H    . TYR A 1 131 ? 14.266  7.535   -3.124  1.00 0.00  ? 269 TYR A H    1 
ATOM   983  H HH   . TYR A 1 131 ? 19.245  3.310   -6.148  1.00 0.00  ? 269 TYR A HH   1 
ATOM   984  N N    . GLY A 1 132 ? 11.485  7.579   -4.006  1.00 18.71 ? 270 GLY A N    1 
ATOM   985  C CA   . GLY A 1 132 ? 10.073  7.934   -4.036  1.00 17.46 ? 270 GLY A CA   1 
ATOM   986  C C    . GLY A 1 132 ? 9.820   8.902   -5.183  1.00 16.52 ? 270 GLY A C    1 
ATOM   987  O O    . GLY A 1 132 ? 8.789   8.857   -5.849  1.00 16.22 ? 270 GLY A O    1 
ATOM   988  H H    . GLY A 1 132 ? 12.023  7.855   -3.244  1.00 0.00  ? 270 GLY A H    1 
ATOM   989  N N    . SER A 1 133 ? 10.802  9.750   -5.459  1.00 15.56 ? 271 SER A N    1 
ATOM   990  C CA   . SER A 1 133 ? 10.678  10.728  -6.529  1.00 15.69 ? 271 SER A CA   1 
ATOM   991  C C    . SER A 1 133 ? 10.546  10.147  -7.943  1.00 14.59 ? 271 SER A C    1 
ATOM   992  O O    . SER A 1 133 ? 11.335  9.311   -8.356  1.00 16.34 ? 271 SER A O    1 
ATOM   993  C CB   . SER A 1 133 ? 11.865  11.716  -6.482  1.00 14.98 ? 271 SER A CB   1 
ATOM   994  O OG   . SER A 1 133 ? 11.899  12.437  -5.255  1.00 15.89 ? 271 SER A OG   1 
ATOM   995  H H    . SER A 1 133 ? 11.637  9.710   -4.957  1.00 0.00  ? 271 SER A H    1 
ATOM   996  H HG   . SER A 1 133 ? 12.123  11.829  -4.541  1.00 0.00  ? 271 SER A HG   1 
ATOM   997  N N    . TYR A 1 134 ? 9.552   10.638  -8.675  1.00 12.66 ? 272 TYR A N    1 
ATOM   998  C CA   . TYR A 1 134 ? 9.300   10.276  -10.066 1.00 12.66 ? 272 TYR A CA   1 
ATOM   999  C C    . TYR A 1 134 ? 8.831   8.856   -10.333 1.00 11.89 ? 272 TYR A C    1 
ATOM   1000 O O    . TYR A 1 134 ? 8.909   8.386   -11.458 1.00 11.05 ? 272 TYR A O    1 
ATOM   1001 C CB   . TYR A 1 134 ? 10.530  10.572  -10.937 1.00 13.24 ? 272 TYR A CB   1 
ATOM   1002 C CG   . TYR A 1 134 ? 11.110  11.977  -10.796 1.00 14.44 ? 272 TYR A CG   1 
ATOM   1003 C CD1  . TYR A 1 134 ? 10.344  13.121  -11.097 1.00 13.44 ? 272 TYR A CD1  1 
ATOM   1004 C CD2  . TYR A 1 134 ? 12.418  12.158  -10.331 1.00 12.91 ? 272 TYR A CD2  1 
ATOM   1005 C CE1  . TYR A 1 134 ? 10.875  14.394  -10.935 1.00 12.78 ? 272 TYR A CE1  1 
ATOM   1006 C CE2  . TYR A 1 134 ? 12.949  13.422  -10.163 1.00 13.95 ? 272 TYR A CE2  1 
ATOM   1007 C CZ   . TYR A 1 134 ? 12.176  14.531  -10.464 1.00 13.13 ? 272 TYR A CZ   1 
ATOM   1008 O OH   . TYR A 1 134 ? 12.723  15.770  -10.258 1.00 13.43 ? 272 TYR A OH   1 
ATOM   1009 H H    . TYR A 1 134 ? 8.939   11.273  -8.244  1.00 0.00  ? 272 TYR A H    1 
ATOM   1010 H HH   . TYR A 1 134 ? 13.499  15.646  -9.720  1.00 0.00  ? 272 TYR A HH   1 
ATOM   1011 N N    . ASN A 1 135 ? 8.304   8.201   -9.314  1.00 12.67 ? 273 ASN A N    1 
ATOM   1012 C CA   . ASN A 1 135 ? 7.823   6.833   -9.442  1.00 12.54 ? 273 ASN A CA   1 
ATOM   1013 C C    . ASN A 1 135 ? 6.527   6.669   -8.663  1.00 11.82 ? 273 ASN A C    1 
ATOM   1014 O O    . ASN A 1 135 ? 6.389   7.179   -7.544  1.00 12.10 ? 273 ASN A O    1 
ATOM   1015 C CB   . ASN A 1 135 ? 8.824   5.861   -8.816  1.00 11.49 ? 273 ASN A CB   1 
ATOM   1016 C CG   . ASN A 1 135 ? 10.092  5.717   -9.624  1.00 11.27 ? 273 ASN A CG   1 
ATOM   1017 O OD1  . ASN A 1 135 ? 10.028  5.339   -10.795 1.00 13.29 ? 273 ASN A OD1  1 
ATOM   1018 N ND2  . ASN A 1 135 ? 11.223  5.999   -9.038  1.00 11.15 ? 273 ASN A ND2  1 
ATOM   1019 H H    . ASN A 1 135 ? 8.197   8.634   -8.420  1.00 0.00  ? 273 ASN A H    1 
ATOM   1020 H HD21 . ASN A 1 135 ? 12.076  5.920   -9.540  1.00 0.00  ? 273 ASN A HD21 1 
ATOM   1021 H HD22 . ASN A 1 135 ? 11.218  6.293   -8.082  1.00 0.00  ? 273 ASN A HD22 1 
ATOM   1022 N N    . SER A 1 136 ? 5.606   5.974   -9.284  1.00 12.71 ? 274 SER A N    1 
ATOM   1023 C CA   . SER A 1 136 ? 4.353   5.596   -8.637  1.00 14.04 ? 274 SER A CA   1 
ATOM   1024 C C    . SER A 1 136 ? 4.533   4.174   -8.131  1.00 14.00 ? 274 SER A C    1 
ATOM   1025 O O    . SER A 1 136 ? 5.114   3.322   -8.816  1.00 13.67 ? 274 SER A O    1 
ATOM   1026 C CB   . SER A 1 136 ? 3.189   5.587   -9.630  1.00 12.96 ? 274 SER A CB   1 
ATOM   1027 O OG   . SER A 1 136 ? 3.291   6.697   -10.509 1.00 20.73 ? 274 SER A OG   1 
ATOM   1028 H H    . SER A 1 136 ? 5.700   5.662   -10.229 1.00 0.00  ? 274 SER A H    1 
ATOM   1029 H HG   . SER A 1 136 ? 3.244   7.549   -9.989  1.00 0.00  ? 274 SER A HG   1 
ATOM   1030 N N    . PHE A 1 137 ? 4.051   3.942   -6.947  1.00 14.16 ? 275 PHE A N    1 
ATOM   1031 C CA   . PHE A 1 137 ? 4.113   2.620   -6.341  1.00 13.34 ? 275 PHE A CA   1 
ATOM   1032 C C    . PHE A 1 137 ? 2.698   2.169   -6.050  1.00 14.23 ? 275 PHE A C    1 
ATOM   1033 O O    . PHE A 1 137 ? 1.921   2.883   -5.413  1.00 13.51 ? 275 PHE A O    1 
ATOM   1034 C CB   . PHE A 1 137 ? 4.901   2.669   -5.024  1.00 12.12 ? 275 PHE A CB   1 
ATOM   1035 C CG   . PHE A 1 137 ? 6.332   3.183   -5.184  1.00 13.09 ? 275 PHE A CG   1 
ATOM   1036 C CD1  . PHE A 1 137 ? 6.590   4.556   -5.125  1.00 12.85 ? 275 PHE A CD1  1 
ATOM   1037 C CD2  . PHE A 1 137 ? 7.383   2.279   -5.385  1.00 12.62 ? 275 PHE A CD2  1 
ATOM   1038 C CE1  . PHE A 1 137 ? 7.898   5.029   -5.275  1.00 11.81 ? 275 PHE A CE1  1 
ATOM   1039 C CE2  . PHE A 1 137 ? 8.692   2.753   -5.537  1.00 12.95 ? 275 PHE A CE2  1 
ATOM   1040 C CZ   . PHE A 1 137 ? 8.949   4.128   -5.482  1.00 14.47 ? 275 PHE A CZ   1 
ATOM   1041 H H    . PHE A 1 137 ? 3.609   4.642   -6.390  1.00 0.00  ? 275 PHE A H    1 
ATOM   1042 N N    . SER A 1 138 ? 2.366   1.003   -6.538  1.00 13.45 ? 276 SER A N    1 
ATOM   1043 C CA   . SER A 1 138 ? 1.055   0.417   -6.261  1.00 15.46 ? 276 SER A CA   1 
ATOM   1044 C C    . SER A 1 138 ? 1.295   -0.889  -5.526  1.00 15.87 ? 276 SER A C    1 
ATOM   1045 O O    . SER A 1 138 ? 1.822   -1.831  -6.100  1.00 17.42 ? 276 SER A O    1 
ATOM   1046 C CB   . SER A 1 138 ? 0.270   0.143   -7.541  1.00 15.56 ? 276 SER A CB   1 
ATOM   1047 O OG   . SER A 1 138 ? -0.990  -0.434  -7.207  1.00 19.92 ? 276 SER A OG   1 
ATOM   1048 H H    . SER A 1 138 ? 2.977   0.450   -7.108  1.00 0.00  ? 276 SER A H    1 
ATOM   1049 H HG   . SER A 1 138 ? -1.569  0.248   -6.758  1.00 0.00  ? 276 SER A HG   1 
ATOM   1050 N N    . ILE A 1 139 ? 0.990   -0.913  -4.242  1.00 15.71 ? 277 ILE A N    1 
ATOM   1051 C CA   . ILE A 1 139 ? 1.170   -2.094  -3.431  1.00 16.72 ? 277 ILE A CA   1 
ATOM   1052 C C    . ILE A 1 139 ? -0.186  -2.769  -3.287  1.00 17.90 ? 277 ILE A C    1 
ATOM   1053 O O    . ILE A 1 139 ? -1.155  -2.150  -2.857  1.00 18.25 ? 277 ILE A O    1 
ATOM   1054 C CB   . ILE A 1 139 ? 1.732   -1.714  -2.056  1.00 16.69 ? 277 ILE A CB   1 
ATOM   1055 C CG1  . ILE A 1 139 ? 3.104   -1.052  -2.241  1.00 15.49 ? 277 ILE A CG1  1 
ATOM   1056 C CG2  . ILE A 1 139 ? 1.782   -2.947  -1.122  1.00 15.12 ? 277 ILE A CG2  1 
ATOM   1057 C CD1  . ILE A 1 139 ? 3.759   -0.580  -0.979  1.00 17.08 ? 277 ILE A CD1  1 
ATOM   1058 H H    . ILE A 1 139 ? 0.595   -0.115  -3.839  1.00 0.00  ? 277 ILE A H    1 
ATOM   1059 N N    . ASN A 1 140 ? -0.273  -4.026  -3.701  1.00 19.47 ? 278 ASN A N    1 
ATOM   1060 C CA   . ASN A 1 140 ? -1.530  -4.774  -3.617  1.00 19.97 ? 278 ASN A CA   1 
ATOM   1061 C C    . ASN A 1 140 ? -1.331  -6.076  -2.844  1.00 18.11 ? 278 ASN A C    1 
ATOM   1062 O O    . ASN A 1 140 ? -0.243  -6.644  -2.847  1.00 17.29 ? 278 ASN A O    1 
ATOM   1063 C CB   . ASN A 1 140 ? -2.079  -5.046  -5.036  1.00 23.29 ? 278 ASN A CB   1 
ATOM   1064 C CG   . ASN A 1 140 ? -3.199  -6.112  -5.068  1.00 26.19 ? 278 ASN A CG   1 
ATOM   1065 O OD1  . ASN A 1 140 ? -3.042  -7.153  -5.701  1.00 27.96 ? 278 ASN A OD1  1 
ATOM   1066 N ND2  . ASN A 1 140 ? -4.342  -5.824  -4.448  1.00 26.86 ? 278 ASN A ND2  1 
ATOM   1067 H H    . ASN A 1 140 ? 0.514   -4.497  -4.043  1.00 0.00  ? 278 ASN A H    1 
ATOM   1068 H HD21 . ASN A 1 140 ? -5.027  -6.525  -4.421  1.00 0.00  ? 278 ASN A HD21 1 
ATOM   1069 H HD22 . ASN A 1 140 ? -4.444  -4.948  -4.044  1.00 0.00  ? 278 ASN A HD22 1 
ATOM   1070 N N    . TYR A 1 141 ? -2.367  -6.475  -2.121  1.00 16.48 ? 279 TYR A N    1 
ATOM   1071 C CA   . TYR A 1 141 ? -2.367  -7.711  -1.362  1.00 16.62 ? 279 TYR A CA   1 
ATOM   1072 C C    . TYR A 1 141 ? -3.819  -8.090  -1.114  1.00 16.36 ? 279 TYR A C    1 
ATOM   1073 O O    . TYR A 1 141 ? -4.747  -7.307  -1.374  1.00 15.53 ? 279 TYR A O    1 
ATOM   1074 C CB   . TYR A 1 141 ? -1.616  -7.548  -0.040  1.00 15.80 ? 279 TYR A CB   1 
ATOM   1075 C CG   . TYR A 1 141 ? -2.181  -6.455  0.823   1.00 16.75 ? 279 TYR A CG   1 
ATOM   1076 C CD1  . TYR A 1 141 ? -3.243  -6.708  1.679   1.00 16.32 ? 279 TYR A CD1  1 
ATOM   1077 C CD2  . TYR A 1 141 ? -1.672  -5.153  0.759   1.00 16.04 ? 279 TYR A CD2  1 
ATOM   1078 C CE1  . TYR A 1 141 ? -3.788  -5.703  2.452   1.00 18.59 ? 279 TYR A CE1  1 
ATOM   1079 C CE2  . TYR A 1 141 ? -2.214  -4.127  1.532   1.00 16.25 ? 279 TYR A CE2  1 
ATOM   1080 C CZ   . TYR A 1 141 ? -3.272  -4.410  2.376   1.00 17.85 ? 279 TYR A CZ   1 
ATOM   1081 O OH   . TYR A 1 141 ? -3.841  -3.422  3.138   1.00 18.50 ? 279 TYR A OH   1 
ATOM   1082 H H    . TYR A 1 141 ? -3.189  -5.931  -2.098  1.00 0.00  ? 279 TYR A H    1 
ATOM   1083 H HH   . TYR A 1 141 ? -4.639  -3.760  3.548   1.00 0.00  ? 279 TYR A HH   1 
ATOM   1084 N N    . LYS A 1 142 ? -4.024  -9.310  -0.646  1.00 14.78 ? 280 LYS A N    1 
ATOM   1085 C CA   . LYS A 1 142 ? -5.358  -9.758  -0.362  1.00 13.34 ? 280 LYS A CA   1 
ATOM   1086 C C    . LYS A 1 142 ? -5.411  -10.205 1.077   1.00 11.53 ? 280 LYS A C    1 
ATOM   1087 O O    . LYS A 1 142 ? -4.382  -10.561 1.673   1.00 12.09 ? 280 LYS A O    1 
ATOM   1088 C CB   . LYS A 1 142 ? -5.729  -10.990 -1.176  1.00 14.01 ? 280 LYS A CB   1 
ATOM   1089 C CG   . LYS A 1 142 ? -6.109  -10.782 -2.617  1.00 17.28 ? 280 LYS A CG   1 
ATOM   1090 C CD   . LYS A 1 142 ? -6.469  -12.129 -3.242  1.00 22.44 ? 280 LYS A CD   1 
ATOM   1091 C CE   . LYS A 1 142 ? -7.088  -12.007 -4.613  1.00 24.64 ? 280 LYS A CE   1 
ATOM   1092 N NZ   . LYS A 1 142 ? -6.159  -11.455 -5.589  1.00 27.10 ? 280 LYS A NZ   1 
ATOM   1093 H H    . LYS A 1 142 ? -3.261  -9.935  -0.478  1.00 0.00  ? 280 LYS A H    1 
ATOM   1094 H HZ1  . LYS A 1 142 ? -5.341  -12.027 -5.642  1.00 0.00  ? 280 LYS A HZ1  1 
ATOM   1095 H HZ2  . LYS A 1 142 ? -6.594  -11.418 -6.484  1.00 0.00  ? 280 LYS A HZ2  1 
ATOM   1096 H HZ3  . LYS A 1 142 ? -5.891  -10.531 -5.313  1.00 0.00  ? 280 LYS A HZ3  1 
ATOM   1097 N N    . THR A 1 143 ? -6.596  -10.162 1.584   1.00 11.74 ? 281 THR A N    1 
ATOM   1098 C CA   . THR A 1 143 ? -6.884  -10.657 2.912   1.00 12.24 ? 281 THR A CA   1 
ATOM   1099 C C    . THR A 1 143 ? -7.925  -11.737 2.746   1.00 13.65 ? 281 THR A C    1 
ATOM   1100 O O    . THR A 1 143 ? -8.871  -11.596 1.961   1.00 14.06 ? 281 THR A O    1 
ATOM   1101 C CB   . THR A 1 143 ? -7.427  -9.542  3.806   1.00 11.65 ? 281 THR A CB   1 
ATOM   1102 O OG1  . THR A 1 143 ? -8.583  -8.970  3.216   1.00 10.05 ? 281 THR A OG1  1 
ATOM   1103 C CG2  . THR A 1 143 ? -6.422  -8.415  4.044   1.00 12.46 ? 281 THR A CG2  1 
ATOM   1104 H H    . THR A 1 143 ? -7.384  -9.791  1.097   1.00 0.00  ? 281 THR A H    1 
ATOM   1105 H HG1  . THR A 1 143 ? -9.171  -9.691  2.848   1.00 0.00  ? 281 THR A HG1  1 
ATOM   1106 N N    . LYS A 1 144 ? -7.733  -12.802 3.462   1.00 13.59 ? 282 LYS A N    1 
ATOM   1107 C CA   . LYS A 1 144 ? -8.683  -13.900 3.445   1.00 13.76 ? 282 LYS A CA   1 
ATOM   1108 C C    . LYS A 1 144 ? -9.760  -13.535 4.479   1.00 13.57 ? 282 LYS A C    1 
ATOM   1109 O O    . LYS A 1 144 ? -9.443  -13.106 5.586   1.00 13.77 ? 282 LYS A O    1 
ATOM   1110 C CB   . LYS A 1 144 ? -7.954  -15.189 3.826   1.00 15.68 ? 282 LYS A CB   1 
ATOM   1111 C CG   . LYS A 1 144 ? -8.897  -16.358 4.074   1.00 20.31 ? 282 LYS A CG   1 
ATOM   1112 C CD   . LYS A 1 144 ? -9.538  -16.880 2.791   1.00 24.40 ? 282 LYS A CD   1 
ATOM   1113 C CE   . LYS A 1 144 ? -10.676 -17.858 3.061   1.00 27.25 ? 282 LYS A CE   1 
ATOM   1114 N NZ   . LYS A 1 144 ? -10.395 -18.757 4.187   1.00 31.59 ? 282 LYS A NZ   1 
ATOM   1115 H H    . LYS A 1 144 ? -6.944  -12.920 4.066   1.00 0.00  ? 282 LYS A H    1 
ATOM   1116 H HZ1  . LYS A 1 144 ? -10.207 -18.224 5.012   1.00 0.00  ? 282 LYS A HZ1  1 
ATOM   1117 H HZ2  . LYS A 1 144 ? -11.182 -19.349 4.354   1.00 0.00  ? 282 LYS A HZ2  1 
ATOM   1118 H HZ3  . LYS A 1 144 ? -9.598  -19.324 3.979   1.00 0.00  ? 282 LYS A HZ3  1 
ATOM   1119 N N    . ILE A 1 145 ? -11.026 -13.643 4.101   1.00 15.01 ? 283 ILE A N    1 
ATOM   1120 C CA   . ILE A 1 145 ? -12.130 -13.363 5.009   1.00 15.12 ? 283 ILE A CA   1 
ATOM   1121 C C    . ILE A 1 145 ? -12.218 -14.560 5.977   1.00 17.95 ? 283 ILE A C    1 
ATOM   1122 O O    . ILE A 1 145 ? -12.171 -15.719 5.554   1.00 17.75 ? 283 ILE A O    1 
ATOM   1123 C CB   . ILE A 1 145 ? -13.440 -13.187 4.220   1.00 12.45 ? 283 ILE A CB   1 
ATOM   1124 C CG1  . ILE A 1 145 ? -13.303 -11.972 3.320   1.00 10.99 ? 283 ILE A CG1  1 
ATOM   1125 C CG2  . ILE A 1 145 ? -14.643 -13.058 5.147   1.00 11.96 ? 283 ILE A CG2  1 
ATOM   1126 C CD1  . ILE A 1 145 ? -14.527 -11.685 2.498   1.00 10.94 ? 283 ILE A CD1  1 
ATOM   1127 H H    . ILE A 1 145 ? -11.240 -13.965 3.208   1.00 0.00  ? 283 ILE A H    1 
ATOM   1128 N N    . THR A 1 146 ? -12.259 -14.269 7.277   1.00 20.04 ? 284 THR A N    1 
ATOM   1129 C CA   . THR A 1 146 ? -12.314 -15.294 8.330   1.00 21.08 ? 284 THR A CA   1 
ATOM   1130 C C    . THR A 1 146 ? -13.654 -15.307 9.069   1.00 21.86 ? 284 THR A C    1 
ATOM   1131 O O    . THR A 1 146 ? -13.916 -16.182 9.908   1.00 20.34 ? 284 THR A O    1 
ATOM   1132 C CB   . THR A 1 146 ? -11.195 -15.055 9.352   1.00 21.96 ? 284 THR A CB   1 
ATOM   1133 O OG1  . THR A 1 146 ? -11.318 -13.757 9.910   1.00 23.65 ? 284 THR A OG1  1 
ATOM   1134 C CG2  . THR A 1 146 ? -9.798  -15.160 8.735   1.00 22.65 ? 284 THR A CG2  1 
ATOM   1135 H H    . THR A 1 146 ? -12.225 -13.312 7.564   1.00 0.00  ? 284 THR A H    1 
ATOM   1136 H HG1  . THR A 1 146 ? -10.524 -13.557 10.481  1.00 0.00  ? 284 THR A HG1  1 
ATOM   1137 N N    . ASN A 1 147 ? -14.457 -14.333 8.742   1.00 22.16 ? 285 ASN A N    1 
ATOM   1138 C CA   . ASN A 1 147 ? -15.804 -14.185 9.283   1.00 23.52 ? 285 ASN A CA   1 
ATOM   1139 C C    . ASN A 1 147 ? -16.745 -14.061 8.100   1.00 25.19 ? 285 ASN A C    1 
ATOM   1140 O O    . ASN A 1 147 ? -16.932 -12.967 7.555   1.00 25.83 ? 285 ASN A O    1 
ATOM   1141 C CB   . ASN A 1 147 ? -15.867 -12.936 10.146  1.00 22.81 ? 285 ASN A CB   1 
ATOM   1142 C CG   . ASN A 1 147 ? -17.112 -12.867 11.021  1.00 22.40 ? 285 ASN A CG   1 
ATOM   1143 O OD1  . ASN A 1 147 ? -18.166 -13.370 10.628  1.00 24.76 ? 285 ASN A OD1  1 
ATOM   1144 N ND2  . ASN A 1 147 ? -17.031 -12.261 12.180  1.00 22.98 ? 285 ASN A ND2  1 
ATOM   1145 H H    . ASN A 1 147 ? -14.207 -13.617 8.096   1.00 0.00  ? 285 ASN A H    1 
ATOM   1146 H HD21 . ASN A 1 147 ? -17.832 -12.197 12.767  1.00 0.00  ? 285 ASN A HD21 1 
ATOM   1147 H HD22 . ASN A 1 147 ? -16.157 -11.868 12.469  1.00 0.00  ? 285 ASN A HD22 1 
ATOM   1148 N N    . GLU A 1 148 ? -17.296 -15.195 7.728   1.00 26.72 ? 286 GLU A N    1 
ATOM   1149 C CA   . GLU A 1 148 ? -18.178 -15.293 6.555   1.00 29.67 ? 286 GLU A CA   1 
ATOM   1150 C C    . GLU A 1 148 ? -19.463 -14.466 6.719   1.00 29.57 ? 286 GLU A C    1 
ATOM   1151 O O    . GLU A 1 148 ? -20.168 -14.175 5.745   1.00 29.58 ? 286 GLU A O    1 
ATOM   1152 C CB   . GLU A 1 148 ? -18.577 -16.754 6.293   1.00 32.06 ? 286 GLU A CB   1 
ATOM   1153 C CG   . GLU A 1 148 ? -17.405 -17.740 6.399   1.00 37.23 ? 286 GLU A CG   1 
ATOM   1154 C CD   . GLU A 1 148 ? -16.762 -18.094 5.047   1.00 39.15 ? 286 GLU A CD   1 
ATOM   1155 O OE1  . GLU A 1 148 ? -17.470 -18.105 3.969   1.00 40.29 ? 286 GLU A OE1  1 
ATOM   1156 O OE2  . GLU A 1 148 ? -15.504 -18.384 4.991   1.00 38.94 ? 286 GLU A OE2  1 
ATOM   1157 H H    . GLU A 1 148 ? -17.151 -16.055 8.218   1.00 0.00  ? 286 GLU A H    1 
ATOM   1158 N N    . GLN A 1 149 ? -19.761 -14.106 7.959   1.00 29.10 ? 287 GLN A N    1 
ATOM   1159 C CA   . GLN A 1 149 ? -20.961 -13.364 8.283   1.00 29.52 ? 287 GLN A CA   1 
ATOM   1160 C C    . GLN A 1 149 ? -20.813 -11.816 8.159   1.00 27.85 ? 287 GLN A C    1 
ATOM   1161 O O    . GLN A 1 149 ? -21.779 -11.094 7.908   1.00 27.96 ? 287 GLN A O    1 
ATOM   1162 C CB   . GLN A 1 149 ? -21.419 -13.811 9.688   1.00 33.55 ? 287 GLN A CB   1 
ATOM   1163 C CG   . GLN A 1 149 ? -21.989 -15.253 9.742   1.00 39.94 ? 287 GLN A CG   1 
ATOM   1164 C CD   . GLN A 1 149 ? -20.958 -16.400 9.542   1.00 44.54 ? 287 GLN A CD   1 
ATOM   1165 O OE1  . GLN A 1 149 ? -19.767 -16.236 9.824   1.00 45.44 ? 287 GLN A OE1  1 
ATOM   1166 N NE2  . GLN A 1 149 ? -21.380 -17.571 9.064   1.00 44.68 ? 287 GLN A NE2  1 
ATOM   1167 H H    . GLN A 1 149 ? -19.157 -14.350 8.717   1.00 0.00  ? 287 GLN A H    1 
ATOM   1168 H HE21 . GLN A 1 149 ? -20.737 -18.324 8.921   1.00 0.00  ? 287 GLN A HE21 1 
ATOM   1169 H HE22 . GLN A 1 149 ? -22.351 -17.697 8.844   1.00 0.00  ? 287 GLN A HE22 1 
ATOM   1170 N N    . GLN A 1 150 ? -19.591 -11.328 8.274   1.00 25.04 ? 288 GLN A N    1 
ATOM   1171 C CA   . GLN A 1 150 ? -19.298 -9.908  8.196   1.00 23.13 ? 288 GLN A CA   1 
ATOM   1172 C C    . GLN A 1 150 ? -19.654 -9.313  6.825   1.00 23.10 ? 288 GLN A C    1 
ATOM   1173 O O    . GLN A 1 150 ? -19.508 -9.957  5.800   1.00 20.68 ? 288 GLN A O    1 
ATOM   1174 C CB   . GLN A 1 150 ? -17.822 -9.735  8.494   1.00 22.05 ? 288 GLN A CB   1 
ATOM   1175 C CG   . GLN A 1 150 ? -17.337 -8.359  8.809   1.00 18.61 ? 288 GLN A CG   1 
ATOM   1176 C CD   . GLN A 1 150 ? -15.982 -8.443  9.405   1.00 16.31 ? 288 GLN A CD   1 
ATOM   1177 O OE1  . GLN A 1 150 ? -15.760 -9.234  10.314  1.00 16.72 ? 288 GLN A OE1  1 
ATOM   1178 N NE2  . GLN A 1 150 ? -15.048 -7.693  8.877   1.00 15.88 ? 288 GLN A NE2  1 
ATOM   1179 H H    . GLN A 1 150 ? -18.856 -11.963 8.389   1.00 0.00  ? 288 GLN A H    1 
ATOM   1180 H HE21 . GLN A 1 150 ? -14.140 -7.762  9.226   1.00 0.00  ? 288 GLN A HE21 1 
ATOM   1181 H HE22 . GLN A 1 150 ? -15.300 -7.099  8.139   1.00 0.00  ? 288 GLN A HE22 1 
ATOM   1182 N N    . LYS A 1 151 ? -20.144 -8.079  6.822   1.00 24.93 ? 289 LYS A N    1 
ATOM   1183 C CA   . LYS A 1 151 ? -20.534 -7.407  5.573   1.00 26.56 ? 289 LYS A CA   1 
ATOM   1184 C C    . LYS A 1 151 ? -19.584 -6.306  5.138   1.00 25.87 ? 289 LYS A C    1 
ATOM   1185 O O    . LYS A 1 151 ? -19.543 -5.955  3.967   1.00 27.25 ? 289 LYS A O    1 
ATOM   1186 C CB   . LYS A 1 151 ? -21.951 -6.835  5.673   1.00 27.67 ? 289 LYS A CB   1 
ATOM   1187 C CG   . LYS A 1 151 ? -23.047 -7.834  5.356   1.00 32.19 ? 289 LYS A CG   1 
ATOM   1188 C CD   . LYS A 1 151 ? -23.012 -8.224  3.876   1.00 35.50 ? 289 LYS A CD   1 
ATOM   1189 C CE   . LYS A 1 151 ? -24.139 -9.207  3.478   1.00 38.97 ? 289 LYS A CE   1 
ATOM   1190 N NZ   . LYS A 1 151 ? -23.957 -10.614 3.990   1.00 40.01 ? 289 LYS A NZ   1 
ATOM   1191 H H    . LYS A 1 151 ? -20.276 -7.627  7.679   1.00 0.00  ? 289 LYS A H    1 
ATOM   1192 H HZ1  . LYS A 1 151 ? -23.050 -10.984 3.639   1.00 0.00  ? 289 LYS A HZ1  1 
ATOM   1193 H HZ2  . LYS A 1 151 ? -23.954 -10.607 5.031   1.00 0.00  ? 289 LYS A HZ2  1 
ATOM   1194 H HZ3  . LYS A 1 151 ? -24.738 -11.211 3.649   1.00 0.00  ? 289 LYS A HZ3  1 
ATOM   1195 N N    . GLU A 1 152 ? -18.826 -5.751  6.080   1.00 24.61 ? 290 GLU A N    1 
ATOM   1196 C CA   . GLU A 1 152 ? -17.885 -4.684  5.767   1.00 22.67 ? 290 GLU A CA   1 
ATOM   1197 C C    . GLU A 1 152 ? -16.486 -5.007  6.262   1.00 19.10 ? 290 GLU A C    1 
ATOM   1198 O O    . GLU A 1 152 ? -16.299 -5.506  7.372   1.00 18.61 ? 290 GLU A O    1 
ATOM   1199 C CB   . GLU A 1 152 ? -18.360 -3.357  6.376   1.00 25.96 ? 290 GLU A CB   1 
ATOM   1200 C CG   . GLU A 1 152 ? -19.507 -2.673  5.614   1.00 31.16 ? 290 GLU A CG   1 
ATOM   1201 C CD   . GLU A 1 152 ? -20.049 -1.415  6.318   1.00 34.69 ? 290 GLU A CD   1 
ATOM   1202 O OE1  . GLU A 1 152 ? -19.615 -1.123  7.468   1.00 36.87 ? 290 GLU A OE1  1 
ATOM   1203 O OE2  . GLU A 1 152 ? -20.919 -0.726  5.722   1.00 36.66 ? 290 GLU A OE2  1 
ATOM   1204 H H    . GLU A 1 152 ? -18.867 -6.060  7.005   1.00 0.00  ? 290 GLU A H    1 
ATOM   1205 N N    . PHE A 1 153 ? -15.508 -4.761  5.410   1.00 14.91 ? 291 PHE A N    1 
ATOM   1206 C CA   . PHE A 1 153 ? -14.134 -5.007  5.748   1.00 13.29 ? 291 PHE A CA   1 
ATOM   1207 C C    . PHE A 1 153 ? -13.420 -3.683  5.571   1.00 12.98 ? 291 PHE A C    1 
ATOM   1208 O O    . PHE A 1 153 ? -13.495 -3.052  4.511   1.00 14.15 ? 291 PHE A O    1 
ATOM   1209 C CB   . PHE A 1 153 ? -13.559 -6.108  4.835   1.00 11.43 ? 291 PHE A CB   1 
ATOM   1210 C CG   . PHE A 1 153 ? -14.372 -7.383  4.994   1.00 12.23 ? 291 PHE A CG   1 
ATOM   1211 C CD1  . PHE A 1 153 ? -14.083 -8.260  6.040   1.00 11.05 ? 291 PHE A CD1  1 
ATOM   1212 C CD2  . PHE A 1 153 ? -15.416 -7.654  4.109   1.00 10.26 ? 291 PHE A CD2  1 
ATOM   1213 C CE1  . PHE A 1 153 ? -14.861 -9.405  6.221   1.00 10.15 ? 291 PHE A CE1  1 
ATOM   1214 C CE2  . PHE A 1 153 ? -16.202 -8.794  4.296   1.00 12.97 ? 291 PHE A CE2  1 
ATOM   1215 C CZ   . PHE A 1 153 ? -15.928 -9.668  5.355   1.00 9.40  ? 291 PHE A CZ   1 
ATOM   1216 H H    . PHE A 1 153 ? -15.719 -4.380  4.511   1.00 0.00  ? 291 PHE A H    1 
ATOM   1217 N N    . VAL A 1 154 ? -12.746 -3.244  6.605   1.00 13.03 ? 292 VAL A N    1 
ATOM   1218 C CA   . VAL A 1 154 ? -12.075 -1.951  6.516   1.00 13.51 ? 292 VAL A CA   1 
ATOM   1219 C C    . VAL A 1 154 ? -10.579 -2.099  6.725   1.00 12.91 ? 292 VAL A C    1 
ATOM   1220 O O    . VAL A 1 154 ? -10.102 -3.009  7.414   1.00 13.04 ? 292 VAL A O    1 
ATOM   1221 C CB   . VAL A 1 154 ? -12.680 -0.937  7.510   1.00 16.46 ? 292 VAL A CB   1 
ATOM   1222 C CG1  . VAL A 1 154 ? -13.852 -1.496  8.320   1.00 13.18 ? 292 VAL A CG1  1 
ATOM   1223 C CG2  . VAL A 1 154 ? -11.682 -0.407  8.540   1.00 17.51 ? 292 VAL A CG2  1 
ATOM   1224 H H    . VAL A 1 154 ? -12.659 -3.763  7.460   1.00 0.00  ? 292 VAL A H    1 
ATOM   1225 N N    . ASN A 1 155 ? -9.911  -1.191  6.085   1.00 11.45 ? 293 ASN A N    1 
ATOM   1226 C CA   . ASN A 1 155 ? -8.474  -1.072  6.132   1.00 11.26 ? 293 ASN A CA   1 
ATOM   1227 C C    . ASN A 1 155 ? -8.182  0.385   6.443   1.00 12.95 ? 293 ASN A C    1 
ATOM   1228 O O    . ASN A 1 155 ? -8.692  1.272   5.782   1.00 12.64 ? 293 ASN A O    1 
ATOM   1229 C CB   . ASN A 1 155 ? -7.893  -1.425  4.781   1.00 9.53  ? 293 ASN A CB   1 
ATOM   1230 C CG   . ASN A 1 155 ? -6.384  -1.483  4.818   1.00 10.84 ? 293 ASN A CG   1 
ATOM   1231 O OD1  . ASN A 1 155 ? -5.728  -0.923  3.946   1.00 15.20 ? 293 ASN A OD1  1 
ATOM   1232 N ND2  . ASN A 1 155 ? -5.794  -2.122  5.798   1.00 9.90  ? 293 ASN A ND2  1 
ATOM   1233 H H    . ASN A 1 155 ? -10.348 -0.495  5.515   1.00 0.00  ? 293 ASN A H    1 
ATOM   1234 H HD21 . ASN A 1 155 ? -4.803  -2.190  5.810   1.00 0.00  ? 293 ASN A HD21 1 
ATOM   1235 H HD22 . ASN A 1 155 ? -6.342  -2.528  6.528   1.00 0.00  ? 293 ASN A HD22 1 
ATOM   1236 N N    . ASN A 1 156 ? -7.423  0.632   7.497   1.00 14.41 ? 294 ASN A N    1 
ATOM   1237 C CA   . ASN A 1 156 ? -7.071  2.000   7.872   1.00 14.65 ? 294 ASN A CA   1 
ATOM   1238 C C    . ASN A 1 156 ? -5.595  2.213   7.524   1.00 15.18 ? 294 ASN A C    1 
ATOM   1239 O O    . ASN A 1 156 ? -4.825  1.256   7.525   1.00 15.63 ? 294 ASN A O    1 
ATOM   1240 C CB   . ASN A 1 156 ? -7.223  2.199   9.398   1.00 13.72 ? 294 ASN A CB   1 
ATOM   1241 C CG   . ASN A 1 156 ? -8.648  2.062   9.891   1.00 14.04 ? 294 ASN A CG   1 
ATOM   1242 O OD1  . ASN A 1 156 ? -9.612  2.177   9.139   1.00 16.23 ? 294 ASN A OD1  1 
ATOM   1243 N ND2  . ASN A 1 156 ? -8.789  1.820   11.183  1.00 16.59 ? 294 ASN A ND2  1 
ATOM   1244 H H    . ASN A 1 156 ? -7.068  -0.110  8.039   1.00 0.00  ? 294 ASN A H    1 
ATOM   1245 H HD21 . ASN A 1 156 ? -9.696  1.795   11.544  1.00 0.00  ? 294 ASN A HD21 1 
ATOM   1246 H HD22 . ASN A 1 156 ? -8.002  1.686   11.723  1.00 0.00  ? 294 ASN A HD22 1 
ATOM   1247 N N    . SER A 1 157 ? -5.197  3.446   7.212   1.00 14.32 ? 295 SER A N    1 
ATOM   1248 C CA   . SER A 1 157 ? -3.786  3.753   6.943   1.00 14.87 ? 295 SER A CA   1 
ATOM   1249 C C    . SER A 1 157 ? -3.481  5.207   7.286   1.00 14.69 ? 295 SER A C    1 
ATOM   1250 O O    . SER A 1 157 ? -4.396  6.029   7.323   1.00 16.27 ? 295 SER A O    1 
ATOM   1251 C CB   . SER A 1 157 ? -3.394  3.484   5.485   1.00 14.55 ? 295 SER A CB   1 
ATOM   1252 O OG   . SER A 1 157 ? -4.025  4.360   4.572   1.00 12.97 ? 295 SER A OG   1 
ATOM   1253 H H    . SER A 1 157 ? -5.803  4.208   7.166   1.00 0.00  ? 295 SER A H    1 
ATOM   1254 H HG   . SER A 1 157 ? -4.908  3.995   4.409   1.00 0.00  ? 295 SER A HG   1 
ATOM   1255 N N    . GLN A 1 158 ? -2.235  5.519   7.618   1.00 14.85 ? 296 GLN A N    1 
ATOM   1256 C CA   . GLN A 1 158 ? -1.884  6.916   7.899   1.00 16.33 ? 296 GLN A CA   1 
ATOM   1257 C C    . GLN A 1 158 ? -0.660  7.216   7.069   1.00 17.01 ? 296 GLN A C    1 
ATOM   1258 O O    . GLN A 1 158 ? 0.194   6.342   6.921   1.00 17.70 ? 296 GLN A O    1 
ATOM   1259 C CB   . GLN A 1 158 ? -1.597  7.159   9.383   1.00 15.96 ? 296 GLN A CB   1 
ATOM   1260 C CG   . GLN A 1 158 ? -2.764  6.811   10.299  1.00 16.78 ? 296 GLN A CG   1 
ATOM   1261 C CD   . GLN A 1 158 ? -2.832  5.297   10.586  1.00 17.66 ? 296 GLN A CD   1 
ATOM   1262 O OE1  . GLN A 1 158 ? -1.798  4.664   10.838  1.00 17.09 ? 296 GLN A OE1  1 
ATOM   1263 N NE2  . GLN A 1 158 ? -4.031  4.728   10.537  1.00 11.60 ? 296 GLN A NE2  1 
ATOM   1264 H H    . GLN A 1 158 ? -1.530  4.845   7.658   1.00 0.00  ? 296 GLN A H    1 
ATOM   1265 H HE21 . GLN A 1 158 ? -4.111  3.773   10.733  1.00 0.00  ? 296 GLN A HE21 1 
ATOM   1266 H HE22 . GLN A 1 158 ? -4.765  5.315   10.314  1.00 0.00  ? 296 GLN A HE22 1 
ATOM   1267 N N    . ALA A 1 159 ? -0.584  8.421   6.504   1.00 16.26 ? 297 ALA A N    1 
ATOM   1268 C CA   . ALA A 1 159 ? 0.549   8.812   5.659   1.00 15.65 ? 297 ALA A CA   1 
ATOM   1269 C C    . ALA A 1 159 ? 1.298   10.064  6.129   1.00 15.23 ? 297 ALA A C    1 
ATOM   1270 O O    . ALA A 1 159 ? 0.716   10.991  6.702   1.00 14.67 ? 297 ALA A O    1 
ATOM   1271 C CB   . ALA A 1 159 ? 0.080   9.016   4.229   1.00 16.23 ? 297 ALA A CB   1 
ATOM   1272 H H    . ALA A 1 159 ? -1.319  9.079   6.661   1.00 0.00  ? 297 ALA A H    1 
ATOM   1273 N N    . TRP A 1 160 ? 2.593   10.000  5.844   1.00 15.11 ? 298 TRP A N    1 
ATOM   1274 C CA   . TRP A 1 160 ? 3.568   11.063  6.112   1.00 15.43 ? 298 TRP A CA   1 
ATOM   1275 C C    . TRP A 1 160 ? 4.408   11.235  4.843   1.00 15.52 ? 298 TRP A C    1 
ATOM   1276 O O    . TRP A 1 160 ? 5.138   10.325  4.435   1.00 12.74 ? 298 TRP A O    1 
ATOM   1277 C CB   . TRP A 1 160 ? 4.489   10.663  7.285   1.00 18.58 ? 298 TRP A CB   1 
ATOM   1278 C CG   . TRP A 1 160 ? 3.782   10.639  8.651   1.00 21.39 ? 298 TRP A CG   1 
ATOM   1279 C CD1  . TRP A 1 160 ? 3.750   11.620  9.569   1.00 23.47 ? 298 TRP A CD1  1 
ATOM   1280 C CD2  . TRP A 1 160 ? 3.034   9.542   9.168   1.00 23.30 ? 298 TRP A CD2  1 
ATOM   1281 N NE1  . TRP A 1 160 ? 2.959   11.145  10.667  1.00 23.73 ? 298 TRP A NE1  1 
ATOM   1282 C CE2  . TRP A 1 160 ? 2.546   9.932   10.410  1.00 24.21 ? 298 TRP A CE2  1 
ATOM   1283 C CE3  . TRP A 1 160 ? 2.721   8.265   8.686   1.00 24.07 ? 298 TRP A CE3  1 
ATOM   1284 C CZ2  . TRP A 1 160 ? 1.741   9.117   11.213  1.00 22.97 ? 298 TRP A CZ2  1 
ATOM   1285 C CZ3  . TRP A 1 160 ? 1.911   7.447   9.503   1.00 23.49 ? 298 TRP A CZ3  1 
ATOM   1286 C CH2  . TRP A 1 160 ? 1.444   7.855   10.707  1.00 23.44 ? 298 TRP A CH2  1 
ATOM   1287 H H    . TRP A 1 160 ? 3.018   9.206   5.410   1.00 0.00  ? 298 TRP A H    1 
ATOM   1288 H HE1  . TRP A 1 160 ? 2.894   11.840  11.381  1.00 0.00  ? 298 TRP A HE1  1 
ATOM   1289 N N    . TYR A 1 161 ? 4.277   12.393  4.222   1.00 15.31 ? 299 TYR A N    1 
ATOM   1290 C CA   . TYR A 1 161 ? 5.016   12.692  2.981   1.00 14.30 ? 299 TYR A CA   1 
ATOM   1291 C C    . TYR A 1 161 ? 4.983   14.186  2.678   1.00 15.09 ? 299 TYR A C    1 
ATOM   1292 O O    . TYR A 1 161 ? 4.287   14.938  3.349   1.00 14.48 ? 299 TYR A O    1 
ATOM   1293 C CB   . TYR A 1 161 ? 4.416   11.942  1.780   1.00 12.27 ? 299 TYR A CB   1 
ATOM   1294 C CG   . TYR A 1 161 ? 2.932   12.248  1.516   1.00 12.95 ? 299 TYR A CG   1 
ATOM   1295 C CD1  . TYR A 1 161 ? 2.556   13.334  0.706   1.00 9.64  ? 299 TYR A CD1  1 
ATOM   1296 C CD2  . TYR A 1 161 ? 1.946   11.433  2.075   1.00 13.35 ? 299 TYR A CD2  1 
ATOM   1297 C CE1  . TYR A 1 161 ? 1.200   13.596  0.466   1.00 9.74  ? 299 TYR A CE1  1 
ATOM   1298 C CE2  . TYR A 1 161 ? 0.594   11.696  1.834   1.00 12.71 ? 299 TYR A CE2  1 
ATOM   1299 C CZ   . TYR A 1 161 ? 0.217   12.775  1.032   1.00 9.78  ? 299 TYR A CZ   1 
ATOM   1300 O OH   . TYR A 1 161 ? -1.105  13.009  0.813   1.00 13.05 ? 299 TYR A OH   1 
ATOM   1301 H H    . TYR A 1 161 ? 3.686   13.127  4.555   1.00 0.00  ? 299 TYR A H    1 
ATOM   1302 H HH   . TYR A 1 161 ? -1.223  13.858  0.306   1.00 0.00  ? 299 TYR A HH   1 
ATOM   1303 N N    . GLN A 1 162 ? 5.726   14.588  1.654   1.00 14.00 ? 300 GLN A N    1 
ATOM   1304 C CA   . GLN A 1 162 ? 5.735   15.973  1.196   1.00 15.58 ? 300 GLN A CA   1 
ATOM   1305 C C    . GLN A 1 162 ? 6.158   16.069  -0.253  1.00 14.31 ? 300 GLN A C    1 
ATOM   1306 O O    . GLN A 1 162 ? 7.279   15.686  -0.604  1.00 12.17 ? 300 GLN A O    1 
ATOM   1307 C CB   . GLN A 1 162 ? 6.638   16.880  2.037   1.00 17.28 ? 300 GLN A CB   1 
ATOM   1308 C CG   . GLN A 1 162 ? 6.692   18.316  1.451   1.00 19.67 ? 300 GLN A CG   1 
ATOM   1309 C CD   . GLN A 1 162 ? 7.464   19.314  2.296   1.00 21.24 ? 300 GLN A CD   1 
ATOM   1310 O OE1  . GLN A 1 162 ? 8.495   18.995  2.875   1.00 21.31 ? 300 GLN A OE1  1 
ATOM   1311 N NE2  . GLN A 1 162 ? 6.968   20.541  2.346   1.00 22.58 ? 300 GLN A NE2  1 
ATOM   1312 H H    . GLN A 1 162 ? 6.271   13.934  1.174   1.00 0.00  ? 300 GLN A H    1 
ATOM   1313 H HE21 . GLN A 1 162 ? 7.458   21.194  2.877   1.00 0.00  ? 300 GLN A HE21 1 
ATOM   1314 H HE22 . GLN A 1 162 ? 6.144   20.734  1.852   1.00 0.00  ? 300 GLN A HE22 1 
ATOM   1315 N N    . GLU A 1 163 ? 5.243   16.528  -1.104  1.00 15.11 ? 301 GLU A N    1 
ATOM   1316 C CA   . GLU A 1 163 ? 5.577   16.691  -2.508  1.00 16.31 ? 301 GLU A CA   1 
ATOM   1317 C C    . GLU A 1 163 ? 6.338   17.985  -2.575  1.00 17.61 ? 301 GLU A C    1 
ATOM   1318 O O    . GLU A 1 163 ? 6.190   18.842  -1.708  1.00 16.91 ? 301 GLU A O    1 
ATOM   1319 C CB   . GLU A 1 163 ? 4.356   16.867  -3.372  1.00 15.71 ? 301 GLU A CB   1 
ATOM   1320 C CG   . GLU A 1 163 ? 3.439   15.671  -3.404  1.00 18.21 ? 301 GLU A CG   1 
ATOM   1321 C CD   . GLU A 1 163 ? 2.245   15.945  -4.291  1.00 18.77 ? 301 GLU A CD   1 
ATOM   1322 O OE1  . GLU A 1 163 ? 2.386   15.915  -5.569  1.00 21.40 ? 301 GLU A OE1  1 
ATOM   1323 O OE2  . GLU A 1 163 ? 1.109   16.223  -3.761  1.00 20.32 ? 301 GLU A OE2  1 
ATOM   1324 H H    . GLU A 1 163 ? 4.338   16.804  -0.783  1.00 0.00  ? 301 GLU A H    1 
ATOM   1325 N N    . HIS A 1 164 ? 7.108   18.127  -3.641  1.00 18.53 ? 302 HIS A N    1 
ATOM   1326 C CA   . HIS A 1 164 ? 7.910   19.307  -3.907  1.00 19.49 ? 302 HIS A CA   1 
ATOM   1327 C C    . HIS A 1 164 ? 7.030   20.575  -3.967  1.00 20.11 ? 302 HIS A C    1 
ATOM   1328 O O    . HIS A 1 164 ? 6.094   20.654  -4.771  1.00 19.32 ? 302 HIS A O    1 
ATOM   1329 C CB   . HIS A 1 164 ? 8.586   19.090  -5.253  1.00 19.18 ? 302 HIS A CB   1 
ATOM   1330 C CG   . HIS A 1 164 ? 9.626   20.102  -5.594  1.00 19.59 ? 302 HIS A CG   1 
ATOM   1331 N ND1  . HIS A 1 164 ? 9.899   20.464  -6.895  1.00 20.98 ? 302 HIS A ND1  1 
ATOM   1332 C CD2  . HIS A 1 164 ? 10.488  20.804  -4.819  1.00 21.17 ? 302 HIS A CD2  1 
ATOM   1333 C CE1  . HIS A 1 164 ? 10.889  21.341  -6.912  1.00 21.85 ? 302 HIS A CE1  1 
ATOM   1334 N NE2  . HIS A 1 164 ? 11.262  21.566  -5.663  1.00 21.67 ? 302 HIS A NE2  1 
ATOM   1335 H H    . HIS A 1 164 ? 7.129   17.382  -4.280  1.00 0.00  ? 302 HIS A H    1 
ATOM   1336 H HD1  . HIS A 1 164 ? 9.387   20.166  -7.667  1.00 0.00  ? 302 HIS A HD1  1 
ATOM   1337 H HE2  . HIS A 1 164 ? 12.000  22.166  -5.389  1.00 0.00  ? 302 HIS A HE2  1 
ATOM   1338 N N    . GLY A 1 165 ? 7.320   21.546  -3.102  1.00 21.72 ? 303 GLY A N    1 
ATOM   1339 C CA   . GLY A 1 165 ? 6.569   22.796  -3.090  1.00 23.28 ? 303 GLY A CA   1 
ATOM   1340 C C    . GLY A 1 165 ? 5.188   22.804  -2.452  1.00 23.83 ? 303 GLY A C    1 
ATOM   1341 O O    . GLY A 1 165 ? 4.482   23.815  -2.494  1.00 24.41 ? 303 GLY A O    1 
ATOM   1342 H H    . GLY A 1 165 ? 8.018   21.418  -2.432  1.00 0.00  ? 303 GLY A H    1 
ATOM   1343 N N    . LYS A 1 166 ? 4.790   21.693  -1.853  1.00 22.85 ? 304 LYS A N    1 
ATOM   1344 C CA   . LYS A 1 166 ? 3.490   21.629  -1.232  1.00 22.41 ? 304 LYS A CA   1 
ATOM   1345 C C    . LYS A 1 166 ? 3.635   21.448  0.254   1.00 22.33 ? 304 LYS A C    1 
ATOM   1346 O O    . LYS A 1 166 ? 4.753   21.343  0.767   1.00 21.09 ? 304 LYS A O    1 
ATOM   1347 C CB   . LYS A 1 166 ? 2.642   20.541  -1.868  1.00 23.09 ? 304 LYS A CB   1 
ATOM   1348 C CG   . LYS A 1 166 ? 2.417   20.829  -3.333  1.00 24.41 ? 304 LYS A CG   1 
ATOM   1349 C CD   . LYS A 1 166 ? 1.361   19.959  -3.928  1.00 27.96 ? 304 LYS A CD   1 
ATOM   1350 C CE   . LYS A 1 166 ? 1.082   20.399  -5.356  1.00 30.54 ? 304 LYS A CE   1 
ATOM   1351 N NZ   . LYS A 1 166 ? 0.004   19.585  -5.985  1.00 34.26 ? 304 LYS A NZ   1 
ATOM   1352 H H    . LYS A 1 166 ? 5.380   20.915  -1.789  1.00 0.00  ? 304 LYS A H    1 
ATOM   1353 H HZ1  . LYS A 1 166 ? 0.282   18.582  -5.988  1.00 0.00  ? 304 LYS A HZ1  1 
ATOM   1354 H HZ2  . LYS A 1 166 ? -0.878  19.700  -5.445  1.00 0.00  ? 304 LYS A HZ2  1 
ATOM   1355 H HZ3  . LYS A 1 166 ? -0.145  19.908  -6.962  1.00 0.00  ? 304 LYS A HZ3  1 
ATOM   1356 N N    . GLU A 1 167 ? 2.515   21.539  0.959   1.00 24.79 ? 305 GLU A N    1 
ATOM   1357 C CA   . GLU A 1 167 ? 2.536   21.395  2.403   1.00 27.38 ? 305 GLU A CA   1 
ATOM   1358 C C    . GLU A 1 167 ? 2.762   19.948  2.784   1.00 26.15 ? 305 GLU A C    1 
ATOM   1359 O O    . GLU A 1 167 ? 2.309   19.027  2.111   1.00 24.89 ? 305 GLU A O    1 
ATOM   1360 C CB   . GLU A 1 167 ? 1.238   21.906  3.021   1.00 30.72 ? 305 GLU A CB   1 
ATOM   1361 C CG   . GLU A 1 167 ? 1.020   23.388  2.807   1.00 38.22 ? 305 GLU A CG   1 
ATOM   1362 C CD   . GLU A 1 167 ? -0.445  23.801  2.976   1.00 41.74 ? 305 GLU A CD   1 
ATOM   1363 O OE1  . GLU A 1 167 ? -1.274  23.426  2.102   1.00 43.29 ? 305 GLU A OE1  1 
ATOM   1364 O OE2  . GLU A 1 167 ? -0.759  24.504  3.972   1.00 43.70 ? 305 GLU A OE2  1 
ATOM   1365 H H    . GLU A 1 167 ? 1.671   21.699  0.490   1.00 0.00  ? 305 GLU A H    1 
ATOM   1366 N N    . GLU A 1 168 ? 3.563   19.786  3.817   1.00 25.09 ? 306 GLU A N    1 
ATOM   1367 C CA   . GLU A 1 168 ? 3.901   18.509  4.373   1.00 25.06 ? 306 GLU A CA   1 
ATOM   1368 C C    . GLU A 1 168 ? 2.642   17.836  4.863   1.00 23.35 ? 306 GLU A C    1 
ATOM   1369 O O    . GLU A 1 168 ? 1.728   18.486  5.367   1.00 23.03 ? 306 GLU A O    1 
ATOM   1370 C CB   . GLU A 1 168 ? 4.813   18.753  5.542   1.00 26.12 ? 306 GLU A CB   1 
ATOM   1371 C CG   . GLU A 1 168 ? 5.335   17.534  6.177   1.00 33.27 ? 306 GLU A CG   1 
ATOM   1372 C CD   . GLU A 1 168 ? 6.141   17.860  7.409   1.00 36.83 ? 306 GLU A CD   1 
ATOM   1373 O OE1  . GLU A 1 168 ? 5.686   18.735  8.183   1.00 39.48 ? 306 GLU A OE1  1 
ATOM   1374 O OE2  . GLU A 1 168 ? 7.218   17.245  7.609   1.00 39.48 ? 306 GLU A OE2  1 
ATOM   1375 H H    . GLU A 1 168 ? 3.947   20.574  4.234   1.00 0.00  ? 306 GLU A H    1 
ATOM   1376 N N    . VAL A 1 169 ? 2.555   16.542  4.635   1.00 22.50 ? 307 VAL A N    1 
ATOM   1377 C CA   . VAL A 1 169 ? 1.422   15.771  5.105   1.00 21.59 ? 307 VAL A CA   1 
ATOM   1378 C C    . VAL A 1 169 ? 1.934   14.865  6.222   1.00 22.69 ? 307 VAL A C    1 
ATOM   1379 O O    . VAL A 1 169 ? 2.943   14.183  6.066   1.00 21.69 ? 307 VAL A O    1 
ATOM   1380 C CB   . VAL A 1 169 ? 0.787   14.979  3.970   1.00 19.95 ? 307 VAL A CB   1 
ATOM   1381 C CG1  . VAL A 1 169 ? -0.154  13.911  4.515   1.00 19.27 ? 307 VAL A CG1  1 
ATOM   1382 C CG2  . VAL A 1 169 ? 0.042   15.923  3.089   1.00 16.65 ? 307 VAL A CG2  1 
ATOM   1383 H H    . VAL A 1 169 ? 3.281   16.095  4.188   1.00 0.00  ? 307 VAL A H    1 
ATOM   1384 N N    . ASN A 1 170 ? 1.284   14.935  7.377   1.00 25.43 ? 308 ASN A N    1 
ATOM   1385 C CA   . ASN A 1 170 ? 1.688   14.136  8.526   1.00 27.36 ? 308 ASN A CA   1 
ATOM   1386 C C    . ASN A 1 170 ? 0.549   13.468  9.284   1.00 26.91 ? 308 ASN A C    1 
ATOM   1387 O O    . ASN A 1 170 ? -0.316  14.146  9.860   1.00 27.19 ? 308 ASN A O    1 
ATOM   1388 C CB   . ASN A 1 170 ? 2.500   14.974  9.516   1.00 30.71 ? 308 ASN A CB   1 
ATOM   1389 C CG   . ASN A 1 170 ? 3.937   15.135  9.100   1.00 35.26 ? 308 ASN A CG   1 
ATOM   1390 O OD1  . ASN A 1 170 ? 4.455   14.388  8.249   1.00 38.92 ? 308 ASN A OD1  1 
ATOM   1391 N ND2  . ASN A 1 170 ? 4.607   16.110  9.699   1.00 36.89 ? 308 ASN A ND2  1 
ATOM   1392 H H    . ASN A 1 170 ? 0.521   15.544  7.464   1.00 0.00  ? 308 ASN A H    1 
ATOM   1393 H HD21 . ASN A 1 170 ? 5.539   16.225  9.417   1.00 0.00  ? 308 ASN A HD21 1 
ATOM   1394 H HD22 . ASN A 1 170 ? 4.159   16.662  10.368  1.00 0.00  ? 308 ASN A HD22 1 
ATOM   1395 N N    . GLY A 1 171 ? 0.563   12.136  9.281   1.00 25.32 ? 309 GLY A N    1 
ATOM   1396 C CA   . GLY A 1 171 ? -0.431  11.366  9.999   1.00 22.74 ? 309 GLY A CA   1 
ATOM   1397 C C    . GLY A 1 171 ? -1.815  11.376  9.423   1.00 22.01 ? 309 GLY A C    1 
ATOM   1398 O O    . GLY A 1 171 ? -2.725  10.804  10.007  1.00 23.90 ? 309 GLY A O    1 
ATOM   1399 H H    . GLY A 1 171 ? 1.244   11.662  8.758   1.00 0.00  ? 309 GLY A H    1 
ATOM   1400 N N    . LYS A 1 172 ? -1.999  11.991  8.271   1.00 20.96 ? 310 LYS A N    1 
ATOM   1401 C CA   . LYS A 1 172 ? -3.319  12.024  7.689   1.00 20.58 ? 310 LYS A CA   1 
ATOM   1402 C C    . LYS A 1 172 ? -3.833  10.596  7.442   1.00 20.68 ? 310 LYS A C    1 
ATOM   1403 O O    . LYS A 1 172 ? -3.075  9.705   7.061   1.00 18.69 ? 310 LYS A O    1 
ATOM   1404 C CB   . LYS A 1 172 ? -3.307  12.816  6.395   1.00 21.67 ? 310 LYS A CB   1 
ATOM   1405 C CG   . LYS A 1 172 ? -4.698  13.121  5.895   1.00 26.63 ? 310 LYS A CG   1 
ATOM   1406 C CD   . LYS A 1 172 ? -4.676  13.993  4.643   1.00 31.58 ? 310 LYS A CD   1 
ATOM   1407 C CE   . LYS A 1 172 ? -6.079  14.493  4.267   1.00 34.80 ? 310 LYS A CE   1 
ATOM   1408 N NZ   . LYS A 1 172 ? -7.079  13.416  3.974   1.00 37.68 ? 310 LYS A NZ   1 
ATOM   1409 H H    . LYS A 1 172 ? -1.234  12.392  7.820   1.00 0.00  ? 310 LYS A H    1 
ATOM   1410 H HZ1  . LYS A 1 172 ? -7.197  12.807  4.808   1.00 0.00  ? 310 LYS A HZ1  1 
ATOM   1411 H HZ2  . LYS A 1 172 ? -7.988  13.856  3.729   1.00 0.00  ? 310 LYS A HZ2  1 
ATOM   1412 H HZ3  . LYS A 1 172 ? -6.738  12.846  3.174   1.00 0.00  ? 310 LYS A HZ3  1 
ATOM   1413 N N    . SER A 1 173 ? -5.127  10.408  7.663   1.00 20.17 ? 311 SER A N    1 
ATOM   1414 C CA   . SER A 1 173 ? -5.780  9.133   7.487   1.00 19.25 ? 311 SER A CA   1 
ATOM   1415 C C    . SER A 1 173 ? -6.422  8.974   6.114   1.00 18.99 ? 311 SER A C    1 
ATOM   1416 O O    . SER A 1 173 ? -7.124  9.869   5.627   1.00 19.04 ? 311 SER A O    1 
ATOM   1417 C CB   . SER A 1 173 ? -6.878  8.948   8.536   1.00 19.42 ? 311 SER A CB   1 
ATOM   1418 O OG   . SER A 1 173 ? -6.306  8.572   9.776   1.00 20.07 ? 311 SER A OG   1 
ATOM   1419 H H    . SER A 1 173 ? -5.695  11.182  7.942   1.00 0.00  ? 311 SER A H    1 
ATOM   1420 H HG   . SER A 1 173 ? -5.621  9.244   10.049  1.00 0.00  ? 311 SER A HG   1 
ATOM   1421 N N    . PHE A 1 174 ? -6.137  7.812   5.575   1.00 17.99 ? 312 PHE A N    1 
ATOM   1422 C CA   . PHE A 1 174 ? -6.667  7.338   4.301   1.00 17.03 ? 312 PHE A CA   1 
ATOM   1423 C C    . PHE A 1 174 ? -7.155  5.917   4.537   1.00 17.62 ? 312 PHE A C    1 
ATOM   1424 O O    . PHE A 1 174 ? -6.410  4.945   4.373   1.00 18.57 ? 312 PHE A O    1 
ATOM   1425 C CB   . PHE A 1 174 ? -5.575  7.357   3.223   1.00 15.09 ? 312 PHE A CB   1 
ATOM   1426 C CG   . PHE A 1 174 ? -4.972  8.746   3.006   1.00 14.90 ? 312 PHE A CG   1 
ATOM   1427 C CD1  . PHE A 1 174 ? -3.880  9.157   3.774   1.00 13.88 ? 312 PHE A CD1  1 
ATOM   1428 C CD2  . PHE A 1 174 ? -5.514  9.604   2.041   1.00 14.31 ? 312 PHE A CD2  1 
ATOM   1429 C CE1  . PHE A 1 174 ? -3.336  10.434  3.592   1.00 15.62 ? 312 PHE A CE1  1 
ATOM   1430 C CE2  . PHE A 1 174 ? -4.967  10.880  1.856   1.00 15.30 ? 312 PHE A CE2  1 
ATOM   1431 C CZ   . PHE A 1 174 ? -3.880  11.297  2.635   1.00 12.79 ? 312 PHE A CZ   1 
ATOM   1432 H H    . PHE A 1 174 ? -5.524  7.148   6.001   1.00 0.00  ? 312 PHE A H    1 
ATOM   1433 N N    . ASN A 1 175 ? -8.396  5.826   4.942   1.00 17.20 ? 313 ASN A N    1 
ATOM   1434 C CA   . ASN A 1 175 ? -9.013  4.536   5.241   1.00 18.13 ? 313 ASN A CA   1 
ATOM   1435 C C    . ASN A 1 175 ? -9.904  4.160   4.099   1.00 19.62 ? 313 ASN A C    1 
ATOM   1436 O O    . ASN A 1 175 ? -10.204 5.008   3.238   1.00 20.89 ? 313 ASN A O    1 
ATOM   1437 C CB   . ASN A 1 175 ? -9.889  4.623   6.492   1.00 16.45 ? 313 ASN A CB   1 
ATOM   1438 C CG   . ASN A 1 175 ? -9.188  5.318   7.637   1.00 15.70 ? 313 ASN A CG   1 
ATOM   1439 O OD1  . ASN A 1 175 ? -9.840  5.978   8.443   1.00 17.80 ? 313 ASN A OD1  1 
ATOM   1440 N ND2  . ASN A 1 175 ? -7.890  5.193   7.743   1.00 12.59 ? 313 ASN A ND2  1 
ATOM   1441 H H    . ASN A 1 175 ? -8.996  6.621   5.048   1.00 0.00  ? 313 ASN A H    1 
ATOM   1442 H HD21 . ASN A 1 175 ? -7.408  5.661   8.476   1.00 0.00  ? 313 ASN A HD21 1 
ATOM   1443 H HD22 . ASN A 1 175 ? -7.393  4.624   7.087   1.00 0.00  ? 313 ASN A HD22 1 
ATOM   1444 N N    . HIS A 1 176 ? -10.300 2.885   4.071   1.00 17.83 ? 314 HIS A N    1 
ATOM   1445 C CA   . HIS A 1 176 ? -11.222 2.389   3.068   1.00 16.99 ? 314 HIS A CA   1 
ATOM   1446 C C    . HIS A 1 176 ? -12.022 1.218   3.621   1.00 16.99 ? 314 HIS A C    1 
ATOM   1447 O O    . HIS A 1 176 ? -11.518 0.425   4.415   1.00 16.61 ? 314 HIS A O    1 
ATOM   1448 C CB   . HIS A 1 176 ? -10.531 2.024   1.740   1.00 16.10 ? 314 HIS A CB   1 
ATOM   1449 C CG   . HIS A 1 176 ? -11.485 1.899   0.586   1.00 16.99 ? 314 HIS A CG   1 
ATOM   1450 N ND1  . HIS A 1 176 ? -11.913 0.687   0.086   1.00 18.02 ? 314 HIS A ND1  1 
ATOM   1451 C CD2  . HIS A 1 176 ? -12.120 2.845   -0.150  1.00 16.73 ? 314 HIS A CD2  1 
ATOM   1452 C CE1  . HIS A 1 176 ? -12.766 0.889   -0.904  1.00 16.89 ? 314 HIS A CE1  1 
ATOM   1453 N NE2  . HIS A 1 176 ? -12.908 2.191   -1.065  1.00 18.08 ? 314 HIS A NE2  1 
ATOM   1454 H H    . HIS A 1 176 ? -9.963  2.251   4.739   1.00 0.00  ? 314 HIS A H    1 
ATOM   1455 H HD1  . HIS A 1 176 ? -11.630 -0.207  0.383   1.00 0.00  ? 314 HIS A HD1  1 
ATOM   1456 H HE2  . HIS A 1 176 ? -13.480 2.628   -1.738  1.00 0.00  ? 314 HIS A HE2  1 
ATOM   1457 N N    . THR A 1 177 ? -13.298 1.175   3.249   1.00 17.40 ? 315 THR A N    1 
ATOM   1458 C CA   . THR A 1 177 ? -14.208 0.118   3.664   1.00 19.10 ? 315 THR A CA   1 
ATOM   1459 C C    . THR A 1 177 ? -14.753 -0.573  2.422   1.00 20.03 ? 315 THR A C    1 
ATOM   1460 O O    . THR A 1 177 ? -15.279 0.097   1.525   1.00 19.22 ? 315 THR A O    1 
ATOM   1461 C CB   . THR A 1 177 ? -15.385 0.692   4.477   1.00 17.49 ? 315 THR A CB   1 
ATOM   1462 O OG1  . THR A 1 177 ? -14.871 1.331   5.649   1.00 20.01 ? 315 THR A OG1  1 
ATOM   1463 C CG2  . THR A 1 177 ? -16.318 -0.405  4.918   1.00 15.73 ? 315 THR A CG2  1 
ATOM   1464 H H    . THR A 1 177 ? -13.682 1.872   2.684   1.00 0.00  ? 315 THR A H    1 
ATOM   1465 H HG1  . THR A 1 177 ? -14.169 1.945   5.410   1.00 0.00  ? 315 THR A HG1  1 
ATOM   1466 N N    . VAL A 1 178 ? -14.541 -1.885  2.322   1.00 20.38 ? 316 VAL A N    1 
ATOM   1467 C CA   . VAL A 1 178 ? -15.071 -2.640  1.203   1.00 22.29 ? 316 VAL A CA   1 
ATOM   1468 C C    . VAL A 1 178 ? -16.392 -3.175  1.687   1.00 25.64 ? 316 VAL A C    1 
ATOM   1469 O O    . VAL A 1 178 ? -16.480 -3.705  2.797   1.00 25.66 ? 316 VAL A O    1 
ATOM   1470 C CB   . VAL A 1 178 ? -14.164 -3.781  0.794   1.00 20.31 ? 316 VAL A CB   1 
ATOM   1471 C CG1  . VAL A 1 178 ? -14.911 -4.734  -0.119  1.00 19.76 ? 316 VAL A CG1  1 
ATOM   1472 C CG2  . VAL A 1 178 ? -12.967 -3.226  0.062   1.00 19.89 ? 316 VAL A CG2  1 
ATOM   1473 H H    . VAL A 1 178 ? -14.032 -2.363  2.994   1.00 0.00  ? 316 VAL A H    1 
ATOM   1474 N N    . HIS A 1 179 ? -17.433 -2.961  0.893   1.00 30.32 ? 317 HIS A N    1 
ATOM   1475 C CA   . HIS A 1 179 ? -18.770 -3.402  1.257   1.00 36.61 ? 317 HIS A CA   1 
ATOM   1476 C C    . HIS A 1 179 ? -19.086 -4.736  0.641   1.00 40.48 ? 317 HIS A C    1 
ATOM   1477 O O    . HIS A 1 179 ? -18.440 -5.172  -0.317  1.00 41.69 ? 317 HIS A O    1 
ATOM   1478 C CB   . HIS A 1 179 ? -19.834 -2.373  0.854   1.00 38.17 ? 317 HIS A CB   1 
ATOM   1479 C CG   . HIS A 1 179 ? -19.663 -1.042  1.523   1.00 40.17 ? 317 HIS A CG   1 
ATOM   1480 N ND1  . HIS A 1 179 ? -18.976 0.005   0.938   1.00 40.88 ? 317 HIS A ND1  1 
ATOM   1481 C CD2  . HIS A 1 179 ? -20.022 -0.613  2.756   1.00 40.20 ? 317 HIS A CD2  1 
ATOM   1482 C CE1  . HIS A 1 179 ? -18.912 1.015   1.788   1.00 41.53 ? 317 HIS A CE1  1 
ATOM   1483 N NE2  . HIS A 1 179 ? -19.540 0.665   2.899   1.00 41.06 ? 317 HIS A NE2  1 
ATOM   1484 H H    . HIS A 1 179 ? -17.277 -2.576  0.017   1.00 0.00  ? 317 HIS A H    1 
ATOM   1485 H HD1  . HIS A 1 179 ? -18.547 0.010   0.051   1.00 0.00  ? 317 HIS A HD1  1 
ATOM   1486 H HE2  . HIS A 1 179 ? -19.643 1.237   3.696   1.00 0.00  ? 317 HIS A HE2  1 
ATOM   1487 N N    . ASN A 1 180 ? -20.112 -5.358  1.190   1.00 45.33 ? 318 ASN A N    1 
ATOM   1488 C CA   . ASN A 1 180 ? -20.570 -6.667  0.760   1.00 49.28 ? 318 ASN A CA   1 
ATOM   1489 C C    . ASN A 1 180 ? -22.098 -6.697  1.026   1.00 50.86 ? 318 ASN A C    1 
ATOM   1490 O O    . ASN A 1 180 ? -22.648 -5.639  1.449   1.00 51.69 ? 318 ASN A O    1 
ATOM   1491 C CB   . ASN A 1 180 ? -19.820 -7.728  1.590   1.00 50.25 ? 318 ASN A CB   1 
ATOM   1492 C CG   . ASN A 1 180 ? -19.953 -9.128  1.033   1.00 51.52 ? 318 ASN A CG   1 
ATOM   1493 O OD1  . ASN A 1 180 ? -19.701 -9.374  -0.157  1.00 52.57 ? 318 ASN A OD1  1 
ATOM   1494 N ND2  . ASN A 1 180 ? -20.304 -10.072 1.905   1.00 51.38 ? 318 ASN A ND2  1 
ATOM   1495 O OXT  . ASN A 1 180 ? -22.735 -7.758  0.804   1.00 53.30 ? 318 ASN A OXT  1 
ATOM   1496 H H    . ASN A 1 180 ? -20.657 -4.981  1.913   1.00 0.00  ? 318 ASN A H    1 
ATOM   1497 H HD21 . ASN A 1 180 ? -20.387 -10.979 1.566   1.00 0.00  ? 318 ASN A HD21 1 
ATOM   1498 H HD22 . ASN A 1 180 ? -20.456 -9.803  2.833   1.00 0.00  ? 318 ASN A HD22 1 
HETATM 1499 O O    . HOH B 2 .   ? -7.887  10.821  -11.893 1.00 46.80 ? 319 HOH A O    1 
HETATM 1500 H H1   . HOH B 2 .   ? -8.629  10.735  -12.498 1.00 0.00  ? 319 HOH A H1   1 
HETATM 1501 H H2   . HOH B 2 .   ? -7.997  10.047  -11.336 1.00 0.00  ? 319 HOH A H2   1 
HETATM 1502 O O    . HOH B 2 .   ? -2.425  14.899  -2.818  1.00 31.14 ? 320 HOH A O    1 
HETATM 1503 H H1   . HOH B 2 .   ? -3.336  14.955  -2.515  1.00 0.00  ? 320 HOH A H1   1 
HETATM 1504 H H2   . HOH B 2 .   ? -1.993  15.608  -2.337  1.00 0.00  ? 320 HOH A H2   1 
HETATM 1505 O O    . HOH B 2 .   ? -1.854  15.708  -0.204  1.00 39.17 ? 321 HOH A O    1 
HETATM 1506 H H1   . HOH B 2 .   ? -1.643  16.573  0.153   1.00 0.00  ? 321 HOH A H1   1 
HETATM 1507 H H2   . HOH B 2 .   ? -2.814  15.673  -0.166  1.00 0.00  ? 321 HOH A H2   1 
HETATM 1508 O O    . HOH B 2 .   ? -3.099  11.941  -0.852  1.00 10.81 ? 322 HOH A O    1 
HETATM 1509 H H1   . HOH B 2 .   ? -3.577  11.111  -0.734  1.00 0.00  ? 322 HOH A H1   1 
HETATM 1510 H H2   . HOH B 2 .   ? -2.616  12.050  -0.025  1.00 0.00  ? 322 HOH A H2   1 
HETATM 1511 O O    . HOH B 2 .   ? 1.715   12.188  -7.003  1.00 13.17 ? 323 HOH A O    1 
HETATM 1512 H H1   . HOH B 2 .   ? 2.650   12.201  -6.780  1.00 0.00  ? 323 HOH A H1   1 
HETATM 1513 H H2   . HOH B 2 .   ? 1.429   13.087  -6.809  1.00 0.00  ? 323 HOH A H2   1 
HETATM 1514 O O    . HOH B 2 .   ? -4.998  14.216  -1.088  1.00 51.97 ? 324 HOH A O    1 
HETATM 1515 H H1   . HOH B 2 .   ? -4.464  13.429  -0.958  1.00 0.00  ? 324 HOH A H1   1 
HETATM 1516 H H2   . HOH B 2 .   ? -5.783  14.041  -0.564  1.00 0.00  ? 324 HOH A H2   1 
HETATM 1517 O O    . HOH B 2 .   ? -7.675  20.944  -10.556 1.00 53.40 ? 325 HOH A O    1 
HETATM 1518 H H1   . HOH B 2 .   ? -8.547  20.694  -10.247 1.00 0.00  ? 325 HOH A H1   1 
HETATM 1519 H H2   . HOH B 2 .   ? -7.169  20.131  -10.507 1.00 0.00  ? 325 HOH A H2   1 
HETATM 1520 O O    . HOH B 2 .   ? -16.620 -3.494  -4.323  1.00 37.95 ? 326 HOH A O    1 
HETATM 1521 H H1   . HOH B 2 .   ? -16.684 -3.774  -5.238  1.00 0.00  ? 326 HOH A H1   1 
HETATM 1522 H H2   . HOH B 2 .   ? -17.153 -4.139  -3.853  1.00 0.00  ? 326 HOH A H2   1 
HETATM 1523 O O    . HOH B 2 .   ? -12.316 -11.054 -4.166  1.00 31.30 ? 327 HOH A O    1 
HETATM 1524 H H1   . HOH B 2 .   ? -12.294 -10.813 -3.231  1.00 0.00  ? 327 HOH A H1   1 
HETATM 1525 H H2   . HOH B 2 .   ? -12.990 -11.744 -4.165  1.00 0.00  ? 327 HOH A H2   1 
HETATM 1526 O O    . HOH B 2 .   ? -9.175  -13.584 -7.830  1.00 53.67 ? 328 HOH A O    1 
HETATM 1527 H H1   . HOH B 2 .   ? -8.262  -13.304 -7.776  1.00 0.00  ? 328 HOH A H1   1 
HETATM 1528 H H2   . HOH B 2 .   ? -9.569  -13.257 -7.020  1.00 0.00  ? 328 HOH A H2   1 
HETATM 1529 O O    . HOH B 2 .   ? -18.240 -17.053 -6.038  1.00 48.90 ? 329 HOH A O    1 
HETATM 1530 H H1   . HOH B 2 .   ? -17.337 -16.945 -5.728  1.00 0.00  ? 329 HOH A H1   1 
HETATM 1531 H H2   . HOH B 2 .   ? -18.491 -16.176 -6.337  1.00 0.00  ? 329 HOH A H2   1 
HETATM 1532 O O    . HOH B 2 .   ? -5.929  -17.211 1.347   1.00 58.08 ? 330 HOH A O    1 
HETATM 1533 H H1   . HOH B 2 .   ? -5.729  -16.996 2.265   1.00 0.00  ? 330 HOH A H1   1 
HETATM 1534 H H2   . HOH B 2 .   ? -5.350  -17.961 1.186   1.00 0.00  ? 330 HOH A H2   1 
HETATM 1535 O O    . HOH B 2 .   ? 0.194   4.497   -7.864  1.00 28.06 ? 331 HOH A O    1 
HETATM 1536 H H1   . HOH B 2 .   ? -0.596  5.046   -7.880  1.00 0.00  ? 331 HOH A H1   1 
HETATM 1537 H H2   . HOH B 2 .   ? 0.661   4.811   -7.089  1.00 0.00  ? 331 HOH A H2   1 
HETATM 1538 O O    . HOH B 2 .   ? 7.842   16.990  -9.673  1.00 47.20 ? 332 HOH A O    1 
HETATM 1539 H H1   . HOH B 2 .   ? 6.981   17.415  -9.715  1.00 0.00  ? 332 HOH A H1   1 
HETATM 1540 H H2   . HOH B 2 .   ? 7.887   16.497  -10.493 1.00 0.00  ? 332 HOH A H2   1 
HETATM 1541 O O    . HOH B 2 .   ? 11.555  18.240  -10.061 1.00 32.28 ? 333 HOH A O    1 
HETATM 1542 H H1   . HOH B 2 .   ? 11.961  17.386  -10.264 1.00 0.00  ? 333 HOH A H1   1 
HETATM 1543 H H2   . HOH B 2 .   ? 11.834  18.799  -10.789 1.00 0.00  ? 333 HOH A H2   1 
HETATM 1544 O O    . HOH B 2 .   ? 21.090  12.177  1.672   1.00 58.12 ? 334 HOH A O    1 
HETATM 1545 H H1   . HOH B 2 .   ? 20.596  12.828  2.175   1.00 0.00  ? 334 HOH A H1   1 
HETATM 1546 H H2   . HOH B 2 .   ? 21.666  11.772  2.321   1.00 0.00  ? 334 HOH A H2   1 
HETATM 1547 O O    . HOH B 2 .   ? 7.500   12.300  1.191   1.00 22.68 ? 335 HOH A O    1 
HETATM 1548 H H1   . HOH B 2 .   ? 7.504   11.708  1.948   1.00 0.00  ? 335 HOH A H1   1 
HETATM 1549 H H2   . HOH B 2 .   ? 8.368   12.133  0.809   1.00 0.00  ? 335 HOH A H2   1 
HETATM 1550 O O    . HOH B 2 .   ? 16.780  13.975  3.741   1.00 59.07 ? 336 HOH A O    1 
HETATM 1551 H H1   . HOH B 2 .   ? 17.014  13.960  4.671   1.00 0.00  ? 336 HOH A H1   1 
HETATM 1552 H H2   . HOH B 2 .   ? 16.506  14.879  3.587   1.00 0.00  ? 336 HOH A H2   1 
HETATM 1553 O O    . HOH B 2 .   ? 0.845   -0.269  11.226  1.00 28.29 ? 337 HOH A O    1 
HETATM 1554 H H1   . HOH B 2 .   ? 0.924   -0.719  10.379  1.00 0.00  ? 337 HOH A H1   1 
HETATM 1555 H H2   . HOH B 2 .   ? 1.677   -0.434  11.673  1.00 0.00  ? 337 HOH A H2   1 
HETATM 1556 O O    . HOH B 2 .   ? -6.488  1.885   12.818  1.00 25.10 ? 338 HOH A O    1 
HETATM 1557 H H1   . HOH B 2 .   ? -6.372  1.301   13.572  1.00 0.00  ? 338 HOH A H1   1 
HETATM 1558 H H2   . HOH B 2 .   ? -5.671  1.774   12.323  1.00 0.00  ? 338 HOH A H2   1 
HETATM 1559 O O    . HOH B 2 .   ? -4.198  -4.218  12.644  1.00 28.36 ? 339 HOH A O    1 
HETATM 1560 H H1   . HOH B 2 .   ? -3.764  -5.076  12.595  1.00 0.00  ? 339 HOH A H1   1 
HETATM 1561 H H2   . HOH B 2 .   ? -4.993  -4.354  12.117  1.00 0.00  ? 339 HOH A H2   1 
HETATM 1562 O O    . HOH B 2 .   ? -3.880  -4.953  15.654  1.00 56.94 ? 340 HOH A O    1 
HETATM 1563 H H1   . HOH B 2 .   ? -3.703  -5.765  15.176  1.00 0.00  ? 340 HOH A H1   1 
HETATM 1564 H H2   . HOH B 2 .   ? -4.228  -4.377  14.970  1.00 0.00  ? 340 HOH A H2   1 
HETATM 1565 O O    . HOH B 2 .   ? -6.585  -0.520  14.584  1.00 49.21 ? 341 HOH A O    1 
HETATM 1566 H H1   . HOH B 2 .   ? -7.520  -0.698  14.501  1.00 0.00  ? 341 HOH A H1   1 
HETATM 1567 H H2   . HOH B 2 .   ? -6.208  -1.021  13.858  1.00 0.00  ? 341 HOH A H2   1 
HETATM 1568 O O    . HOH B 2 .   ? -11.057 -3.019  16.521  1.00 19.60 ? 342 HOH A O    1 
HETATM 1569 H H1   . HOH B 2 .   ? -11.923 -2.658  16.745  1.00 0.00  ? 342 HOH A H1   1 
HETATM 1570 H H2   . HOH B 2 .   ? -10.830 -3.530  17.300  1.00 0.00  ? 342 HOH A H2   1 
HETATM 1571 O O    . HOH B 2 .   ? -10.766 -4.633  14.064  1.00 28.96 ? 343 HOH A O    1 
HETATM 1572 H H1   . HOH B 2 .   ? -10.859 -5.396  14.640  1.00 0.00  ? 343 HOH A H1   1 
HETATM 1573 H H2   . HOH B 2 .   ? -10.731 -3.901  14.687  1.00 0.00  ? 343 HOH A H2   1 
HETATM 1574 O O    . HOH B 2 .   ? -12.743 -4.991  9.062   1.00 13.86 ? 344 HOH A O    1 
HETATM 1575 H H1   . HOH B 2 .   ? -12.910 -5.853  9.461   1.00 0.00  ? 344 HOH A H1   1 
HETATM 1576 H H2   . HOH B 2 .   ? -11.926 -5.151  8.582   1.00 0.00  ? 344 HOH A H2   1 
HETATM 1577 O O    . HOH B 2 .   ? -15.846 -3.661  10.320  1.00 38.66 ? 345 HOH A O    1 
HETATM 1578 H H1   . HOH B 2 .   ? -15.041 -4.086  10.018  1.00 0.00  ? 345 HOH A H1   1 
HETATM 1579 H H2   . HOH B 2 .   ? -15.739 -3.598  11.269  1.00 0.00  ? 345 HOH A H2   1 
HETATM 1580 O O    . HOH B 2 .   ? -12.622 -13.703 12.324  1.00 27.76 ? 346 HOH A O    1 
HETATM 1581 H H1   . HOH B 2 .   ? -12.739 -14.591 12.669  1.00 0.00  ? 346 HOH A H1   1 
HETATM 1582 H H2   . HOH B 2 .   ? -12.377 -13.846 11.405  1.00 0.00  ? 346 HOH A H2   1 
HETATM 1583 O O    . HOH B 2 .   ? -0.149  -3.762  -7.609  1.00 38.16 ? 347 HOH A O    1 
HETATM 1584 H H1   . HOH B 2 .   ? -0.767  -3.025  -7.572  1.00 0.00  ? 347 HOH A H1   1 
HETATM 1585 H H2   . HOH B 2 .   ? 0.557   -3.473  -7.028  1.00 0.00  ? 347 HOH A H2   1 
HETATM 1586 O O    . HOH B 2 .   ? 5.507   -1.841  -13.967 1.00 32.65 ? 348 HOH A O    1 
HETATM 1587 H H1   . HOH B 2 .   ? 6.066   -1.285  -13.419 1.00 0.00  ? 348 HOH A H1   1 
HETATM 1588 H H2   . HOH B 2 .   ? 4.860   -2.177  -13.333 1.00 0.00  ? 348 HOH A H2   1 
HETATM 1589 O O    . HOH B 2 .   ? 2.745   1.896   -10.307 1.00 19.15 ? 349 HOH A O    1 
HETATM 1590 H H1   . HOH B 2 .   ? 1.918   2.375   -10.224 1.00 0.00  ? 349 HOH A H1   1 
HETATM 1591 H H2   . HOH B 2 .   ? 3.039   1.748   -9.405  1.00 0.00  ? 349 HOH A H2   1 
HETATM 1592 O O    . HOH B 2 .   ? 2.770   2.616   -17.957 1.00 50.40 ? 350 HOH A O    1 
HETATM 1593 H H1   . HOH B 2 .   ? 3.207   3.458   -17.835 1.00 0.00  ? 350 HOH A H1   1 
HETATM 1594 H H2   . HOH B 2 .   ? 1.926   2.725   -17.516 1.00 0.00  ? 350 HOH A H2   1 
HETATM 1595 O O    . HOH B 2 .   ? 0.907   4.298   -12.425 1.00 52.71 ? 351 HOH A O    1 
HETATM 1596 H H1   . HOH B 2 .   ? 1.837   4.413   -12.637 1.00 0.00  ? 351 HOH A H1   1 
HETATM 1597 H H2   . HOH B 2 .   ? 0.705   5.062   -11.882 1.00 0.00  ? 351 HOH A H2   1 
HETATM 1598 O O    . HOH B 2 .   ? 18.628  5.485   -10.799 1.00 30.99 ? 352 HOH A O    1 
HETATM 1599 H H1   . HOH B 2 .   ? 18.974  6.290   -11.197 1.00 0.00  ? 352 HOH A H1   1 
HETATM 1600 H H2   . HOH B 2 .   ? 19.258  4.835   -11.122 1.00 0.00  ? 352 HOH A H2   1 
HETATM 1601 O O    . HOH B 2 .   ? 13.815  0.827   -15.065 1.00 56.73 ? 353 HOH A O    1 
HETATM 1602 H H1   . HOH B 2 .   ? 14.424  0.599   -15.772 1.00 0.00  ? 353 HOH A H1   1 
HETATM 1603 H H2   . HOH B 2 .   ? 13.469  -0.023  -14.782 1.00 0.00  ? 353 HOH A H2   1 
HETATM 1604 O O    . HOH B 2 .   ? 10.006  -10.104 -7.682  1.00 34.69 ? 354 HOH A O    1 
HETATM 1605 H H1   . HOH B 2 .   ? 10.049  -10.090 -8.640  1.00 0.00  ? 354 HOH A H1   1 
HETATM 1606 H H2   . HOH B 2 .   ? 10.529  -9.342  -7.423  1.00 0.00  ? 354 HOH A H2   1 
HETATM 1607 O O    . HOH B 2 .   ? 6.937   -3.764  -15.587 1.00 44.85 ? 355 HOH A O    1 
HETATM 1608 H H1   . HOH B 2 .   ? 6.425   -4.402  -15.093 1.00 0.00  ? 355 HOH A H1   1 
HETATM 1609 H H2   . HOH B 2 .   ? 6.632   -2.920  -15.238 1.00 0.00  ? 355 HOH A H2   1 
HETATM 1610 O O    . HOH B 2 .   ? 9.814   -10.502 -10.819 1.00 49.71 ? 356 HOH A O    1 
HETATM 1611 H H1   . HOH B 2 .   ? 9.060   -9.909  -10.856 1.00 0.00  ? 356 HOH A H1   1 
HETATM 1612 H H2   . HOH B 2 .   ? 10.221  -10.385 -11.680 1.00 0.00  ? 356 HOH A H2   1 
HETATM 1613 O O    . HOH B 2 .   ? 7.471   -11.329 -0.006  1.00 29.58 ? 357 HOH A O    1 
HETATM 1614 H H1   . HOH B 2 .   ? 6.547   -11.490 -0.225  1.00 0.00  ? 357 HOH A H1   1 
HETATM 1615 H H2   . HOH B 2 .   ? 7.811   -12.206 0.181   1.00 0.00  ? 357 HOH A H2   1 
HETATM 1616 O O    . HOH B 2 .   ? 12.866  -16.299 -3.767  1.00 38.21 ? 358 HOH A O    1 
HETATM 1617 H H1   . HOH B 2 .   ? 12.208  -15.796 -4.255  1.00 0.00  ? 358 HOH A H1   1 
HETATM 1618 H H2   . HOH B 2 .   ? 12.356  -17.015 -3.382  1.00 0.00  ? 358 HOH A H2   1 
HETATM 1619 O O    . HOH B 2 .   ? 16.503  -1.529  1.916   1.00 46.81 ? 359 HOH A O    1 
HETATM 1620 H H1   . HOH B 2 .   ? 16.358  -2.106  1.159   1.00 0.00  ? 359 HOH A H1   1 
HETATM 1621 H H2   . HOH B 2 .   ? 15.633  -1.447  2.320   1.00 0.00  ? 359 HOH A H2   1 
HETATM 1622 O O    . HOH B 2 .   ? 8.629   -8.394  10.226  1.00 50.32 ? 360 HOH A O    1 
HETATM 1623 H H1   . HOH B 2 .   ? 8.387   -9.302  10.405  1.00 0.00  ? 360 HOH A H1   1 
HETATM 1624 H H2   . HOH B 2 .   ? 7.793   -7.981  9.992   1.00 0.00  ? 360 HOH A H2   1 
HETATM 1625 O O    . HOH B 2 .   ? 4.156   -4.124  10.217  1.00 27.34 ? 361 HOH A O    1 
HETATM 1626 H H1   . HOH B 2 .   ? 3.293   -4.509  10.388  1.00 0.00  ? 361 HOH A H1   1 
HETATM 1627 H H2   . HOH B 2 .   ? 4.277   -4.230  9.269   1.00 0.00  ? 361 HOH A H2   1 
HETATM 1628 O O    . HOH B 2 .   ? -4.988  -16.984 4.390   1.00 58.44 ? 362 HOH A O    1 
HETATM 1629 H H1   . HOH B 2 .   ? -4.640  -16.455 5.111   1.00 0.00  ? 362 HOH A H1   1 
HETATM 1630 H H2   . HOH B 2 .   ? -4.274  -17.599 4.220   1.00 0.00  ? 362 HOH A H2   1 
HETATM 1631 O O    . HOH B 2 .   ? 2.296   -8.822  17.954  1.00 40.63 ? 363 HOH A O    1 
HETATM 1632 H H1   . HOH B 2 .   ? 1.982   -8.248  18.652  1.00 0.00  ? 363 HOH A H1   1 
HETATM 1633 H H2   . HOH B 2 .   ? 3.225   -8.599  17.874  1.00 0.00  ? 363 HOH A H2   1 
HETATM 1634 O O    . HOH B 2 .   ? -0.638  5.575   13.065  1.00 42.25 ? 364 HOH A O    1 
HETATM 1635 H H1   . HOH B 2 .   ? -0.850  5.123   12.241  1.00 0.00  ? 364 HOH A H1   1 
HETATM 1636 H H2   . HOH B 2 .   ? -1.403  6.133   13.205  1.00 0.00  ? 364 HOH A H2   1 
HETATM 1637 O O    . HOH B 2 .   ? 18.614  11.923  -1.823  1.00 47.87 ? 365 HOH A O    1 
HETATM 1638 H H1   . HOH B 2 .   ? 18.790  11.843  -0.885  1.00 0.00  ? 365 HOH A H1   1 
HETATM 1639 H H2   . HOH B 2 .   ? 17.794  12.432  -1.856  1.00 0.00  ? 365 HOH A H2   1 
HETATM 1640 O O    . HOH B 2 .   ? 19.801  10.006  -3.594  1.00 54.20 ? 366 HOH A O    1 
HETATM 1641 H H1   . HOH B 2 .   ? 19.244  10.488  -2.976  1.00 0.00  ? 366 HOH A H1   1 
HETATM 1642 H H2   . HOH B 2 .   ? 20.653  10.431  -3.497  1.00 0.00  ? 366 HOH A H2   1 
HETATM 1643 O O    . HOH B 2 .   ? 17.117  13.193  -5.167  1.00 43.22 ? 367 HOH A O    1 
HETATM 1644 H H1   . HOH B 2 .   ? 16.417  12.707  -5.613  1.00 0.00  ? 367 HOH A H1   1 
HETATM 1645 H H2   . HOH B 2 .   ? 16.734  13.412  -4.313  1.00 0.00  ? 367 HOH A H2   1 
HETATM 1646 O O    . HOH B 2 .   ? 16.134  11.832  -7.526  1.00 45.22 ? 368 HOH A O    1 
HETATM 1647 H H1   . HOH B 2 .   ? 15.757  11.019  -7.181  1.00 0.00  ? 368 HOH A H1   1 
HETATM 1648 H H2   . HOH B 2 .   ? 16.190  11.663  -8.471  1.00 0.00  ? 368 HOH A H2   1 
HETATM 1649 O O    . HOH B 2 .   ? -18.065 -10.959 -4.182  1.00 40.85 ? 369 HOH A O    1 
HETATM 1650 H H1   . HOH B 2 .   ? -18.293 -10.346 -3.481  1.00 0.00  ? 369 HOH A H1   1 
HETATM 1651 H H2   . HOH B 2 .   ? -17.105 -10.956 -4.197  1.00 0.00  ? 369 HOH A H2   1 
HETATM 1652 O O    . HOH B 2 .   ? -12.257 -2.374  -10.683 1.00 52.30 ? 370 HOH A O    1 
HETATM 1653 H H1   . HOH B 2 .   ? -13.042 -2.765  -11.069 1.00 0.00  ? 370 HOH A H1   1 
HETATM 1654 H H2   . HOH B 2 .   ? -12.628 -1.817  -9.994  1.00 0.00  ? 370 HOH A H2   1 
HETATM 1655 O O    . HOH B 2 .   ? -11.913 3.398   9.764   1.00 32.88 ? 371 HOH A O    1 
HETATM 1656 H H1   . HOH B 2 .   ? -11.360 3.980   10.290  1.00 0.00  ? 371 HOH A H1   1 
HETATM 1657 H H2   . HOH B 2 .   ? -11.261 2.794   9.389   1.00 0.00  ? 371 HOH A H2   1 
HETATM 1658 O O    . HOH B 2 .   ? -4.421  6.529   14.111  1.00 49.91 ? 372 HOH A O    1 
HETATM 1659 H H1   . HOH B 2 .   ? -4.884  5.825   13.655  1.00 0.00  ? 372 HOH A H1   1 
HETATM 1660 H H2   . HOH B 2 .   ? -5.023  6.784   14.813  1.00 0.00  ? 372 HOH A H2   1 
HETATM 1661 O O    . HOH B 2 .   ? 2.797   17.290  0.180   1.00 22.91 ? 373 HOH A O    1 
HETATM 1662 H H1   . HOH B 2 .   ? 2.734   17.966  0.868   1.00 0.00  ? 373 HOH A H1   1 
HETATM 1663 H H2   . HOH B 2 .   ? 2.051   16.718  0.367   1.00 0.00  ? 373 HOH A H2   1 
HETATM 1664 O O    . HOH B 2 .   ? 4.106   22.320  5.177   1.00 44.15 ? 374 HOH A O    1 
HETATM 1665 H H1   . HOH B 2 .   ? 3.479   22.582  5.857   1.00 0.00  ? 374 HOH A H1   1 
HETATM 1666 H H2   . HOH B 2 .   ? 4.441   23.149  4.834   1.00 0.00  ? 374 HOH A H2   1 
HETATM 1667 O O    . HOH B 2 .   ? 5.510   18.907  -6.819  1.00 41.18 ? 375 HOH A O    1 
HETATM 1668 H H1   . HOH B 2 .   ? 5.511   19.544  -6.094  1.00 0.00  ? 375 HOH A H1   1 
HETATM 1669 H H2   . HOH B 2 .   ? 4.608   18.921  -7.134  1.00 0.00  ? 375 HOH A H2   1 
HETATM 1670 O O    . HOH B 2 .   ? 8.803   21.289  -0.553  1.00 37.17 ? 376 HOH A O    1 
HETATM 1671 H H1   . HOH B 2 .   ? 8.888   22.209  -0.296  1.00 0.00  ? 376 HOH A H1   1 
HETATM 1672 H H2   . HOH B 2 .   ? 8.086   20.968  -0.001  1.00 0.00  ? 376 HOH A H2   1 
HETATM 1673 O O    . HOH B 2 .   ? 5.148   17.585  -10.368 1.00 38.41 ? 377 HOH A O    1 
HETATM 1674 H H1   . HOH B 2 .   ? 4.546   18.116  -9.842  1.00 0.00  ? 377 HOH A H1   1 
HETATM 1675 H H2   . HOH B 2 .   ? 4.585   16.908  -10.750 1.00 0.00  ? 377 HOH A H2   1 
HETATM 1676 O O    . HOH B 2 .   ? 9.320   19.349  -9.343  1.00 31.93 ? 378 HOH A O    1 
HETATM 1677 H H1   . HOH B 2 .   ? 8.531   19.200  -9.870  1.00 0.00  ? 378 HOH A H1   1 
HETATM 1678 H H2   . HOH B 2 .   ? 9.970   18.783  -9.768  1.00 0.00  ? 378 HOH A H2   1 
HETATM 1679 O O    . HOH B 2 .   ? -1.798  23.854  8.218   1.00 56.25 ? 379 HOH A O    1 
HETATM 1680 H H1   . HOH B 2 .   ? -2.214  23.074  8.589   1.00 0.00  ? 379 HOH A H1   1 
HETATM 1681 H H2   . HOH B 2 .   ? -2.052  24.563  8.809   1.00 0.00  ? 379 HOH A H2   1 
HETATM 1682 O O    . HOH B 2 .   ? -8.323  10.874  12.555  1.00 56.82 ? 380 HOH A O    1 
HETATM 1683 H H1   . HOH B 2 .   ? -7.716  10.429  11.959  1.00 0.00  ? 380 HOH A H1   1 
HETATM 1684 H H2   . HOH B 2 .   ? -9.000  10.216  12.725  1.00 0.00  ? 380 HOH A H2   1 
HETATM 1685 O O    . HOH B 2 .   ? -6.652  5.684   10.060  1.00 22.38 ? 381 HOH A O    1 
HETATM 1686 H H1   . HOH B 2 .   ? -6.540  6.642   10.087  1.00 0.00  ? 381 HOH A H1   1 
HETATM 1687 H H2   . HOH B 2 .   ? -7.039  5.491   10.921  1.00 0.00  ? 381 HOH A H2   1 
HETATM 1688 O O    . HOH B 2 .   ? -8.570  6.917   0.500   1.00 48.96 ? 382 HOH A O    1 
HETATM 1689 H H1   . HOH B 2 .   ? -8.811  6.115   0.033   1.00 0.00  ? 382 HOH A H1   1 
HETATM 1690 H H2   . HOH B 2 .   ? -8.818  6.721   1.406   1.00 0.00  ? 382 HOH A H2   1 
HETATM 1691 O O    . HOH B 2 .   ? -14.695 -0.919  -3.485  1.00 29.16 ? 383 HOH A O    1 
HETATM 1692 H H1   . HOH B 2 .   ? -15.165 -1.755  -3.495  1.00 0.00  ? 383 HOH A H1   1 
HETATM 1693 H H2   . HOH B 2 .   ? -13.773 -1.192  -3.408  1.00 0.00  ? 383 HOH A H2   1 
HETATM 1694 O O    . HOH B 2 .   ? -20.587 -13.687 -6.362  1.00 32.29 ? 384 HOH A O    1 
HETATM 1695 H H1   . HOH B 2 .   ? -20.421 -13.030 -5.686  1.00 0.00  ? 384 HOH A H1   1 
HETATM 1696 H H2   . HOH B 2 .   ? -19.706 -13.889 -6.692  1.00 0.00  ? 384 HOH A H2   1 
HETATM 1697 O O    . HOH B 2 .   ? -12.581 -5.450  -11.294 1.00 55.88 ? 385 HOH A O    1 
HETATM 1698 H H1   . HOH B 2 .   ? -12.814 -4.825  -11.979 1.00 0.00  ? 385 HOH A H1   1 
HETATM 1699 H H2   . HOH B 2 .   ? -12.429 -6.271  -11.764 1.00 0.00  ? 385 HOH A H2   1 
HETATM 1700 O O    . HOH B 2 .   ? -19.971 -17.957 -3.525  1.00 62.70 ? 386 HOH A O    1 
HETATM 1701 H H1   . HOH B 2 .   ? -19.634 -17.739 -4.401  1.00 0.00  ? 386 HOH A H1   1 
HETATM 1702 H H2   . HOH B 2 .   ? -20.921 -17.869 -3.615  1.00 0.00  ? 386 HOH A H2   1 
HETATM 1703 O O    . HOH B 2 .   ? -11.572 -18.457 -3.122  1.00 46.72 ? 387 HOH A O    1 
HETATM 1704 H H1   . HOH B 2 .   ? -12.320 -19.051 -3.005  1.00 0.00  ? 387 HOH A H1   1 
HETATM 1705 H H2   . HOH B 2 .   ? -11.333 -18.595 -4.040  1.00 0.00  ? 387 HOH A H2   1 
HETATM 1706 O O    . HOH B 2 .   ? -12.921 -18.389 4.930   1.00 44.59 ? 388 HOH A O    1 
HETATM 1707 H H1   . HOH B 2 .   ? -13.049 -18.535 5.871   1.00 0.00  ? 388 HOH A H1   1 
HETATM 1708 H H2   . HOH B 2 .   ? -12.544 -17.501 4.913   1.00 0.00  ? 388 HOH A H2   1 
HETATM 1709 O O    . HOH B 2 .   ? -2.784  -9.883  -4.684  1.00 39.01 ? 389 HOH A O    1 
HETATM 1710 H H1   . HOH B 2 .   ? -1.855  -9.943  -4.432  1.00 0.00  ? 389 HOH A H1   1 
HETATM 1711 H H2   . HOH B 2 .   ? -2.805  -9.050  -5.161  1.00 0.00  ? 389 HOH A H2   1 
HETATM 1712 O O    . HOH B 2 .   ? -5.129  -8.167  -7.115  1.00 46.92 ? 390 HOH A O    1 
HETATM 1713 H H1   . HOH B 2 .   ? -4.765  -8.839  -7.689  1.00 0.00  ? 390 HOH A H1   1 
HETATM 1714 H H2   . HOH B 2 .   ? -4.417  -7.997  -6.487  1.00 0.00  ? 390 HOH A H2   1 
HETATM 1715 O O    . HOH B 2 .   ? 7.481   3.852   10.307  1.00 48.72 ? 391 HOH A O    1 
HETATM 1716 H H1   . HOH B 2 .   ? 7.687   3.365   9.507   1.00 0.00  ? 391 HOH A H1   1 
HETATM 1717 H H2   . HOH B 2 .   ? 7.982   4.662   10.212  1.00 0.00  ? 391 HOH A H2   1 
HETATM 1718 O O    . HOH B 2 .   ? -0.432  8.055   15.253  1.00 53.88 ? 392 HOH A O    1 
HETATM 1719 H H1   . HOH B 2 .   ? -0.241  7.250   14.763  1.00 0.00  ? 392 HOH A H1   1 
HETATM 1720 H H2   . HOH B 2 .   ? -0.035  7.887   16.111  1.00 0.00  ? 392 HOH A H2   1 
HETATM 1721 O O    . HOH B 2 .   ? -7.129  5.047   12.771  1.00 29.22 ? 393 HOH A O    1 
HETATM 1722 H H1   . HOH B 2 .   ? -7.972  5.137   13.225  1.00 0.00  ? 393 HOH A H1   1 
HETATM 1723 H H2   . HOH B 2 .   ? -6.906  4.123   12.906  1.00 0.00  ? 393 HOH A H2   1 
HETATM 1724 O O    . HOH B 2 .   ? -9.341  4.443   14.320  1.00 41.11 ? 394 HOH A O    1 
HETATM 1725 H H1   . HOH B 2 .   ? -9.407  3.555   14.678  1.00 0.00  ? 394 HOH A H1   1 
HETATM 1726 H H2   . HOH B 2 .   ? -9.943  4.433   13.572  1.00 0.00  ? 394 HOH A H2   1 
HETATM 1727 O O    . HOH B 2 .   ? 5.031   -12.011 -1.000  1.00 46.56 ? 395 HOH A O    1 
HETATM 1728 H H1   . HOH B 2 .   ? 4.098   -11.913 -0.797  1.00 0.00  ? 395 HOH A H1   1 
HETATM 1729 H H2   . HOH B 2 .   ? 5.045   -12.284 -1.922  1.00 0.00  ? 395 HOH A H2   1 
HETATM 1730 O O    . HOH B 2 .   ? 7.211   -11.072 -10.658 1.00 39.98 ? 396 HOH A O    1 
HETATM 1731 H H1   . HOH B 2 .   ? 7.687   -11.393 -11.428 1.00 0.00  ? 396 HOH A H1   1 
HETATM 1732 H H2   . HOH B 2 .   ? 7.757   -11.363 -9.929  1.00 0.00  ? 396 HOH A H2   1 
HETATM 1733 O O    . HOH B 2 .   ? 14.446  -7.313  -8.452  1.00 54.82 ? 397 HOH A O    1 
HETATM 1734 H H1   . HOH B 2 .   ? 15.390  -7.418  -8.571  1.00 0.00  ? 397 HOH A H1   1 
HETATM 1735 H H2   . HOH B 2 .   ? 14.052  -7.999  -8.993  1.00 0.00  ? 397 HOH A H2   1 
HETATM 1736 O O    . HOH B 2 .   ? 21.187  -3.483  -1.093  1.00 63.97 ? 398 HOH A O    1 
HETATM 1737 H H1   . HOH B 2 .   ? 20.562  -3.528  -1.820  1.00 0.00  ? 398 HOH A H1   1 
HETATM 1738 H H2   . HOH B 2 .   ? 22.020  -3.750  -1.482  1.00 0.00  ? 398 HOH A H2   1 
HETATM 1739 O O    . HOH B 2 .   ? 17.499  7.838   -1.096  1.00 53.74 ? 399 HOH A O    1 
HETATM 1740 H H1   . HOH B 2 .   ? 18.363  7.922   -1.505  1.00 0.00  ? 399 HOH A H1   1 
HETATM 1741 H H2   . HOH B 2 .   ? 17.437  6.896   -0.923  1.00 0.00  ? 399 HOH A H2   1 
HETATM 1742 O O    . HOH B 2 .   ? 3.463   3.868   17.035  1.00 56.09 ? 400 HOH A O    1 
HETATM 1743 H H1   . HOH B 2 .   ? 3.686   4.062   16.123  1.00 0.00  ? 400 HOH A H1   1 
HETATM 1744 H H2   . HOH B 2 .   ? 3.928   3.052   17.224  1.00 0.00  ? 400 HOH A H2   1 
HETATM 1745 O O    . HOH B 2 .   ? 5.541   -6.935  17.040  1.00 65.60 ? 401 HOH A O    1 
HETATM 1746 H H1   . HOH B 2 .   ? 5.072   -7.241  16.263  1.00 0.00  ? 401 HOH A H1   1 
HETATM 1747 H H2   . HOH B 2 .   ? 6.458   -6.945  16.759  1.00 0.00  ? 401 HOH A H2   1 
HETATM 1748 O O    . HOH B 2 .   ? -12.460 5.945   8.379   1.00 52.64 ? 402 HOH A O    1 
HETATM 1749 H H1   . HOH B 2 .   ? -12.323 5.092   8.797   1.00 0.00  ? 402 HOH A H1   1 
HETATM 1750 H H2   . HOH B 2 .   ? -11.580 6.336   8.447   1.00 0.00  ? 402 HOH A H2   1 
HETATM 1751 O O    . HOH B 2 .   ? -13.137 3.792   5.815   1.00 36.32 ? 403 HOH A O    1 
HETATM 1752 H H1   . HOH B 2 .   ? -12.666 3.521   6.608   1.00 0.00  ? 403 HOH A H1   1 
HETATM 1753 H H2   . HOH B 2 .   ? -13.144 4.748   5.890   1.00 0.00  ? 403 HOH A H2   1 
HETATM 1754 O O    . HOH B 2 .   ? -14.962 -9.565  -12.958 1.00 61.59 ? 404 HOH A O    1 
HETATM 1755 H H1   . HOH B 2 .   ? -14.605 -10.453 -12.911 1.00 0.00  ? 404 HOH A H1   1 
HETATM 1756 H H2   . HOH B 2 .   ? -14.220 -9.038  -13.253 1.00 0.00  ? 404 HOH A H2   1 
HETATM 1757 O O    . HOH B 2 .   ? -15.948 -15.319 2.900   1.00 54.70 ? 405 HOH A O    1 
HETATM 1758 H H1   . HOH B 2 .   ? -16.404 -14.635 3.394   1.00 0.00  ? 405 HOH A H1   1 
HETATM 1759 H H2   . HOH B 2 .   ? -15.958 -14.981 2.002   1.00 0.00  ? 405 HOH A H2   1 
HETATM 1760 O O    . HOH B 2 .   ? 0.194   14.549  -6.532  1.00 34.70 ? 406 HOH A O    1 
HETATM 1761 H H1   . HOH B 2 .   ? -0.621  14.928  -6.875  1.00 0.00  ? 406 HOH A H1   1 
HETATM 1762 H H2   . HOH B 2 .   ? 0.593   15.256  -6.024  1.00 0.00  ? 406 HOH A H2   1 
HETATM 1763 O O    . HOH B 2 .   ? 3.769   -1.770  16.572  1.00 53.60 ? 407 HOH A O    1 
HETATM 1764 H H1   . HOH B 2 .   ? 3.887   -1.123  17.268  1.00 0.00  ? 407 HOH A H1   1 
HETATM 1765 H H2   . HOH B 2 .   ? 4.224   -2.549  16.893  1.00 0.00  ? 407 HOH A H2   1 
HETATM 1766 O O    . HOH B 2 .   ? -3.429  7.549   17.753  1.00 48.20 ? 408 HOH A O    1 
HETATM 1767 H H1   . HOH B 2 .   ? -3.084  7.608   16.860  1.00 0.00  ? 408 HOH A H1   1 
HETATM 1768 H H2   . HOH B 2 .   ? -2.730  7.107   18.235  1.00 0.00  ? 408 HOH A H2   1 
HETATM 1769 O O    . HOH B 2 .   ? -6.122  -12.392 14.189  1.00 59.69 ? 409 HOH A O    1 
HETATM 1770 H H1   . HOH B 2 .   ? -5.336  -11.886 13.974  1.00 0.00  ? 409 HOH A H1   1 
HETATM 1771 H H2   . HOH B 2 .   ? -6.595  -12.443 13.357  1.00 0.00  ? 409 HOH A H2   1 
HETATM 1772 O O    . HOH B 2 .   ? -7.086  -15.265 11.027  1.00 59.02 ? 410 HOH A O    1 
HETATM 1773 H H1   . HOH B 2 .   ? -6.384  -14.612 10.986  1.00 0.00  ? 410 HOH A H1   1 
HETATM 1774 H H2   . HOH B 2 .   ? -6.896  -15.761 11.823  1.00 0.00  ? 410 HOH A H2   1 
HETATM 1775 O O    . HOH B 2 .   ? -2.840  -16.090 5.884   1.00 47.24 ? 411 HOH A O    1 
HETATM 1776 H H1   . HOH B 2 .   ? -2.644  -15.148 5.879   1.00 0.00  ? 411 HOH A H1   1 
HETATM 1777 H H2   . HOH B 2 .   ? -2.014  -16.515 6.117   1.00 0.00  ? 411 HOH A H2   1 
HETATM 1778 O O    . HOH B 2 .   ? 3.193   -12.764 -4.597  1.00 45.86 ? 412 HOH A O    1 
HETATM 1779 H H1   . HOH B 2 .   ? 2.712   -13.308 -3.964  1.00 0.00  ? 412 HOH A H1   1 
HETATM 1780 H H2   . HOH B 2 .   ? 3.577   -12.076 -4.045  1.00 0.00  ? 412 HOH A H2   1 
HETATM 1781 O O    . HOH B 2 .   ? -1.474  -16.294 9.465   1.00 50.94 ? 413 HOH A O    1 
HETATM 1782 H H1   . HOH B 2 .   ? -1.487  -17.148 9.907   1.00 0.00  ? 413 HOH A H1   1 
HETATM 1783 H H2   . HOH B 2 .   ? -2.013  -16.438 8.689   1.00 0.00  ? 413 HOH A H2   1 
HETATM 1784 O O    . HOH B 2 .   ? 10.723  -5.337  -15.930 1.00 43.10 ? 414 HOH A O    1 
HETATM 1785 H H1   . HOH B 2 .   ? 11.253  -4.957  -16.634 1.00 0.00  ? 414 HOH A H1   1 
HETATM 1786 H H2   . HOH B 2 .   ? 9.965   -5.700  -16.390 1.00 0.00  ? 414 HOH A H2   1 
HETATM 1787 O O    . HOH B 2 .   ? 6.267   -18.812 2.572   1.00 52.18 ? 415 HOH A O    1 
HETATM 1788 H H1   . HOH B 2 .   ? 5.942   -17.913 2.511   1.00 0.00  ? 415 HOH A H1   1 
HETATM 1789 H H2   . HOH B 2 .   ? 5.664   -19.236 3.183   1.00 0.00  ? 415 HOH A H2   1 
HETATM 1790 O O    . HOH B 2 .   ? 18.450  -10.642 -6.837  1.00 57.58 ? 416 HOH A O    1 
HETATM 1791 H H1   . HOH B 2 .   ? 18.909  -10.947 -7.623  1.00 0.00  ? 416 HOH A H1   1 
HETATM 1792 H H2   . HOH B 2 .   ? 18.468  -9.687  -6.928  1.00 0.00  ? 416 HOH A H2   1 
HETATM 1793 O O    . HOH B 2 .   ? 8.455   -7.878  15.598  1.00 56.07 ? 417 HOH A O    1 
HETATM 1794 H H1   . HOH B 2 .   ? 8.958   -7.849  16.411  1.00 0.00  ? 417 HOH A H1   1 
HETATM 1795 H H2   . HOH B 2 .   ? 9.002   -8.398  15.007  1.00 0.00  ? 417 HOH A H2   1 
HETATM 1796 O O    . HOH B 2 .   ? 8.571   -7.412  7.311   1.00 58.11 ? 418 HOH A O    1 
HETATM 1797 H H1   . HOH B 2 .   ? 9.010   -7.986  7.942   1.00 0.00  ? 418 HOH A H1   1 
HETATM 1798 H H2   . HOH B 2 .   ? 9.217   -7.281  6.613   1.00 0.00  ? 418 HOH A H2   1 
HETATM 1799 O O    . HOH B 2 .   ? -9.951  -11.869 -5.080  1.00 40.21 ? 419 HOH A O    1 
HETATM 1800 H H1   . HOH B 2 .   ? -9.556  -11.025 -5.296  1.00 0.00  ? 419 HOH A H1   1 
HETATM 1801 H H2   . HOH B 2 .   ? -10.860 -11.652 -4.857  1.00 0.00  ? 419 HOH A H2   1 
HETATM 1802 O O    . HOH B 2 .   ? 3.598   15.429  -10.623 1.00 46.19 ? 420 HOH A O    1 
HETATM 1803 H H1   . HOH B 2 .   ? 3.874   14.555  -10.917 1.00 0.00  ? 420 HOH A H1   1 
HETATM 1804 H H2   . HOH B 2 .   ? 2.913   15.654  -11.255 1.00 0.00  ? 420 HOH A H2   1 
HETATM 1805 O O    . HOH B 2 .   ? 13.291  20.077  -2.484  1.00 41.23 ? 421 HOH A O    1 
HETATM 1806 H H1   . HOH B 2 .   ? 12.902  19.264  -2.159  1.00 0.00  ? 421 HOH A H1   1 
HETATM 1807 H H2   . HOH B 2 .   ? 13.064  20.729  -1.818  1.00 0.00  ? 421 HOH A H2   1 
HETATM 1808 O O    . HOH B 2 .   ? 7.293   -0.210  11.155  1.00 56.46 ? 422 HOH A O    1 
HETATM 1809 H H1   . HOH B 2 .   ? 7.776   0.229   11.855  1.00 0.00  ? 422 HOH A H1   1 
HETATM 1810 H H2   . HOH B 2 .   ? 7.969   -0.486  10.537  1.00 0.00  ? 422 HOH A H2   1 
HETATM 1811 O O    . HOH B 2 .   ? -4.464  21.482  -15.003 1.00 49.34 ? 423 HOH A O    1 
HETATM 1812 H H1   . HOH B 2 .   ? -4.683  21.931  -15.822 1.00 0.00  ? 423 HOH A H1   1 
HETATM 1813 H H2   . HOH B 2 .   ? -3.809  22.054  -14.597 1.00 0.00  ? 423 HOH A H2   1 
HETATM 1814 O O    . HOH B 2 .   ? -9.798  2.384   -8.636  1.00 56.19 ? 424 HOH A O    1 
HETATM 1815 H H1   . HOH B 2 .   ? -10.639 2.834   -8.753  1.00 0.00  ? 424 HOH A H1   1 
HETATM 1816 H H2   . HOH B 2 .   ? -9.179  3.095   -8.457  1.00 0.00  ? 424 HOH A H2   1 
HETATM 1817 O O    . HOH B 2 .   ? -8.142  -20.075 0.987   1.00 44.61 ? 425 HOH A O    1 
HETATM 1818 H H1   . HOH B 2 .   ? -7.533  -20.785 0.774   1.00 0.00  ? 425 HOH A H1   1 
HETATM 1819 H H2   . HOH B 2 .   ? -7.585  -19.374 1.323   1.00 0.00  ? 425 HOH A H2   1 
HETATM 1820 O O    . HOH B 2 .   ? -10.164 -10.593 13.566  1.00 45.33 ? 426 HOH A O    1 
HETATM 1821 H H1   . HOH B 2 .   ? -10.040 -10.150 14.406  1.00 0.00  ? 426 HOH A H1   1 
HETATM 1822 H H2   . HOH B 2 .   ? -10.330 -11.508 13.805  1.00 0.00  ? 426 HOH A H2   1 
HETATM 1823 O O    . HOH B 2 .   ? 12.910  -0.952  -10.520 1.00 40.53 ? 427 HOH A O    1 
HETATM 1824 H H1   . HOH B 2 .   ? 12.602  -1.433  -11.291 1.00 0.00  ? 427 HOH A H1   1 
HETATM 1825 H H2   . HOH B 2 .   ? 12.703  -1.536  -9.787  1.00 0.00  ? 427 HOH A H2   1 
HETATM 1826 O O    . HOH B 2 .   ? 0.145   16.796  -9.907  1.00 53.95 ? 428 HOH A O    1 
HETATM 1827 H H1   . HOH B 2 .   ? 0.806   16.248  -10.334 1.00 0.00  ? 428 HOH A H1   1 
HETATM 1828 H H2   . HOH B 2 .   ? -0.439  16.158  -9.498  1.00 0.00  ? 428 HOH A H2   1 
HETATM 1829 O O    . HOH B 2 .   ? -6.801  10.391  -0.754  1.00 44.48 ? 429 HOH A O    1 
HETATM 1830 H H1   . HOH B 2 .   ? -7.080  11.220  -1.134  1.00 0.00  ? 429 HOH A H1   1 
HETATM 1831 H H2   . HOH B 2 .   ? -7.155  9.725   -1.346  1.00 0.00  ? 429 HOH A H2   1 
HETATM 1832 O O    . HOH B 2 .   ? 0.335   17.203  -1.236  1.00 46.55 ? 430 HOH A O    1 
HETATM 1833 H H1   . HOH B 2 .   ? 0.373   17.447  -0.311  1.00 0.00  ? 430 HOH A H1   1 
HETATM 1834 H H2   . HOH B 2 .   ? 1.239   17.311  -1.538  1.00 0.00  ? 430 HOH A H2   1 
HETATM 1835 O O    . HOH B 2 .   ? -7.756  -15.618 -4.459  1.00 54.65 ? 431 HOH A O    1 
HETATM 1836 H H1   . HOH B 2 .   ? -8.589  -15.772 -4.910  1.00 0.00  ? 431 HOH A H1   1 
HETATM 1837 H H2   . HOH B 2 .   ? -7.211  -15.224 -5.143  1.00 0.00  ? 431 HOH A H2   1 
HETATM 1838 O O    . HOH B 2 .   ? 8.408   10.134  6.156   1.00 49.14 ? 432 HOH A O    1 
HETATM 1839 H H1   . HOH B 2 .   ? 8.279   10.734  5.413   1.00 0.00  ? 432 HOH A H1   1 
HETATM 1840 H H2   . HOH B 2 .   ? 9.022   9.482   5.821   1.00 0.00  ? 432 HOH A H2   1 
HETATM 1841 O O    . HOH B 2 .   ? 0.729   -14.985 5.356   1.00 51.88 ? 433 HOH A O    1 
HETATM 1842 H H1   . HOH B 2 .   ? -0.200  -15.048 5.135   1.00 0.00  ? 433 HOH A H1   1 
HETATM 1843 H H2   . HOH B 2 .   ? 0.764   -14.302 6.042   1.00 0.00  ? 433 HOH A H2   1 
HETATM 1844 O O    . HOH B 2 .   ? 0.598   -12.674 -6.796  1.00 54.08 ? 434 HOH A O    1 
HETATM 1845 H H1   . HOH B 2 .   ? 1.073   -13.343 -7.287  1.00 0.00  ? 434 HOH A H1   1 
HETATM 1846 H H2   . HOH B 2 .   ? 0.339   -13.106 -5.982  1.00 0.00  ? 434 HOH A H2   1 
HETATM 1847 O O    . HOH B 2 .   ? 8.822   -0.416  7.476   1.00 51.69 ? 435 HOH A O    1 
HETATM 1848 H H1   . HOH B 2 .   ? 8.627   -0.895  8.285   1.00 0.00  ? 435 HOH A H1   1 
HETATM 1849 H H2   . HOH B 2 .   ? 7.976   -0.322  7.033   1.00 0.00  ? 435 HOH A H2   1 
HETATM 1850 O O    . HOH B 2 .   ? -4.880  10.328  11.428  1.00 48.66 ? 436 HOH A O    1 
HETATM 1851 H H1   . HOH B 2 .   ? -4.072  10.471  10.916  1.00 0.00  ? 436 HOH A H1   1 
HETATM 1852 H H2   . HOH B 2 .   ? -4.552  10.300  12.328  1.00 0.00  ? 436 HOH A H2   1 
HETATM 1853 O O    . HOH B 2 .   ? -11.817 -1.016  -6.663  1.00 44.68 ? 437 HOH A O    1 
HETATM 1854 H H1   . HOH B 2 .   ? -11.805 -0.734  -5.749  1.00 0.00  ? 437 HOH A H1   1 
HETATM 1855 H H2   . HOH B 2 .   ? -11.718 -0.212  -7.177  1.00 0.00  ? 437 HOH A H2   1 
HETATM 1856 O O    . HOH B 2 .   ? -20.259 -20.763 0.800   1.00 51.53 ? 438 HOH A O    1 
HETATM 1857 H H1   . HOH B 2 .   ? -21.050 -21.112 1.214   1.00 0.00  ? 438 HOH A H1   1 
HETATM 1858 H H2   . HOH B 2 .   ? -20.558 -20.499 -0.070  1.00 0.00  ? 438 HOH A H2   1 
HETATM 1859 O O    . HOH B 2 .   ? 2.878   17.695  -7.469  1.00 47.01 ? 439 HOH A O    1 
HETATM 1860 H H1   . HOH B 2 .   ? 3.614   17.136  -7.722  1.00 0.00  ? 439 HOH A H1   1 
HETATM 1861 H H2   . HOH B 2 .   ? 2.515   17.263  -6.697  1.00 0.00  ? 439 HOH A H2   1 
HETATM 1862 O O    . HOH B 2 .   ? 11.109  -8.049  -10.249 1.00 54.49 ? 440 HOH A O    1 
HETATM 1863 H H1   . HOH B 2 .   ? 11.167  -7.102  -10.135 1.00 0.00  ? 440 HOH A H1   1 
HETATM 1864 H H2   . HOH B 2 .   ? 10.187  -8.207  -10.480 1.00 0.00  ? 440 HOH A H2   1 
HETATM 1865 O O    . HOH B 2 .   ? 11.617  -5.293  6.844   1.00 51.05 ? 441 HOH A O    1 
HETATM 1866 H H1   . HOH B 2 .   ? 12.565  -5.237  6.946   1.00 0.00  ? 441 HOH A H1   1 
HETATM 1867 H H2   . HOH B 2 .   ? 11.278  -5.410  7.733   1.00 0.00  ? 441 HOH A H2   1 
HETATM 1868 O O    . HOH B 2 .   ? -9.842  8.474   5.202   1.00 44.93 ? 442 HOH A O    1 
HETATM 1869 H H1   . HOH B 2 .   ? -9.428  9.340   5.292   1.00 0.00  ? 442 HOH A H1   1 
HETATM 1870 H H2   . HOH B 2 .   ? -10.752 8.622   5.456   1.00 0.00  ? 442 HOH A H2   1 
# 
